data_8QRZ
#
_entry.id   8QRZ
#
_cell.length_a   78.220
_cell.length_b   80.410
_cell.length_c   82.960
_cell.angle_alpha   90.17
_cell.angle_beta   94.39
_cell.angle_gamma   106.58
#
_symmetry.space_group_name_H-M   'P 1'
#
loop_
_entity.id
_entity.type
_entity.pdbx_description
1 polymer 'Sugar phosphate isomerase'
2 non-polymer 'RUBIDIUM ION'
3 water water
#
_entity_poly.entity_id   1
_entity_poly.type   'polypeptide(L)'
_entity_poly.pdbx_seq_one_letter_code
;MLLERDLIQSVGFRNVREGGEITGFQFRVRMPSYRGMAASLIDGIGVRIPGLVDVGPDVPLWTLQGQQYTLAELWDGDGV
RWPLEDAAIIFVPLPGGLPDGVHELSIELRLRMSYIPQEHQPSTYRVTKHVTLAPEASGAPFRYGVSLYSYMSDYGTVMD
LETAMASIADLGATGIEILGEAHVPNYPNPSDEWVEQWFALLSTYGLEPTNMGSWIDTRLHSSGPNGRDMTVEEGAAALQ
RDLRLAKRLGFRFVRPKIGVVSSDLIPHPIWTEVVEASLPLAEELDVIICPEIHSPTPIKHEVVDDYIALIRRTGTKHFG
LLLDTGIFQDRPIPLKPGELPGQRPAFLDGIHVDPNDVFDVIENVVFIQAKFHDIDEELDDKQIPWEPVLKALKDAGYTG
YLSSEYEGEREPWRSIEQVRRQHSLIRQIADRLAE
;
_entity_poly.pdbx_strand_id   A,B,C,D
#
loop_
_chem_comp.id
_chem_comp.type
_chem_comp.name
_chem_comp.formula
RB non-polymer 'RUBIDIUM ION' 'Rb 1'
#
# COMPACT_ATOMS: atom_id res chain seq x y z
N MET A 1 -3.85 -10.32 11.69
CA MET A 1 -3.13 -11.59 11.52
C MET A 1 -2.12 -11.75 12.65
N LEU A 2 -2.03 -12.93 13.23
CA LEU A 2 -1.13 -13.13 14.40
C LEU A 2 0.34 -13.23 13.98
N LEU A 3 1.23 -12.80 14.85
CA LEU A 3 2.67 -12.84 14.61
C LEU A 3 3.28 -14.03 15.35
N GLU A 4 4.36 -14.56 14.78
CA GLU A 4 5.11 -15.65 15.40
C GLU A 4 5.88 -15.14 16.63
N ARG A 5 6.10 -16.06 17.57
CA ARG A 5 6.78 -15.71 18.82
C ARG A 5 8.21 -15.24 18.58
N ASP A 6 8.91 -15.93 17.70
CA ASP A 6 10.29 -15.52 17.35
C ASP A 6 10.22 -14.15 16.68
N LEU A 7 11.13 -13.25 17.07
CA LEU A 7 11.15 -11.89 16.48
C LEU A 7 11.33 -12.05 14.97
N ILE A 8 12.25 -12.90 14.54
CA ILE A 8 12.40 -13.18 13.09
C ILE A 8 11.24 -14.06 12.66
N GLN A 9 10.37 -13.53 11.80
CA GLN A 9 9.27 -14.34 11.26
C GLN A 9 9.79 -15.30 10.22
N SER A 10 9.21 -16.51 10.18
CA SER A 10 9.43 -17.37 9.02
C SER A 10 8.68 -16.84 7.80
N VAL A 11 7.43 -16.40 7.99
CA VAL A 11 6.64 -15.97 6.85
C VAL A 11 7.17 -14.64 6.30
N GLY A 12 7.35 -14.57 4.97
CA GLY A 12 7.85 -13.38 4.33
C GLY A 12 9.33 -13.38 4.00
N PHE A 13 10.08 -14.39 4.44
CA PHE A 13 11.51 -14.53 4.17
C PHE A 13 11.67 -15.03 2.74
N ARG A 14 11.98 -14.11 1.83
CA ARG A 14 11.88 -14.41 0.40
C ARG A 14 12.80 -13.45 -0.34
N ASN A 15 13.21 -13.87 -1.54
CA ASN A 15 13.93 -12.97 -2.41
C ASN A 15 12.98 -11.97 -3.01
N VAL A 16 13.49 -10.79 -3.36
CA VAL A 16 12.67 -9.72 -3.87
C VAL A 16 13.11 -9.41 -5.30
N ARG A 17 12.14 -9.28 -6.20
N ARG A 17 12.14 -9.28 -6.20
CA ARG A 17 12.41 -9.10 -7.61
CA ARG A 17 12.40 -9.08 -7.61
C ARG A 17 11.80 -7.78 -8.09
C ARG A 17 11.82 -7.75 -8.07
N GLU A 18 12.43 -7.20 -9.11
CA GLU A 18 11.92 -6.01 -9.79
C GLU A 18 12.20 -6.23 -11.25
N GLY A 19 11.16 -6.15 -12.06
CA GLY A 19 11.28 -6.44 -13.48
C GLY A 19 12.00 -7.73 -13.81
N GLY A 20 11.82 -8.77 -12.98
CA GLY A 20 12.38 -10.07 -13.24
C GLY A 20 13.70 -10.35 -12.56
N GLU A 21 14.53 -9.33 -12.37
CA GLU A 21 15.83 -9.48 -11.73
C GLU A 21 15.70 -9.45 -10.21
N ILE A 22 16.49 -10.27 -9.52
CA ILE A 22 16.46 -10.31 -8.07
C ILE A 22 17.39 -9.24 -7.53
N THR A 23 16.84 -8.33 -6.73
CA THR A 23 17.53 -7.18 -6.14
C THR A 23 17.99 -7.41 -4.71
N GLY A 24 17.39 -8.38 -4.02
CA GLY A 24 17.83 -8.71 -2.68
C GLY A 24 16.84 -9.67 -2.05
N PHE A 25 16.83 -9.68 -0.72
CA PHE A 25 15.88 -10.50 0.01
C PHE A 25 15.26 -9.67 1.12
N GLN A 26 14.11 -10.14 1.60
CA GLN A 26 13.47 -9.54 2.76
C GLN A 26 13.19 -10.61 3.81
N PHE A 27 12.94 -10.15 5.03
CA PHE A 27 12.34 -10.98 6.07
C PHE A 27 11.49 -10.05 6.91
N ARG A 28 10.71 -10.61 7.83
CA ARG A 28 9.80 -9.83 8.65
C ARG A 28 10.19 -9.94 10.12
N VAL A 29 9.91 -8.90 10.90
CA VAL A 29 10.40 -8.82 12.29
C VAL A 29 9.28 -8.31 13.15
N ARG A 30 8.88 -9.09 14.16
CA ARG A 30 7.86 -8.59 15.07
C ARG A 30 8.52 -7.64 16.06
N MET A 31 7.87 -6.51 16.31
CA MET A 31 8.38 -5.54 17.25
C MET A 31 8.62 -6.20 18.61
N PRO A 32 9.81 -6.05 19.21
CA PRO A 32 10.05 -6.71 20.52
C PRO A 32 9.52 -5.92 21.71
N SER A 33 9.44 -4.60 21.58
CA SER A 33 9.00 -3.73 22.67
C SER A 33 7.52 -3.95 22.99
N TYR A 34 7.09 -3.45 24.14
CA TYR A 34 5.69 -3.62 24.48
C TYR A 34 4.76 -2.68 23.72
N ARG A 35 5.28 -1.78 22.88
CA ARG A 35 4.43 -0.90 22.11
C ARG A 35 4.98 -0.76 20.70
N GLY A 36 4.09 -0.48 19.76
CA GLY A 36 4.52 0.16 18.54
C GLY A 36 5.06 1.54 18.84
N MET A 37 5.82 2.12 17.91
CA MET A 37 6.40 3.42 18.21
C MET A 37 6.68 4.18 16.94
N ALA A 38 7.09 5.44 17.12
CA ALA A 38 7.41 6.28 15.98
C ALA A 38 8.61 5.70 15.24
N ALA A 39 8.50 5.63 13.91
CA ALA A 39 9.55 5.01 13.10
C ALA A 39 10.92 5.67 13.28
N SER A 40 10.95 6.95 13.61
CA SER A 40 12.24 7.62 13.77
C SER A 40 13.00 7.16 15.00
N LEU A 41 12.36 6.44 15.91
CA LEU A 41 13.03 5.91 17.10
C LEU A 41 13.77 4.63 16.82
N ILE A 42 13.72 4.15 15.60
CA ILE A 42 14.49 2.99 15.17
C ILE A 42 15.95 3.41 14.98
N ASP A 43 16.88 2.58 15.44
CA ASP A 43 18.28 2.86 15.21
C ASP A 43 18.93 1.80 14.32
N GLY A 44 18.15 1.06 13.56
CA GLY A 44 18.70 0.17 12.55
C GLY A 44 18.58 -1.29 12.95
N ILE A 45 19.06 -2.14 12.05
CA ILE A 45 19.09 -3.57 12.29
C ILE A 45 20.23 -4.16 11.49
N GLY A 46 21.27 -4.64 12.17
CA GLY A 46 22.31 -5.39 11.47
C GLY A 46 21.81 -6.78 11.10
N VAL A 47 22.29 -7.28 9.96
CA VAL A 47 21.82 -8.55 9.43
C VAL A 47 23.01 -9.42 9.08
N ARG A 48 22.93 -10.71 9.42
CA ARG A 48 23.99 -11.65 9.07
C ARG A 48 23.42 -13.03 8.73
N ILE A 49 23.84 -13.57 7.59
CA ILE A 49 23.80 -14.99 7.28
C ILE A 49 25.24 -15.40 6.99
N PRO A 50 25.83 -16.29 7.79
CA PRO A 50 27.27 -16.52 7.67
C PRO A 50 27.64 -17.04 6.29
N GLY A 51 28.56 -16.32 5.66
CA GLY A 51 29.04 -16.67 4.35
C GLY A 51 28.25 -16.10 3.19
N LEU A 52 27.14 -15.45 3.46
CA LEU A 52 26.34 -14.91 2.36
C LEU A 52 25.99 -13.44 2.56
N VAL A 53 25.75 -13.03 3.80
CA VAL A 53 25.27 -11.68 4.09
C VAL A 53 25.90 -11.21 5.38
N ASP A 54 26.37 -9.97 5.37
CA ASP A 54 26.96 -9.35 6.55
C ASP A 54 26.91 -7.85 6.30
N VAL A 55 25.93 -7.17 6.92
CA VAL A 55 25.72 -5.73 6.73
C VAL A 55 25.49 -5.07 8.08
N GLY A 56 25.93 -3.82 8.19
CA GLY A 56 25.76 -3.04 9.39
C GLY A 56 24.35 -2.53 9.54
N PRO A 57 24.07 -1.93 10.71
CA PRO A 57 22.67 -1.59 11.05
C PRO A 57 22.01 -0.54 10.19
N ASP A 58 22.76 0.27 9.43
CA ASP A 58 22.14 1.34 8.65
C ASP A 58 21.88 0.96 7.20
N VAL A 59 22.20 -0.27 6.81
CA VAL A 59 22.11 -0.66 5.40
C VAL A 59 20.73 -1.17 5.01
N PRO A 60 20.07 -2.06 5.76
CA PRO A 60 18.77 -2.56 5.29
C PRO A 60 17.74 -1.45 5.20
N LEU A 61 16.83 -1.59 4.24
CA LEU A 61 15.67 -0.71 4.11
C LEU A 61 14.46 -1.27 4.86
N TRP A 62 13.58 -0.35 5.26
CA TRP A 62 12.43 -0.64 6.13
C TRP A 62 11.14 -0.30 5.40
N THR A 63 10.28 -1.30 5.19
CA THR A 63 8.93 -1.02 4.73
C THR A 63 7.98 -0.98 5.93
N LEU A 64 7.41 0.20 6.19
CA LEU A 64 6.51 0.43 7.30
C LEU A 64 5.33 1.20 6.76
N GLN A 65 4.12 0.79 7.17
CA GLN A 65 2.88 1.44 6.77
C GLN A 65 2.90 1.74 5.26
N GLY A 66 3.27 0.73 4.47
CA GLY A 66 3.08 0.77 3.04
C GLY A 66 4.12 1.52 2.23
N GLN A 67 5.20 2.00 2.86
CA GLN A 67 6.27 2.73 2.15
C GLN A 67 7.61 2.21 2.63
N GLN A 68 8.61 2.30 1.76
CA GLN A 68 9.95 1.83 2.10
C GLN A 68 10.90 3.00 2.36
N TYR A 69 11.70 2.88 3.42
CA TYR A 69 12.61 3.95 3.79
C TYR A 69 13.99 3.40 4.07
N THR A 70 15.00 4.25 3.83
CA THR A 70 16.32 4.02 4.41
C THR A 70 16.30 4.36 5.90
N LEU A 71 17.34 3.97 6.62
CA LEU A 71 17.42 4.40 8.00
C LEU A 71 17.59 5.91 8.10
N ALA A 72 18.36 6.51 7.19
CA ALA A 72 18.53 7.95 7.26
C ALA A 72 17.18 8.64 7.13
N GLU A 73 16.30 8.08 6.30
CA GLU A 73 14.97 8.66 6.14
C GLU A 73 14.14 8.46 7.40
N LEU A 74 14.09 7.25 7.93
CA LEU A 74 13.41 7.03 9.20
C LEU A 74 13.83 8.05 10.25
N TRP A 75 15.12 8.37 10.33
CA TRP A 75 15.58 9.29 11.37
C TRP A 75 14.94 10.67 11.24
N ASP A 76 14.74 11.13 10.01
CA ASP A 76 14.19 12.47 9.77
C ASP A 76 12.69 12.49 9.56
N GLY A 77 12.03 11.32 9.51
CA GLY A 77 10.60 11.29 9.25
C GLY A 77 9.76 11.67 10.46
N ASP A 78 8.55 12.15 10.18
CA ASP A 78 7.53 12.45 11.18
C ASP A 78 6.26 11.72 10.80
N GLY A 79 5.57 11.17 11.80
CA GLY A 79 4.27 10.57 11.56
C GLY A 79 4.29 9.10 11.18
N VAL A 80 5.43 8.59 10.73
CA VAL A 80 5.59 7.19 10.36
C VAL A 80 5.79 6.35 11.61
N ARG A 81 5.15 5.18 11.66
CA ARG A 81 5.21 4.32 12.83
C ARG A 81 5.61 2.90 12.46
N TRP A 82 6.21 2.23 13.42
CA TRP A 82 6.27 0.77 13.42
C TRP A 82 5.16 0.27 14.34
N PRO A 83 3.94 0.11 13.83
CA PRO A 83 2.81 -0.30 14.68
C PRO A 83 2.99 -1.71 15.22
N LEU A 84 2.58 -1.89 16.48
CA LEU A 84 2.77 -3.15 17.18
C LEU A 84 2.14 -4.29 16.39
N GLU A 85 1.00 -4.04 15.76
CA GLU A 85 0.29 -5.09 15.05
C GLU A 85 0.93 -5.48 13.71
N ASP A 86 1.95 -4.78 13.23
CA ASP A 86 2.63 -5.15 11.99
C ASP A 86 4.06 -5.60 12.25
N ALA A 87 4.47 -6.68 11.61
CA ALA A 87 5.90 -6.96 11.51
C ALA A 87 6.58 -5.93 10.61
N ALA A 88 7.78 -5.52 11.01
CA ALA A 88 8.57 -4.69 10.11
C ALA A 88 9.11 -5.53 8.97
N ILE A 89 9.03 -5.00 7.76
CA ILE A 89 9.51 -5.68 6.57
C ILE A 89 10.91 -5.15 6.26
N ILE A 90 11.93 -5.98 6.49
CA ILE A 90 13.33 -5.61 6.31
C ILE A 90 13.79 -6.13 4.96
N PHE A 91 14.28 -5.24 4.11
CA PHE A 91 14.83 -5.61 2.82
C PHE A 91 16.34 -5.43 2.85
N VAL A 92 17.07 -6.44 2.40
CA VAL A 92 18.52 -6.41 2.37
C VAL A 92 18.96 -6.41 0.90
N PRO A 93 19.67 -5.38 0.43
CA PRO A 93 20.14 -5.35 -0.96
C PRO A 93 21.13 -6.47 -1.22
N LEU A 94 20.84 -7.30 -2.22
CA LEU A 94 21.72 -8.42 -2.54
C LEU A 94 21.40 -8.92 -3.93
N PRO A 95 22.07 -8.39 -4.94
CA PRO A 95 21.72 -8.76 -6.32
C PRO A 95 21.85 -10.26 -6.51
N GLY A 96 20.86 -10.84 -7.20
CA GLY A 96 20.78 -12.28 -7.29
C GLY A 96 20.09 -12.91 -6.10
N GLY A 97 20.19 -12.28 -4.93
CA GLY A 97 19.43 -12.75 -3.78
C GLY A 97 20.13 -13.86 -3.01
N LEU A 98 19.32 -14.79 -2.47
CA LEU A 98 19.75 -15.89 -1.64
C LEU A 98 19.36 -17.22 -2.27
N PRO A 99 20.19 -18.26 -2.14
CA PRO A 99 19.81 -19.56 -2.71
C PRO A 99 18.69 -20.20 -1.91
N ASP A 100 17.93 -21.05 -2.58
CA ASP A 100 16.94 -21.88 -1.91
C ASP A 100 17.50 -22.53 -0.65
N GLY A 101 16.70 -22.61 0.40
CA GLY A 101 17.04 -23.46 1.52
C GLY A 101 16.71 -22.83 2.84
N VAL A 102 17.29 -23.44 3.90
CA VAL A 102 17.24 -22.96 5.27
C VAL A 102 18.50 -22.16 5.51
N HIS A 103 18.35 -21.00 6.18
CA HIS A 103 19.44 -20.06 6.40
C HIS A 103 19.44 -19.62 7.86
N GLU A 104 20.61 -19.68 8.49
CA GLU A 104 20.74 -19.20 9.85
C GLU A 104 20.85 -17.68 9.82
N LEU A 105 19.79 -16.99 10.24
CA LEU A 105 19.68 -15.54 10.12
C LEU A 105 19.85 -14.89 11.49
N SER A 106 20.77 -13.92 11.55
CA SER A 106 21.14 -13.22 12.78
C SER A 106 20.91 -11.73 12.58
N ILE A 107 20.16 -11.13 13.50
CA ILE A 107 19.81 -9.72 13.42
C ILE A 107 20.26 -9.03 14.69
N GLU A 108 20.60 -7.75 14.57
CA GLU A 108 20.88 -6.89 15.73
C GLU A 108 20.01 -5.66 15.59
N LEU A 109 18.92 -5.62 16.34
CA LEU A 109 17.91 -4.58 16.23
C LEU A 109 18.11 -3.53 17.31
N ARG A 110 18.02 -2.26 16.93
CA ARG A 110 18.29 -1.19 17.89
C ARG A 110 17.11 -0.23 17.92
N LEU A 111 16.65 0.10 19.13
CA LEU A 111 15.48 0.95 19.38
C LEU A 111 15.82 1.95 20.47
N ARG A 112 15.45 3.21 20.24
CA ARG A 112 15.67 4.27 21.23
C ARG A 112 14.44 4.43 22.13
N MET A 113 14.62 4.23 23.43
CA MET A 113 13.58 4.52 24.42
C MET A 113 13.98 5.75 25.23
N SER A 114 13.21 6.84 25.12
CA SER A 114 13.58 8.08 25.79
C SER A 114 13.46 7.98 27.31
N TYR A 115 12.66 7.05 27.82
CA TYR A 115 12.48 6.95 29.27
C TYR A 115 13.56 6.12 29.93
N ILE A 116 14.48 5.56 29.14
CA ILE A 116 15.62 4.82 29.64
C ILE A 116 16.86 5.71 29.58
N PRO A 117 17.72 5.71 30.60
CA PRO A 117 18.91 6.56 30.56
C PRO A 117 19.84 6.24 29.40
N GLN A 118 20.59 7.26 28.96
CA GLN A 118 21.47 7.13 27.79
C GLN A 118 22.61 6.14 28.00
N GLU A 119 22.97 5.84 29.26
CA GLU A 119 24.06 4.91 29.57
C GLU A 119 23.65 3.47 29.34
N HIS A 120 22.41 3.24 28.94
CA HIS A 120 21.86 1.92 28.69
C HIS A 120 21.13 1.86 27.35
N GLN A 121 21.41 2.82 26.46
CA GLN A 121 20.70 3.01 25.21
C GLN A 121 21.70 2.98 24.04
N PRO A 122 21.27 2.56 22.85
CA PRO A 122 19.90 2.15 22.52
C PRO A 122 19.58 0.77 23.05
N SER A 123 18.30 0.43 23.09
CA SER A 123 17.93 -0.95 23.41
C SER A 123 18.33 -1.84 22.24
N THR A 124 19.01 -2.94 22.53
CA THR A 124 19.55 -3.82 21.50
C THR A 124 18.97 -5.21 21.69
N TYR A 125 18.49 -5.79 20.58
CA TYR A 125 17.84 -7.09 20.57
C TYR A 125 18.61 -7.96 19.61
N ARG A 126 19.27 -8.97 20.13
CA ARG A 126 20.08 -9.89 19.34
C ARG A 126 19.36 -11.24 19.33
N VAL A 127 19.07 -11.75 18.13
CA VAL A 127 18.49 -13.08 17.97
C VAL A 127 18.96 -13.68 16.65
N THR A 128 18.88 -15.00 16.59
CA THR A 128 19.27 -15.82 15.46
C THR A 128 18.15 -16.84 15.26
N LYS A 129 17.90 -17.21 14.02
CA LYS A 129 16.89 -18.22 13.72
C LYS A 129 17.18 -18.84 12.37
N HIS A 130 17.09 -20.17 12.30
CA HIS A 130 17.07 -20.85 11.02
C HIS A 130 15.70 -20.62 10.39
N VAL A 131 15.67 -20.03 9.19
CA VAL A 131 14.44 -19.66 8.50
C VAL A 131 14.51 -20.18 7.07
N THR A 132 13.36 -20.58 6.53
CA THR A 132 13.30 -21.18 5.20
C THR A 132 12.80 -20.16 4.19
N LEU A 133 13.66 -19.83 3.23
CA LEU A 133 13.33 -18.91 2.14
C LEU A 133 12.20 -19.48 1.29
N ALA A 134 11.29 -18.62 0.87
CA ALA A 134 10.25 -19.03 -0.04
C ALA A 134 10.88 -19.70 -1.25
N PRO A 135 10.38 -20.85 -1.70
CA PRO A 135 11.09 -21.64 -2.72
C PRO A 135 11.21 -20.91 -4.06
N GLU A 136 12.42 -20.95 -4.62
CA GLU A 136 12.67 -20.48 -5.97
C GLU A 136 12.51 -21.61 -6.99
N ALA A 137 12.73 -22.86 -6.59
CA ALA A 137 12.52 -24.00 -7.47
C ALA A 137 11.11 -24.00 -8.02
N SER A 138 10.99 -24.38 -9.29
CA SER A 138 9.66 -24.48 -9.90
C SER A 138 8.83 -25.58 -9.24
N GLY A 139 9.35 -26.80 -9.25
CA GLY A 139 8.60 -27.96 -8.78
C GLY A 139 7.72 -28.64 -9.79
N ALA A 140 7.76 -28.22 -11.07
CA ALA A 140 6.98 -28.92 -12.09
C ALA A 140 7.34 -30.41 -12.08
N PRO A 141 6.41 -31.30 -12.42
CA PRO A 141 5.04 -31.06 -12.86
C PRO A 141 4.00 -31.16 -11.76
N PHE A 142 4.42 -31.22 -10.50
CA PHE A 142 3.46 -31.32 -9.40
C PHE A 142 2.85 -29.95 -9.09
N ARG A 143 1.67 -29.99 -8.46
CA ARG A 143 1.00 -28.80 -7.94
C ARG A 143 1.12 -28.74 -6.42
N TYR A 144 1.33 -27.54 -5.88
CA TYR A 144 1.79 -27.42 -4.50
C TYR A 144 0.71 -26.83 -3.59
N GLY A 145 0.42 -27.56 -2.50
CA GLY A 145 -0.61 -27.17 -1.57
C GLY A 145 -0.22 -27.44 -0.12
N VAL A 146 -1.10 -27.00 0.79
CA VAL A 146 -0.92 -27.19 2.22
C VAL A 146 -2.27 -27.53 2.80
N SER A 147 -2.32 -28.58 3.62
CA SER A 147 -3.49 -28.81 4.45
C SER A 147 -3.36 -28.06 5.77
N LEU A 148 -4.43 -27.39 6.16
CA LEU A 148 -4.49 -26.81 7.49
C LEU A 148 -4.27 -27.84 8.60
N TYR A 149 -4.42 -29.13 8.29
CA TYR A 149 -4.05 -30.18 9.24
C TYR A 149 -2.61 -29.99 9.71
N SER A 150 -1.73 -29.59 8.79
CA SER A 150 -0.33 -29.33 9.12
C SER A 150 -0.15 -28.40 10.33
N TYR A 151 -1.15 -27.57 10.66
CA TYR A 151 -1.07 -26.58 11.74
C TYR A 151 -1.95 -26.95 12.93
N MET A 152 -2.33 -28.22 13.05
CA MET A 152 -3.05 -28.70 14.22
C MET A 152 -2.34 -28.28 15.50
N SER A 153 -3.15 -27.93 16.51
CA SER A 153 -2.78 -27.37 17.81
C SER A 153 -2.38 -25.88 17.67
N ASP A 154 -1.55 -25.55 16.68
CA ASP A 154 -1.30 -24.14 16.37
C ASP A 154 -2.59 -23.43 16.02
N TYR A 155 -3.38 -24.03 15.12
CA TYR A 155 -4.63 -23.43 14.68
C TYR A 155 -5.59 -23.28 15.84
N GLY A 156 -6.05 -22.06 16.07
CA GLY A 156 -6.91 -21.78 17.20
C GLY A 156 -6.22 -21.42 18.51
N THR A 157 -4.90 -21.57 18.61
CA THR A 157 -4.16 -21.09 19.78
C THR A 157 -3.18 -19.97 19.43
N VAL A 158 -2.41 -20.15 18.37
CA VAL A 158 -1.53 -19.11 17.85
C VAL A 158 -1.84 -18.73 16.41
N MET A 159 -2.76 -19.41 15.75
CA MET A 159 -2.99 -19.24 14.32
C MET A 159 -4.46 -19.08 14.05
N ASP A 160 -4.84 -18.14 13.18
CA ASP A 160 -6.20 -18.10 12.67
C ASP A 160 -6.18 -18.32 11.16
N LEU A 161 -7.36 -18.34 10.54
CA LEU A 161 -7.44 -18.69 9.13
C LEU A 161 -6.59 -17.77 8.27
N GLU A 162 -6.68 -16.45 8.50
CA GLU A 162 -5.95 -15.56 7.62
C GLU A 162 -4.46 -15.73 7.78
N THR A 163 -3.99 -15.99 9.01
CA THR A 163 -2.57 -16.20 9.21
C THR A 163 -2.07 -17.45 8.48
N ALA A 164 -2.85 -18.52 8.48
CA ALA A 164 -2.38 -19.72 7.81
C ALA A 164 -2.36 -19.54 6.28
N MET A 165 -3.40 -18.92 5.72
CA MET A 165 -3.40 -18.69 4.28
C MET A 165 -2.22 -17.81 3.86
N ALA A 166 -1.96 -16.74 4.62
CA ALA A 166 -0.78 -15.91 4.36
C ALA A 166 0.49 -16.75 4.41
N SER A 167 0.57 -17.70 5.34
CA SER A 167 1.73 -18.59 5.37
C SER A 167 1.78 -19.49 4.14
N ILE A 168 0.62 -19.96 3.67
CA ILE A 168 0.58 -20.84 2.50
C ILE A 168 0.92 -20.06 1.22
N ALA A 169 0.27 -18.90 1.03
CA ALA A 169 0.57 -18.02 -0.10
C ALA A 169 2.07 -17.73 -0.22
N ASP A 170 2.73 -17.41 0.91
CA ASP A 170 4.13 -17.04 0.88
C ASP A 170 5.02 -18.16 0.33
N LEU A 171 4.66 -19.41 0.62
CA LEU A 171 5.40 -20.56 0.11
C LEU A 171 5.33 -20.72 -1.39
N GLY A 172 4.53 -19.91 -2.08
CA GLY A 172 4.28 -20.13 -3.47
C GLY A 172 3.27 -21.23 -3.74
N ALA A 173 2.67 -21.82 -2.71
CA ALA A 173 1.64 -22.81 -2.93
C ALA A 173 0.37 -22.17 -3.45
N THR A 174 -0.41 -22.95 -4.19
CA THR A 174 -1.69 -22.50 -4.73
C THR A 174 -2.88 -23.19 -4.12
N GLY A 175 -2.68 -24.28 -3.38
CA GLY A 175 -3.80 -25.07 -2.90
C GLY A 175 -3.91 -25.09 -1.40
N ILE A 176 -5.11 -24.88 -0.88
CA ILE A 176 -5.38 -25.04 0.53
C ILE A 176 -6.32 -26.24 0.71
N GLU A 177 -5.92 -27.19 1.54
CA GLU A 177 -6.77 -28.30 1.95
C GLU A 177 -7.15 -28.09 3.40
N ILE A 178 -8.40 -28.40 3.73
CA ILE A 178 -8.93 -28.21 5.09
C ILE A 178 -9.67 -29.45 5.54
N LEU A 179 -9.98 -29.48 6.84
CA LEU A 179 -10.78 -30.51 7.45
C LEU A 179 -12.10 -29.87 7.83
N GLY A 180 -13.17 -30.26 7.17
CA GLY A 180 -14.47 -29.64 7.40
C GLY A 180 -14.84 -29.40 8.85
N GLU A 181 -14.81 -30.45 9.69
CA GLU A 181 -15.21 -30.36 11.10
C GLU A 181 -14.14 -29.73 11.99
N ALA A 182 -13.04 -29.25 11.39
CA ALA A 182 -11.98 -28.55 12.10
C ALA A 182 -11.99 -27.05 11.83
N HIS A 183 -12.04 -26.68 10.56
CA HIS A 183 -11.72 -25.31 10.15
C HIS A 183 -12.92 -24.55 9.64
N VAL A 184 -14.10 -25.18 9.62
CA VAL A 184 -15.32 -24.49 9.24
C VAL A 184 -16.09 -24.15 10.51
N PRO A 185 -16.05 -22.88 10.94
CA PRO A 185 -16.72 -22.48 12.18
C PRO A 185 -18.22 -22.70 12.09
N ASN A 186 -18.81 -23.19 13.19
CA ASN A 186 -20.22 -23.54 13.23
C ASN A 186 -20.57 -24.62 12.21
N TYR A 187 -19.60 -25.47 11.90
CA TYR A 187 -19.89 -26.65 11.08
C TYR A 187 -21.13 -27.36 11.63
N PRO A 188 -22.05 -27.78 10.77
CA PRO A 188 -21.90 -27.63 9.32
C PRO A 188 -22.58 -26.40 8.76
N ASN A 189 -22.81 -25.37 9.57
CA ASN A 189 -23.60 -24.19 9.18
C ASN A 189 -22.74 -22.93 9.26
N PRO A 190 -21.72 -22.81 8.41
CA PRO A 190 -20.92 -21.58 8.45
C PRO A 190 -21.79 -20.39 8.10
N SER A 191 -21.50 -19.26 8.73
CA SER A 191 -22.28 -18.06 8.48
C SER A 191 -22.01 -17.55 7.08
N ASP A 192 -22.99 -16.85 6.52
CA ASP A 192 -22.83 -16.17 5.25
C ASP A 192 -21.67 -15.20 5.29
N GLU A 193 -21.43 -14.59 6.45
CA GLU A 193 -20.30 -13.69 6.59
C GLU A 193 -18.99 -14.47 6.55
N TRP A 194 -18.93 -15.61 7.22
CA TRP A 194 -17.74 -16.45 7.14
C TRP A 194 -17.44 -16.88 5.71
N VAL A 195 -18.47 -17.29 4.97
CA VAL A 195 -18.25 -17.82 3.63
C VAL A 195 -17.80 -16.70 2.69
N GLU A 196 -18.49 -15.55 2.74
CA GLU A 196 -18.03 -14.38 2.02
C GLU A 196 -16.56 -14.07 2.35
N GLN A 197 -16.20 -14.09 3.63
CA GLN A 197 -14.81 -13.82 3.98
C GLN A 197 -13.87 -14.90 3.45
N TRP A 198 -14.34 -16.16 3.45
CA TRP A 198 -13.55 -17.26 2.90
C TRP A 198 -13.14 -17.00 1.46
N PHE A 199 -14.10 -16.66 0.59
CA PHE A 199 -13.73 -16.42 -0.80
C PHE A 199 -12.92 -15.15 -0.98
N ALA A 200 -13.16 -14.14 -0.14
CA ALA A 200 -12.29 -12.97 -0.18
C ALA A 200 -10.85 -13.36 0.16
N LEU A 201 -10.67 -14.20 1.18
CA LEU A 201 -9.33 -14.61 1.57
C LEU A 201 -8.62 -15.39 0.47
N LEU A 202 -9.31 -16.33 -0.18
CA LEU A 202 -8.74 -17.07 -1.29
C LEU A 202 -8.30 -16.12 -2.40
N SER A 203 -9.16 -15.16 -2.75
CA SER A 203 -8.81 -14.18 -3.76
C SER A 203 -7.57 -13.39 -3.34
N THR A 204 -7.53 -12.94 -2.09
CA THR A 204 -6.40 -12.12 -1.65
C THR A 204 -5.08 -12.88 -1.73
N TYR A 205 -5.04 -14.14 -1.27
CA TYR A 205 -3.77 -14.83 -1.20
C TYR A 205 -3.52 -15.77 -2.39
N GLY A 206 -4.40 -15.76 -3.39
CA GLY A 206 -4.16 -16.53 -4.59
C GLY A 206 -4.31 -18.03 -4.39
N LEU A 207 -5.17 -18.44 -3.48
CA LEU A 207 -5.31 -19.86 -3.15
C LEU A 207 -6.57 -20.46 -3.76
N GLU A 208 -6.49 -21.75 -4.08
CA GLU A 208 -7.70 -22.42 -4.51
C GLU A 208 -8.01 -23.59 -3.58
N PRO A 209 -9.27 -23.82 -3.24
CA PRO A 209 -9.59 -24.95 -2.34
C PRO A 209 -9.42 -26.28 -3.07
N THR A 210 -8.78 -27.24 -2.41
CA THR A 210 -8.46 -28.50 -3.05
C THR A 210 -9.27 -29.59 -2.39
N ASN A 211 -8.76 -30.26 -1.36
CA ASN A 211 -9.42 -31.36 -0.67
C ASN A 211 -10.08 -30.85 0.60
N MET A 212 -11.30 -31.26 0.86
CA MET A 212 -11.90 -31.02 2.17
C MET A 212 -12.05 -32.37 2.86
N GLY A 213 -11.33 -32.57 3.96
CA GLY A 213 -11.47 -33.80 4.71
C GLY A 213 -12.78 -33.86 5.46
N SER A 214 -13.33 -35.08 5.57
CA SER A 214 -14.61 -35.32 6.22
C SER A 214 -14.60 -36.72 6.80
N TRP A 215 -15.60 -37.01 7.62
CA TRP A 215 -15.63 -38.29 8.31
C TRP A 215 -16.97 -38.98 8.10
N ILE A 216 -16.93 -40.30 8.20
CA ILE A 216 -18.10 -41.14 8.34
C ILE A 216 -17.90 -41.87 9.66
N ASP A 217 -18.40 -41.29 10.75
CA ASP A 217 -18.15 -41.78 12.11
C ASP A 217 -19.14 -42.89 12.43
N THR A 218 -18.76 -44.12 12.10
CA THR A 218 -19.66 -45.27 12.28
C THR A 218 -20.01 -45.52 13.74
N ARG A 219 -19.11 -45.15 14.66
CA ARG A 219 -19.33 -45.39 16.09
C ARG A 219 -20.07 -44.24 16.77
N LEU A 220 -20.76 -43.41 15.98
CA LEU A 220 -21.53 -42.28 16.49
C LEU A 220 -22.25 -42.61 17.77
N HIS A 221 -22.92 -43.76 17.81
CA HIS A 221 -23.73 -44.09 18.98
C HIS A 221 -23.35 -45.45 19.54
N SER A 222 -22.06 -45.72 19.62
CA SER A 222 -21.59 -47.03 20.08
C SER A 222 -21.62 -47.18 21.60
N SER A 223 -21.74 -46.10 22.37
CA SER A 223 -21.64 -46.12 23.82
C SER A 223 -23.02 -46.11 24.50
N GLY A 224 -23.09 -46.66 25.70
CA GLY A 224 -24.27 -46.53 26.52
C GLY A 224 -25.31 -47.61 26.27
N PRO A 225 -26.47 -47.51 26.93
CA PRO A 225 -27.44 -48.62 26.89
C PRO A 225 -28.13 -48.73 25.55
N ASN A 226 -28.41 -47.60 24.91
CA ASN A 226 -29.14 -47.56 23.65
C ASN A 226 -28.18 -47.44 22.48
N GLY A 227 -27.06 -48.14 22.57
CA GLY A 227 -26.09 -48.13 21.50
C GLY A 227 -26.61 -48.79 20.24
N ARG A 228 -26.10 -48.30 19.11
CA ARG A 228 -26.56 -48.72 17.80
C ARG A 228 -25.43 -48.47 16.83
N ASP A 229 -25.49 -49.13 15.69
CA ASP A 229 -24.52 -48.86 14.65
C ASP A 229 -25.11 -47.87 13.66
N MET A 230 -24.25 -47.32 12.81
CA MET A 230 -24.67 -46.29 11.88
C MET A 230 -25.22 -46.92 10.61
N THR A 231 -26.45 -46.56 10.24
CA THR A 231 -27.11 -47.14 9.08
C THR A 231 -26.50 -46.63 7.78
N VAL A 232 -26.84 -47.32 6.69
CA VAL A 232 -26.45 -46.87 5.36
C VAL A 232 -27.00 -45.48 5.08
N GLU A 233 -28.26 -45.26 5.43
CA GLU A 233 -28.89 -44.00 5.10
C GLU A 233 -28.25 -42.85 5.88
N GLU A 234 -27.84 -43.11 7.11
CA GLU A 234 -27.16 -42.10 7.90
C GLU A 234 -25.76 -41.84 7.36
N GLY A 235 -25.05 -42.91 6.98
CA GLY A 235 -23.73 -42.74 6.37
C GLY A 235 -23.74 -41.86 5.14
N ALA A 236 -24.69 -42.09 4.24
CA ALA A 236 -24.74 -41.30 3.00
C ALA A 236 -25.31 -39.91 3.22
N ALA A 237 -26.26 -39.77 4.14
CA ALA A 237 -26.80 -38.45 4.43
C ALA A 237 -25.70 -37.53 4.95
N ALA A 238 -24.78 -38.07 5.76
CA ALA A 238 -23.59 -37.34 6.21
C ALA A 238 -22.60 -37.11 5.08
N LEU A 239 -22.29 -38.15 4.29
CA LEU A 239 -21.38 -37.95 3.16
C LEU A 239 -21.95 -36.93 2.18
N GLN A 240 -23.25 -36.99 1.92
CA GLN A 240 -23.84 -36.02 1.02
C GLN A 240 -23.76 -34.63 1.64
N ARG A 241 -23.90 -34.53 2.95
CA ARG A 241 -23.83 -33.22 3.61
C ARG A 241 -22.46 -32.60 3.43
N ASP A 242 -21.40 -33.41 3.46
CA ASP A 242 -20.04 -32.90 3.28
C ASP A 242 -19.67 -32.68 1.82
N LEU A 243 -20.31 -33.38 0.89
CA LEU A 243 -20.09 -33.06 -0.52
C LEU A 243 -20.64 -31.69 -0.86
N ARG A 244 -21.81 -31.34 -0.31
CA ARG A 244 -22.43 -30.04 -0.61
C ARG A 244 -21.64 -28.91 0.05
N LEU A 245 -21.30 -29.09 1.33
CA LEU A 245 -20.42 -28.14 2.00
C LEU A 245 -19.15 -27.91 1.18
N ALA A 246 -18.50 -28.99 0.78
CA ALA A 246 -17.30 -28.88 -0.06
C ALA A 246 -17.56 -28.04 -1.30
N LYS A 247 -18.56 -28.42 -2.10
CA LYS A 247 -18.90 -27.65 -3.30
C LYS A 247 -19.12 -26.18 -2.96
N ARG A 248 -19.99 -25.91 -1.99
CA ARG A 248 -20.26 -24.53 -1.57
C ARG A 248 -18.99 -23.74 -1.29
N LEU A 249 -18.01 -24.35 -0.62
CA LEU A 249 -16.74 -23.68 -0.34
C LEU A 249 -15.73 -23.83 -1.48
N GLY A 250 -16.08 -24.48 -2.57
CA GLY A 250 -15.24 -24.44 -3.76
C GLY A 250 -14.20 -25.55 -3.84
N PHE A 251 -14.38 -26.62 -3.07
CA PHE A 251 -13.46 -27.75 -3.10
C PHE A 251 -13.78 -28.66 -4.26
N ARG A 252 -12.73 -29.23 -4.84
CA ARG A 252 -12.84 -30.25 -5.87
C ARG A 252 -12.85 -31.67 -5.29
N PHE A 253 -12.16 -31.93 -4.17
CA PHE A 253 -12.11 -33.27 -3.59
C PHE A 253 -12.69 -33.28 -2.19
N VAL A 254 -13.33 -34.41 -1.84
CA VAL A 254 -13.70 -34.72 -0.46
C VAL A 254 -13.16 -36.09 -0.08
N ARG A 255 -12.41 -36.15 1.02
CA ARG A 255 -11.93 -37.42 1.56
C ARG A 255 -12.75 -37.85 2.77
N PRO A 256 -13.73 -38.75 2.62
CA PRO A 256 -14.41 -39.32 3.79
C PRO A 256 -13.50 -40.34 4.47
N LYS A 257 -13.18 -40.10 5.73
CA LYS A 257 -12.50 -41.09 6.55
C LYS A 257 -13.56 -41.95 7.20
N ILE A 258 -13.58 -43.25 6.89
CA ILE A 258 -14.65 -44.17 7.31
C ILE A 258 -14.22 -44.93 8.54
N GLY A 259 -15.16 -45.14 9.46
CA GLY A 259 -14.89 -45.97 10.62
C GLY A 259 -14.44 -47.37 10.23
N VAL A 260 -13.58 -47.96 11.05
CA VAL A 260 -12.90 -49.20 10.71
C VAL A 260 -13.39 -50.33 11.61
N VAL A 261 -13.03 -51.57 11.22
CA VAL A 261 -13.46 -52.76 11.95
C VAL A 261 -12.31 -53.71 12.26
N SER A 262 -11.07 -53.39 11.86
CA SER A 262 -9.96 -54.33 11.98
C SER A 262 -8.65 -53.55 12.00
N SER A 263 -7.56 -54.28 12.28
CA SER A 263 -6.28 -53.65 12.60
C SER A 263 -5.71 -52.89 11.41
N ASP A 264 -5.72 -53.51 10.23
CA ASP A 264 -5.21 -52.84 9.04
C ASP A 264 -6.33 -52.05 8.37
N LEU A 265 -7.32 -51.63 9.19
CA LEU A 265 -8.23 -50.54 8.86
C LEU A 265 -9.15 -50.91 7.69
N ILE A 266 -9.84 -52.03 7.82
CA ILE A 266 -10.89 -52.36 6.84
C ILE A 266 -12.17 -51.59 7.18
N PRO A 267 -12.65 -50.74 6.27
CA PRO A 267 -13.82 -49.90 6.57
C PRO A 267 -15.05 -50.72 6.94
N HIS A 268 -15.95 -50.06 7.66
CA HIS A 268 -17.23 -50.65 8.04
C HIS A 268 -17.97 -51.15 6.80
N PRO A 269 -18.71 -52.26 6.89
CA PRO A 269 -19.40 -52.79 5.69
C PRO A 269 -20.41 -51.84 5.07
N ILE A 270 -20.86 -50.79 5.75
CA ILE A 270 -21.77 -49.84 5.09
C ILE A 270 -21.05 -48.93 4.10
N TRP A 271 -19.71 -48.96 4.04
CA TRP A 271 -18.99 -47.96 3.26
C TRP A 271 -19.37 -48.03 1.78
N THR A 272 -19.67 -49.22 1.27
CA THR A 272 -19.86 -49.35 -0.17
C THR A 272 -21.16 -48.70 -0.63
N GLU A 273 -22.26 -49.04 0.03
CA GLU A 273 -23.54 -48.45 -0.33
C GLU A 273 -23.59 -46.97 0.07
N VAL A 274 -22.83 -46.55 1.09
CA VAL A 274 -22.76 -45.12 1.43
C VAL A 274 -22.16 -44.33 0.28
N VAL A 275 -21.06 -44.84 -0.29
CA VAL A 275 -20.43 -44.20 -1.44
C VAL A 275 -21.32 -44.27 -2.66
N GLU A 276 -21.86 -45.46 -2.98
CA GLU A 276 -22.69 -45.64 -4.16
C GLU A 276 -23.88 -44.70 -4.15
N ALA A 277 -24.58 -44.62 -3.01
CA ALA A 277 -25.69 -43.70 -2.86
C ALA A 277 -25.25 -42.23 -2.93
N SER A 278 -23.94 -41.95 -2.87
CA SER A 278 -23.47 -40.58 -2.88
C SER A 278 -22.84 -40.15 -4.19
N LEU A 279 -22.49 -41.09 -5.05
CA LEU A 279 -21.84 -40.75 -6.31
C LEU A 279 -22.69 -39.91 -7.27
N PRO A 280 -24.02 -40.09 -7.37
CA PRO A 280 -24.79 -39.16 -8.23
C PRO A 280 -24.63 -37.71 -7.82
N LEU A 281 -24.60 -37.45 -6.52
CA LEU A 281 -24.48 -36.07 -6.06
C LEU A 281 -23.08 -35.53 -6.33
N ALA A 282 -22.06 -36.37 -6.15
CA ALA A 282 -20.69 -35.92 -6.41
C ALA A 282 -20.46 -35.66 -7.88
N GLU A 283 -21.11 -36.43 -8.74
CA GLU A 283 -21.05 -36.14 -10.16
C GLU A 283 -21.81 -34.86 -10.47
N GLU A 284 -22.98 -34.67 -9.86
CA GLU A 284 -23.76 -33.47 -10.09
C GLU A 284 -23.00 -32.22 -9.64
N LEU A 285 -22.31 -32.31 -8.50
CA LEU A 285 -21.57 -31.18 -7.95
C LEU A 285 -20.15 -31.05 -8.51
N ASP A 286 -19.70 -32.03 -9.31
CA ASP A 286 -18.33 -32.05 -9.83
C ASP A 286 -17.29 -32.10 -8.71
N VAL A 287 -17.56 -32.90 -7.69
CA VAL A 287 -16.64 -33.15 -6.58
C VAL A 287 -16.23 -34.62 -6.63
N ILE A 288 -14.94 -34.89 -6.43
CA ILE A 288 -14.45 -36.26 -6.44
C ILE A 288 -14.34 -36.77 -5.00
N ILE A 289 -14.90 -37.96 -4.75
CA ILE A 289 -14.76 -38.65 -3.48
C ILE A 289 -13.49 -39.50 -3.54
N CYS A 290 -12.54 -39.20 -2.67
CA CYS A 290 -11.27 -39.93 -2.65
C CYS A 290 -10.90 -40.37 -1.24
N PRO A 291 -11.20 -41.61 -0.88
CA PRO A 291 -10.75 -42.14 0.40
C PRO A 291 -9.23 -42.18 0.45
N GLU A 292 -8.71 -42.16 1.67
CA GLU A 292 -7.30 -42.00 1.93
C GLU A 292 -6.67 -43.34 2.25
N ILE A 293 -5.58 -43.65 1.55
CA ILE A 293 -4.73 -44.81 1.82
C ILE A 293 -3.59 -44.33 2.72
N HIS A 294 -3.66 -44.73 4.00
CA HIS A 294 -2.60 -44.32 4.96
C HIS A 294 -2.05 -45.51 5.75
N SER A 295 -0.84 -45.33 6.29
CA SER A 295 -0.20 -46.39 7.06
C SER A 295 -1.13 -46.82 8.20
N PRO A 296 -1.26 -48.14 8.48
CA PRO A 296 -0.46 -49.26 7.94
C PRO A 296 -1.03 -49.90 6.67
N THR A 297 -2.03 -49.31 6.07
CA THR A 297 -2.55 -49.87 4.84
C THR A 297 -1.58 -49.63 3.70
N PRO A 298 -1.10 -50.67 3.00
CA PRO A 298 -0.19 -50.42 1.87
C PRO A 298 -0.97 -50.21 0.58
N ILE A 299 -0.30 -50.01 -0.55
CA ILE A 299 -1.02 -49.91 -1.81
C ILE A 299 -1.61 -51.26 -2.20
N LYS A 300 -0.84 -52.34 -1.99
CA LYS A 300 -1.27 -53.71 -2.32
C LYS A 300 -2.04 -54.26 -1.13
N HIS A 301 -3.37 -54.18 -1.19
CA HIS A 301 -4.18 -54.53 -0.03
C HIS A 301 -5.65 -54.60 -0.43
N GLU A 302 -6.41 -55.46 0.26
CA GLU A 302 -7.78 -55.71 -0.17
C GLU A 302 -8.63 -54.43 -0.15
N VAL A 303 -8.28 -53.45 0.68
CA VAL A 303 -9.12 -52.25 0.73
C VAL A 303 -8.85 -51.38 -0.50
N VAL A 304 -7.61 -51.36 -1.00
CA VAL A 304 -7.38 -50.64 -2.24
C VAL A 304 -8.07 -51.36 -3.39
N ASP A 305 -7.93 -52.69 -3.45
CA ASP A 305 -8.56 -53.44 -4.51
C ASP A 305 -10.05 -53.19 -4.54
N ASP A 306 -10.68 -53.11 -3.37
CA ASP A 306 -12.12 -52.86 -3.35
C ASP A 306 -12.44 -51.45 -3.78
N TYR A 307 -11.61 -50.47 -3.41
CA TYR A 307 -11.82 -49.12 -3.91
C TYR A 307 -11.77 -49.12 -5.44
N ILE A 308 -10.73 -49.73 -6.01
CA ILE A 308 -10.58 -49.76 -7.45
C ILE A 308 -11.69 -50.57 -8.09
N ALA A 309 -12.11 -51.65 -7.43
CA ALA A 309 -13.24 -52.42 -7.92
C ALA A 309 -14.48 -51.56 -8.03
N LEU A 310 -14.67 -50.64 -7.08
CA LEU A 310 -15.81 -49.74 -7.15
C LEU A 310 -15.74 -48.91 -8.42
N ILE A 311 -14.54 -48.42 -8.74
CA ILE A 311 -14.37 -47.57 -9.93
C ILE A 311 -14.74 -48.35 -11.19
N ARG A 312 -14.28 -49.60 -11.28
CA ARG A 312 -14.63 -50.44 -12.42
C ARG A 312 -16.13 -50.71 -12.48
N ARG A 313 -16.73 -51.09 -11.35
CA ARG A 313 -18.12 -51.52 -11.38
C ARG A 313 -19.06 -50.36 -11.67
N THR A 314 -18.80 -49.19 -11.10
CA THR A 314 -19.71 -48.07 -11.27
C THR A 314 -19.49 -47.35 -12.58
N GLY A 315 -18.26 -47.39 -13.12
CA GLY A 315 -17.87 -46.57 -14.23
C GLY A 315 -17.55 -45.12 -13.89
N THR A 316 -17.67 -44.72 -12.62
CA THR A 316 -17.59 -43.31 -12.25
C THR A 316 -16.20 -42.72 -12.48
N LYS A 317 -16.17 -41.40 -12.67
CA LYS A 317 -14.93 -40.63 -12.65
C LYS A 317 -14.90 -39.64 -11.49
N HIS A 318 -15.83 -39.74 -10.55
CA HIS A 318 -15.83 -38.90 -9.35
C HIS A 318 -15.54 -39.72 -8.10
N PHE A 319 -14.74 -40.77 -8.26
CA PHE A 319 -14.25 -41.56 -7.15
C PHE A 319 -12.82 -41.95 -7.49
N GLY A 320 -11.92 -41.71 -6.55
CA GLY A 320 -10.50 -41.86 -6.80
C GLY A 320 -9.84 -42.20 -5.50
N LEU A 321 -8.53 -42.35 -5.56
CA LEU A 321 -7.73 -42.67 -4.42
C LEU A 321 -7.01 -41.39 -3.99
N LEU A 322 -6.90 -41.20 -2.68
CA LEU A 322 -6.02 -40.20 -2.09
C LEU A 322 -4.90 -40.96 -1.40
N LEU A 323 -3.67 -40.69 -1.80
CA LEU A 323 -2.52 -41.32 -1.17
C LEU A 323 -1.96 -40.44 -0.05
N ASP A 324 -1.60 -41.07 1.07
CA ASP A 324 -0.83 -40.42 2.14
C ASP A 324 0.61 -40.94 2.07
N THR A 325 1.56 -40.02 1.88
CA THR A 325 2.94 -40.47 1.66
C THR A 325 3.61 -41.03 2.90
N GLY A 326 2.90 -41.14 4.02
CA GLY A 326 3.42 -41.97 5.11
C GLY A 326 3.42 -43.47 4.83
N ILE A 327 2.70 -43.94 3.81
CA ILE A 327 2.85 -45.33 3.40
C ILE A 327 4.26 -45.59 2.89
N PHE A 328 4.96 -44.55 2.43
CA PHE A 328 6.31 -44.70 1.91
C PHE A 328 7.37 -44.52 2.99
N GLN A 329 6.97 -44.23 4.23
CA GLN A 329 7.93 -43.98 5.30
C GLN A 329 8.89 -45.15 5.41
N ASP A 330 10.19 -44.85 5.43
CA ASP A 330 11.22 -45.88 5.47
C ASP A 330 12.13 -45.77 6.68
N ARG A 331 11.75 -45.02 7.70
CA ARG A 331 12.57 -44.78 8.88
C ARG A 331 11.63 -44.47 10.04
N PRO A 332 11.98 -44.88 11.26
CA PRO A 332 10.99 -44.84 12.34
C PRO A 332 10.75 -43.45 12.88
N ILE A 333 9.47 -43.18 13.15
CA ILE A 333 9.10 -42.04 13.99
C ILE A 333 9.77 -42.19 15.34
N PRO A 334 10.42 -41.16 15.89
CA PRO A 334 11.25 -41.36 17.07
C PRO A 334 10.41 -41.81 18.25
N LEU A 335 11.07 -42.53 19.18
CA LEU A 335 10.50 -42.80 20.48
C LEU A 335 10.55 -41.55 21.35
N LYS A 336 9.50 -41.34 22.13
CA LYS A 336 9.54 -40.27 23.12
C LYS A 336 10.27 -40.74 24.37
N PRO A 337 10.74 -39.81 25.20
CA PRO A 337 11.35 -40.22 26.48
C PRO A 337 10.35 -40.97 27.35
N GLY A 338 10.83 -42.05 27.96
CA GLY A 338 10.02 -42.91 28.80
C GLY A 338 9.47 -44.12 28.09
N GLU A 339 9.20 -44.02 26.79
CA GLU A 339 8.77 -45.18 26.04
C GLU A 339 9.94 -46.10 25.78
N LEU A 340 9.62 -47.34 25.47
CA LEU A 340 10.59 -48.42 25.28
C LEU A 340 10.13 -49.25 24.09
N PRO A 341 11.00 -50.08 23.54
CA PRO A 341 10.61 -50.91 22.39
C PRO A 341 9.34 -51.71 22.65
N GLY A 342 8.61 -51.99 21.57
CA GLY A 342 7.43 -52.83 21.59
C GLY A 342 6.17 -52.22 22.16
N GLN A 343 6.22 -50.97 22.63
CA GLN A 343 5.08 -50.31 23.26
C GLN A 343 4.20 -49.56 22.27
N ARG A 344 4.40 -49.74 20.97
CA ARG A 344 3.65 -48.97 19.97
C ARG A 344 3.43 -49.84 18.75
N PRO A 345 2.42 -49.52 17.94
CA PRO A 345 2.14 -50.34 16.76
C PRO A 345 3.31 -50.37 15.78
N ALA A 346 3.43 -51.49 15.07
CA ALA A 346 4.57 -51.71 14.19
C ALA A 346 4.73 -50.58 13.17
N PHE A 347 3.63 -50.20 12.52
CA PHE A 347 3.71 -49.30 11.37
C PHE A 347 4.30 -47.94 11.72
N LEU A 348 4.45 -47.60 13.00
CA LEU A 348 5.03 -46.30 13.30
C LEU A 348 6.51 -46.27 13.02
N ASP A 349 7.11 -47.42 12.70
CA ASP A 349 8.50 -47.47 12.28
C ASP A 349 8.66 -47.36 10.77
N GLY A 350 7.57 -47.33 10.03
CA GLY A 350 7.48 -47.24 8.59
C GLY A 350 7.02 -48.57 8.03
N ILE A 351 6.13 -48.53 7.04
CA ILE A 351 5.79 -49.76 6.33
C ILE A 351 6.49 -49.85 4.98
N HIS A 352 7.36 -48.90 4.66
CA HIS A 352 8.28 -48.94 3.51
C HIS A 352 7.60 -49.43 2.23
N VAL A 353 6.46 -48.83 1.89
CA VAL A 353 5.84 -49.18 0.62
C VAL A 353 6.78 -48.77 -0.52
N ASP A 354 6.96 -49.67 -1.48
CA ASP A 354 7.74 -49.41 -2.68
C ASP A 354 7.07 -48.33 -3.52
N PRO A 355 7.68 -47.16 -3.70
CA PRO A 355 7.03 -46.10 -4.49
C PRO A 355 6.53 -46.56 -5.85
N ASN A 356 7.18 -47.56 -6.45
CA ASN A 356 6.73 -48.02 -7.75
C ASN A 356 5.35 -48.63 -7.71
N ASP A 357 4.89 -49.08 -6.53
CA ASP A 357 3.53 -49.61 -6.40
C ASP A 357 2.48 -48.61 -6.84
N VAL A 358 2.84 -47.35 -7.08
CA VAL A 358 1.89 -46.38 -7.59
C VAL A 358 1.64 -46.55 -9.07
N PHE A 359 2.53 -47.24 -9.80
CA PHE A 359 2.37 -47.33 -11.26
C PHE A 359 1.06 -48.02 -11.63
N ASP A 360 0.73 -49.12 -10.94
CA ASP A 360 -0.46 -49.91 -11.22
C ASP A 360 -1.75 -49.26 -10.73
N VAL A 361 -1.66 -48.22 -9.91
CA VAL A 361 -2.84 -47.53 -9.41
C VAL A 361 -2.91 -46.08 -9.89
N ILE A 362 -1.83 -45.52 -10.40
CA ILE A 362 -1.74 -44.08 -10.61
C ILE A 362 -2.96 -43.50 -11.32
N GLU A 363 -3.58 -44.26 -12.22
CA GLU A 363 -4.68 -43.73 -13.03
C GLU A 363 -5.83 -43.25 -12.16
N ASN A 364 -5.92 -43.79 -10.95
CA ASN A 364 -6.97 -43.49 -9.97
C ASN A 364 -6.47 -42.65 -8.79
N VAL A 365 -5.20 -42.25 -8.78
CA VAL A 365 -4.66 -41.40 -7.72
C VAL A 365 -4.91 -39.95 -8.12
N VAL A 366 -5.90 -39.33 -7.48
CA VAL A 366 -6.35 -37.99 -7.84
C VAL A 366 -5.76 -36.89 -6.95
N PHE A 367 -5.19 -37.24 -5.80
CA PHE A 367 -4.75 -36.26 -4.82
C PHE A 367 -3.73 -36.94 -3.92
N ILE A 368 -2.74 -36.18 -3.48
CA ILE A 368 -1.71 -36.76 -2.62
C ILE A 368 -1.45 -35.84 -1.43
N GLN A 369 -1.55 -36.41 -0.23
CA GLN A 369 -1.21 -35.73 1.00
C GLN A 369 0.27 -35.98 1.28
N ALA A 370 1.06 -34.90 1.28
CA ALA A 370 2.51 -35.02 1.50
C ALA A 370 2.77 -35.02 3.00
N LYS A 371 2.43 -36.15 3.61
CA LYS A 371 2.73 -36.39 5.02
C LYS A 371 4.24 -36.44 5.27
N PHE A 372 4.66 -35.84 6.38
CA PHE A 372 6.06 -35.82 6.81
C PHE A 372 6.07 -35.46 8.29
N HIS A 373 7.21 -35.63 8.93
CA HIS A 373 7.33 -35.53 10.37
C HIS A 373 8.44 -34.58 10.81
N ASP A 374 9.56 -34.58 10.11
CA ASP A 374 10.70 -33.83 10.62
C ASP A 374 11.66 -33.59 9.46
N ILE A 375 12.03 -32.33 9.27
CA ILE A 375 13.00 -31.92 8.27
C ILE A 375 13.90 -30.91 8.95
N ASP A 376 15.21 -31.12 8.88
CA ASP A 376 16.16 -30.36 9.68
C ASP A 376 16.68 -29.16 8.88
N GLU A 377 17.64 -28.42 9.46
CA GLU A 377 18.24 -27.22 8.88
C GLU A 377 18.90 -27.46 7.54
N GLU A 378 19.17 -28.73 7.19
CA GLU A 378 19.81 -29.09 5.93
C GLU A 378 18.81 -29.64 4.94
N LEU A 379 17.53 -29.50 5.23
CA LEU A 379 16.46 -30.04 4.40
C LEU A 379 16.52 -31.57 4.30
N ASP A 380 17.00 -32.23 5.35
CA ASP A 380 17.00 -33.69 5.44
C ASP A 380 15.75 -34.15 6.19
N ASP A 381 14.84 -34.79 5.47
CA ASP A 381 13.68 -35.43 6.07
C ASP A 381 14.09 -36.72 6.79
N LYS A 382 13.58 -36.90 7.99
CA LYS A 382 14.02 -37.97 8.87
C LYS A 382 13.18 -39.25 8.76
N GLN A 383 12.16 -39.29 7.91
CA GLN A 383 11.34 -40.49 7.80
C GLN A 383 10.92 -40.82 6.37
N ILE A 384 10.60 -39.82 5.56
CA ILE A 384 10.01 -40.02 4.25
C ILE A 384 11.09 -39.91 3.18
N PRO A 385 11.32 -40.94 2.38
CA PRO A 385 12.34 -40.86 1.33
C PRO A 385 11.83 -40.12 0.11
N TRP A 386 12.05 -38.80 0.02
CA TRP A 386 11.26 -38.00 -0.92
C TRP A 386 11.71 -38.19 -2.37
N GLU A 387 13.02 -38.32 -2.61
CA GLU A 387 13.51 -38.50 -3.98
C GLU A 387 12.89 -39.70 -4.67
N PRO A 388 12.93 -40.94 -4.12
CA PRO A 388 12.27 -42.04 -4.84
C PRO A 388 10.78 -41.88 -4.98
N VAL A 389 10.08 -41.39 -3.94
CA VAL A 389 8.64 -41.19 -4.07
C VAL A 389 8.35 -40.27 -5.23
N LEU A 390 9.05 -39.13 -5.27
CA LEU A 390 8.84 -38.15 -6.32
C LEU A 390 9.23 -38.71 -7.68
N LYS A 391 10.41 -39.37 -7.78
CA LYS A 391 10.81 -40.03 -9.02
C LYS A 391 9.70 -40.92 -9.56
N ALA A 392 9.20 -41.82 -8.71
CA ALA A 392 8.15 -42.74 -9.12
C ALA A 392 6.90 -41.97 -9.50
N LEU A 393 6.50 -41.00 -8.67
CA LEU A 393 5.29 -40.24 -8.96
C LEU A 393 5.40 -39.50 -10.29
N LYS A 394 6.58 -38.94 -10.56
CA LYS A 394 6.78 -38.24 -11.83
C LYS A 394 6.72 -39.22 -13.00
N ASP A 395 7.61 -40.20 -13.01
CA ASP A 395 7.64 -41.17 -14.10
C ASP A 395 6.28 -41.82 -14.31
N ALA A 396 5.51 -41.97 -13.23
CA ALA A 396 4.21 -42.60 -13.39
C ALA A 396 3.20 -41.67 -14.04
N GLY A 397 3.54 -40.39 -14.21
CA GLY A 397 2.66 -39.45 -14.88
C GLY A 397 1.75 -38.65 -13.98
N TYR A 398 2.06 -38.52 -12.69
CA TYR A 398 1.21 -37.76 -11.77
C TYR A 398 1.52 -36.28 -11.91
N THR A 399 0.47 -35.48 -12.07
CA THR A 399 0.63 -34.04 -12.22
C THR A 399 -0.28 -33.27 -11.26
N GLY A 400 -0.90 -33.93 -10.29
CA GLY A 400 -1.79 -33.26 -9.35
C GLY A 400 -1.05 -32.66 -8.17
N TYR A 401 -1.81 -32.37 -7.11
CA TYR A 401 -1.32 -31.65 -5.92
C TYR A 401 -0.50 -32.55 -5.00
N LEU A 402 0.45 -31.92 -4.28
CA LEU A 402 1.11 -32.48 -3.10
C LEU A 402 0.79 -31.59 -1.91
N SER A 403 -0.08 -32.06 -1.01
CA SER A 403 -0.67 -31.22 0.02
C SER A 403 -0.05 -31.53 1.39
N SER A 404 0.77 -30.59 1.89
CA SER A 404 1.51 -30.76 3.14
C SER A 404 0.62 -31.20 4.28
N GLU A 405 0.99 -32.32 4.93
CA GLU A 405 0.37 -32.79 6.16
C GLU A 405 1.48 -32.99 7.18
N TYR A 406 1.97 -31.90 7.74
CA TYR A 406 2.93 -31.98 8.83
C TYR A 406 2.34 -32.76 9.98
N GLU A 407 3.11 -33.69 10.55
CA GLU A 407 2.62 -34.48 11.66
C GLU A 407 3.74 -34.79 12.63
N GLY A 408 4.62 -33.82 12.86
CA GLY A 408 5.71 -33.98 13.80
C GLY A 408 5.31 -33.44 15.16
N GLU A 409 6.31 -33.19 15.99
CA GLU A 409 6.05 -32.63 17.29
C GLU A 409 5.22 -31.35 17.14
N ARG A 410 4.13 -31.27 17.91
CA ARG A 410 3.24 -30.10 17.86
C ARG A 410 3.69 -29.03 18.85
N GLU A 411 4.98 -28.74 18.85
CA GLU A 411 5.50 -27.61 19.59
C GLU A 411 4.98 -26.32 18.96
N PRO A 412 4.55 -25.36 19.75
CA PRO A 412 3.97 -24.13 19.19
C PRO A 412 4.88 -23.48 18.16
N TRP A 413 4.28 -23.13 17.03
CA TRP A 413 4.93 -22.50 15.88
C TRP A 413 5.81 -23.46 15.10
N ARG A 414 6.16 -24.64 15.65
CA ARG A 414 7.08 -25.49 14.90
C ARG A 414 6.60 -25.76 13.47
N SER A 415 5.29 -26.02 13.30
CA SER A 415 4.77 -26.46 12.01
C SER A 415 4.99 -25.44 10.88
N ILE A 416 5.23 -24.17 11.20
CA ILE A 416 5.36 -23.17 10.13
C ILE A 416 6.66 -23.38 9.38
N GLU A 417 7.77 -23.43 10.11
CA GLU A 417 9.07 -23.74 9.51
C GLU A 417 9.05 -25.11 8.83
N GLN A 418 8.39 -26.08 9.45
CA GLN A 418 8.40 -27.44 8.92
C GLN A 418 7.73 -27.52 7.57
N VAL A 419 6.53 -26.96 7.44
CA VAL A 419 5.86 -26.94 6.15
C VAL A 419 6.73 -26.23 5.10
N ARG A 420 7.35 -25.09 5.47
CA ARG A 420 8.22 -24.35 4.55
C ARG A 420 9.39 -25.23 4.10
N ARG A 421 9.99 -25.95 5.02
CA ARG A 421 11.11 -26.80 4.66
C ARG A 421 10.66 -27.89 3.70
N GLN A 422 9.50 -28.47 3.92
CA GLN A 422 9.03 -29.50 3.01
C GLN A 422 8.83 -28.95 1.60
N HIS A 423 8.27 -27.74 1.48
CA HIS A 423 8.03 -27.20 0.16
C HIS A 423 9.33 -26.85 -0.53
N SER A 424 10.29 -26.30 0.20
CA SER A 424 11.61 -26.08 -0.38
C SER A 424 12.26 -27.41 -0.76
N LEU A 425 12.17 -28.42 0.10
CA LEU A 425 12.75 -29.72 -0.22
C LEU A 425 12.16 -30.29 -1.49
N ILE A 426 10.83 -30.40 -1.52
CA ILE A 426 10.17 -31.14 -2.60
C ILE A 426 10.34 -30.42 -3.93
N ARG A 427 10.26 -29.09 -3.95
CA ARG A 427 10.35 -28.42 -5.24
C ARG A 427 11.76 -28.54 -5.83
N GLN A 428 12.77 -28.43 -4.98
CA GLN A 428 14.15 -28.64 -5.43
C GLN A 428 14.34 -30.05 -6.00
N ILE A 429 13.83 -31.08 -5.32
CA ILE A 429 13.97 -32.45 -5.83
C ILE A 429 13.26 -32.59 -7.17
N ALA A 430 12.02 -32.08 -7.26
CA ALA A 430 11.29 -32.12 -8.52
C ALA A 430 12.09 -31.49 -9.67
N ASP A 431 12.84 -30.43 -9.38
CA ASP A 431 13.58 -29.74 -10.44
C ASP A 431 14.80 -30.55 -10.89
N ARG A 432 15.48 -31.21 -9.94
CA ARG A 432 16.61 -32.04 -10.31
C ARG A 432 16.16 -33.31 -11.01
N LEU A 433 14.96 -33.81 -10.71
CA LEU A 433 14.44 -34.96 -11.46
C LEU A 433 14.15 -34.61 -12.91
N ALA A 434 13.88 -33.33 -13.20
CA ALA A 434 13.65 -32.90 -14.56
C ALA A 434 14.91 -32.97 -15.40
N GLU A 435 16.07 -33.01 -14.76
CA GLU A 435 17.34 -33.16 -15.46
C GLU A 435 17.82 -34.61 -15.44
N MET B 1 -11.08 -15.21 19.66
CA MET B 1 -11.04 -15.85 20.97
C MET B 1 -10.20 -17.10 20.99
N LEU B 2 -8.91 -16.91 20.82
CA LEU B 2 -7.99 -18.03 20.83
C LEU B 2 -8.07 -18.77 22.15
N LEU B 3 -7.65 -20.03 22.10
CA LEU B 3 -7.60 -20.90 23.27
C LEU B 3 -6.15 -21.04 23.75
N GLU B 4 -5.99 -21.32 25.04
CA GLU B 4 -4.66 -21.56 25.59
C GLU B 4 -4.17 -22.94 25.19
N ARG B 5 -2.83 -23.08 25.12
CA ARG B 5 -2.21 -24.29 24.59
C ARG B 5 -2.49 -25.50 25.47
N ASP B 6 -2.26 -25.38 26.79
CA ASP B 6 -2.69 -26.43 27.71
C ASP B 6 -4.13 -26.80 27.42
N LEU B 7 -4.43 -28.10 27.51
CA LEU B 7 -5.78 -28.53 27.23
C LEU B 7 -6.74 -27.97 28.29
N ILE B 8 -6.29 -27.91 29.54
CA ILE B 8 -7.07 -27.29 30.60
C ILE B 8 -6.83 -25.78 30.54
N GLN B 9 -7.86 -25.02 30.23
CA GLN B 9 -7.75 -23.56 30.24
C GLN B 9 -7.75 -23.06 31.68
N SER B 10 -7.06 -21.94 31.91
CA SER B 10 -7.20 -21.22 33.17
C SER B 10 -8.47 -20.37 33.20
N VAL B 11 -8.78 -19.69 32.10
CA VAL B 11 -10.00 -18.89 32.07
C VAL B 11 -11.21 -19.82 32.15
N GLY B 12 -12.18 -19.44 32.98
CA GLY B 12 -13.36 -20.24 33.19
C GLY B 12 -13.31 -21.21 34.36
N PHE B 13 -12.17 -21.34 35.04
CA PHE B 13 -12.08 -22.16 36.26
C PHE B 13 -12.62 -21.35 37.42
N ARG B 14 -13.81 -21.71 37.88
CA ARG B 14 -14.57 -20.88 38.80
C ARG B 14 -15.62 -21.76 39.46
N ASN B 15 -16.06 -21.32 40.66
CA ASN B 15 -17.18 -21.97 41.32
C ASN B 15 -18.47 -21.54 40.63
N VAL B 16 -19.50 -22.39 40.71
CA VAL B 16 -20.75 -22.13 40.01
C VAL B 16 -21.87 -21.99 41.03
N ARG B 17 -22.63 -20.91 40.93
CA ARG B 17 -23.73 -20.67 41.85
C ARG B 17 -25.06 -20.77 41.11
N GLU B 18 -26.10 -20.96 41.90
CA GLU B 18 -27.49 -20.87 41.46
C GLU B 18 -28.24 -20.36 42.66
N GLY B 19 -28.93 -19.24 42.51
CA GLY B 19 -29.59 -18.61 43.64
C GLY B 19 -28.73 -18.53 44.88
N GLY B 20 -27.50 -18.02 44.72
CA GLY B 20 -26.65 -17.69 45.85
C GLY B 20 -25.85 -18.83 46.47
N GLU B 21 -26.26 -20.08 46.32
CA GLU B 21 -25.57 -21.23 46.91
C GLU B 21 -24.68 -21.89 45.85
N ILE B 22 -23.42 -22.17 46.21
CA ILE B 22 -22.49 -22.78 45.27
C ILE B 22 -22.86 -24.25 45.06
N THR B 23 -23.17 -24.60 43.82
CA THR B 23 -23.56 -25.96 43.47
C THR B 23 -22.37 -26.83 43.03
N GLY B 24 -21.24 -26.22 42.67
CA GLY B 24 -20.12 -26.97 42.13
C GLY B 24 -19.11 -26.03 41.51
N PHE B 25 -18.29 -26.56 40.61
CA PHE B 25 -17.34 -25.73 39.89
C PHE B 25 -17.19 -26.21 38.45
N GLN B 26 -16.68 -25.32 37.61
CA GLN B 26 -16.48 -25.60 36.20
C GLN B 26 -15.05 -25.32 35.81
N PHE B 27 -14.67 -25.87 34.67
CA PHE B 27 -13.44 -25.48 33.99
C PHE B 27 -13.68 -25.65 32.51
N ARG B 28 -12.73 -25.19 31.73
CA ARG B 28 -12.86 -25.23 30.28
C ARG B 28 -11.75 -26.09 29.71
N VAL B 29 -12.03 -26.75 28.59
CA VAL B 29 -11.13 -27.73 28.00
C VAL B 29 -11.09 -27.50 26.51
N ARG B 30 -9.88 -27.36 25.98
CA ARG B 30 -9.67 -27.26 24.55
C ARG B 30 -9.72 -28.67 23.93
N MET B 31 -10.56 -28.83 22.92
CA MET B 31 -10.62 -30.09 22.19
C MET B 31 -9.22 -30.49 21.71
N PRO B 32 -8.70 -31.66 22.11
CA PRO B 32 -7.34 -32.05 21.69
C PRO B 32 -7.26 -32.68 20.32
N SER B 33 -8.36 -33.21 19.81
CA SER B 33 -8.37 -33.83 18.51
C SER B 33 -8.13 -32.78 17.42
N TYR B 34 -7.82 -33.23 16.23
CA TYR B 34 -7.60 -32.26 15.18
C TYR B 34 -8.89 -31.73 14.57
N ARG B 35 -10.06 -32.16 15.06
CA ARG B 35 -11.33 -31.69 14.53
C ARG B 35 -12.30 -31.48 15.68
N GLY B 36 -13.32 -30.66 15.46
CA GLY B 36 -14.50 -30.75 16.26
C GLY B 36 -15.24 -32.04 15.93
N MET B 37 -16.14 -32.46 16.80
CA MET B 37 -16.75 -33.79 16.70
C MET B 37 -18.17 -33.75 17.18
N ALA B 38 -18.99 -34.67 16.67
CA ALA B 38 -20.31 -34.87 17.23
C ALA B 38 -20.18 -35.16 18.72
N ALA B 39 -21.05 -34.54 19.53
CA ALA B 39 -20.94 -34.71 20.98
C ALA B 39 -21.19 -36.14 21.45
N SER B 40 -21.91 -36.97 20.69
CA SER B 40 -22.08 -38.34 21.17
C SER B 40 -20.80 -39.17 21.15
N LEU B 41 -19.74 -38.70 20.48
CA LEU B 41 -18.45 -39.41 20.43
C LEU B 41 -17.58 -39.15 21.66
N ILE B 42 -18.03 -38.28 22.56
CA ILE B 42 -17.37 -38.11 23.85
C ILE B 42 -17.66 -39.32 24.71
N ASP B 43 -16.63 -39.86 25.36
CA ASP B 43 -16.83 -40.95 26.31
C ASP B 43 -16.61 -40.51 27.75
N GLY B 44 -16.54 -39.22 28.01
CA GLY B 44 -16.54 -38.71 29.37
C GLY B 44 -15.22 -38.05 29.74
N ILE B 45 -15.19 -37.49 30.95
CA ILE B 45 -13.99 -36.86 31.46
C ILE B 45 -13.91 -37.14 32.96
N GLY B 46 -12.89 -37.86 33.38
CA GLY B 46 -12.62 -37.98 34.80
C GLY B 46 -11.91 -36.74 35.31
N VAL B 47 -12.19 -36.37 36.56
CA VAL B 47 -11.68 -35.14 37.14
C VAL B 47 -11.15 -35.43 38.54
N ARG B 48 -10.03 -34.82 38.89
CA ARG B 48 -9.46 -34.99 40.21
C ARG B 48 -8.69 -33.76 40.64
N ILE B 49 -8.89 -33.34 41.89
CA ILE B 49 -7.97 -32.47 42.61
C ILE B 49 -7.67 -33.18 43.93
N PRO B 50 -6.44 -33.61 44.19
CA PRO B 50 -6.13 -34.35 45.42
C PRO B 50 -6.69 -33.70 46.67
N GLY B 51 -7.44 -34.50 47.44
CA GLY B 51 -8.03 -34.05 48.68
C GLY B 51 -9.31 -33.27 48.52
N LEU B 52 -9.74 -32.98 47.30
CA LEU B 52 -10.98 -32.24 47.14
C LEU B 52 -12.00 -32.95 46.25
N VAL B 53 -11.57 -33.48 45.11
CA VAL B 53 -12.48 -34.09 44.15
C VAL B 53 -11.81 -35.29 43.53
N ASP B 54 -12.59 -36.33 43.27
CA ASP B 54 -12.14 -37.49 42.51
C ASP B 54 -13.40 -38.13 41.96
N VAL B 55 -13.71 -37.83 40.70
CA VAL B 55 -14.96 -38.32 40.10
C VAL B 55 -14.63 -39.05 38.82
N GLY B 56 -15.48 -40.02 38.52
CA GLY B 56 -15.32 -40.81 37.32
C GLY B 56 -15.86 -40.07 36.12
N PRO B 57 -15.52 -40.60 34.93
CA PRO B 57 -15.80 -39.85 33.70
C PRO B 57 -17.29 -39.66 33.40
N ASP B 58 -18.17 -40.44 33.99
CA ASP B 58 -19.60 -40.28 33.72
C ASP B 58 -20.26 -39.26 34.63
N VAL B 59 -19.52 -38.61 35.52
CA VAL B 59 -20.10 -37.69 36.50
C VAL B 59 -20.12 -36.24 36.02
N PRO B 60 -19.07 -35.69 35.39
CA PRO B 60 -19.14 -34.27 35.01
C PRO B 60 -20.23 -34.00 33.99
N LEU B 61 -20.79 -32.79 34.04
CA LEU B 61 -21.76 -32.34 33.07
C LEU B 61 -21.08 -31.47 32.02
N TRP B 62 -21.63 -31.49 30.80
CA TRP B 62 -21.00 -30.84 29.64
C TRP B 62 -21.91 -29.77 29.06
N THR B 63 -21.39 -28.54 28.97
CA THR B 63 -22.07 -27.46 28.25
C THR B 63 -21.41 -27.30 26.87
N LEU B 64 -22.22 -27.43 25.82
CA LEU B 64 -21.78 -27.46 24.44
C LEU B 64 -22.86 -26.83 23.60
N GLN B 65 -22.49 -25.85 22.75
CA GLN B 65 -23.45 -25.15 21.90
C GLN B 65 -24.64 -24.64 22.71
N GLY B 66 -24.34 -24.13 23.88
CA GLY B 66 -25.32 -23.41 24.68
C GLY B 66 -26.12 -24.24 25.65
N GLN B 67 -25.95 -25.54 25.67
CA GLN B 67 -26.81 -26.39 26.48
C GLN B 67 -25.97 -27.34 27.31
N GLN B 68 -26.49 -27.72 28.49
CA GLN B 68 -25.76 -28.59 29.40
C GLN B 68 -26.35 -30.00 29.39
N TYR B 69 -25.48 -31.01 29.26
CA TYR B 69 -25.84 -32.41 29.10
C TYR B 69 -25.11 -33.27 30.14
N THR B 70 -25.74 -34.38 30.54
CA THR B 70 -24.97 -35.45 31.15
C THR B 70 -24.29 -36.28 30.04
N LEU B 71 -23.26 -37.03 30.44
CA LEU B 71 -22.66 -37.97 29.50
C LEU B 71 -23.72 -38.85 28.83
N ALA B 72 -24.63 -39.42 29.61
CA ALA B 72 -25.60 -40.36 29.05
C ALA B 72 -26.50 -39.68 28.04
N GLU B 73 -26.74 -38.39 28.23
CA GLU B 73 -27.48 -37.63 27.23
C GLU B 73 -26.63 -37.41 25.99
N LEU B 74 -25.36 -37.05 26.16
CA LEU B 74 -24.48 -36.88 25.01
C LEU B 74 -24.48 -38.14 24.15
N TRP B 75 -24.40 -39.32 24.78
CA TRP B 75 -24.41 -40.58 24.04
C TRP B 75 -25.65 -40.75 23.17
N ASP B 76 -26.80 -40.24 23.63
CA ASP B 76 -28.08 -40.46 22.95
C ASP B 76 -28.47 -39.33 22.02
N GLY B 77 -27.80 -38.17 22.09
CA GLY B 77 -28.22 -37.02 21.32
C GLY B 77 -27.75 -37.06 19.87
N ASP B 78 -28.40 -36.26 19.02
CA ASP B 78 -27.95 -36.10 17.64
C ASP B 78 -27.85 -34.61 17.32
N GLY B 79 -26.85 -34.25 16.53
CA GLY B 79 -26.69 -32.89 16.08
C GLY B 79 -25.92 -31.97 17.02
N VAL B 80 -25.69 -32.37 18.25
CA VAL B 80 -24.85 -31.60 19.17
C VAL B 80 -23.39 -31.90 18.90
N ARG B 81 -22.56 -30.87 19.00
CA ARG B 81 -21.15 -31.01 18.65
C ARG B 81 -20.25 -30.38 19.71
N TRP B 82 -19.02 -30.86 19.77
CA TRP B 82 -17.93 -30.15 20.39
C TRP B 82 -17.15 -29.44 19.29
N PRO B 83 -17.48 -28.20 18.99
CA PRO B 83 -16.77 -27.49 17.91
C PRO B 83 -15.35 -27.17 18.30
N LEU B 84 -14.45 -27.28 17.32
CA LEU B 84 -13.04 -27.05 17.54
C LEU B 84 -12.78 -25.66 18.11
N GLU B 85 -13.63 -24.70 17.75
CA GLU B 85 -13.45 -23.31 18.16
C GLU B 85 -13.99 -23.02 19.57
N ASP B 86 -14.66 -23.98 20.20
CA ASP B 86 -15.23 -23.78 21.54
C ASP B 86 -14.54 -24.69 22.54
N ALA B 87 -14.02 -24.12 23.60
CA ALA B 87 -13.64 -24.98 24.70
C ALA B 87 -14.90 -25.65 25.24
N ALA B 88 -14.78 -26.91 25.61
CA ALA B 88 -15.87 -27.54 26.33
C ALA B 88 -15.93 -26.97 27.74
N ILE B 89 -17.13 -26.76 28.25
CA ILE B 89 -17.31 -26.31 29.63
C ILE B 89 -17.71 -27.52 30.46
N ILE B 90 -16.87 -27.89 31.41
CA ILE B 90 -17.06 -29.09 32.23
C ILE B 90 -17.51 -28.64 33.62
N PHE B 91 -18.67 -29.12 34.07
CA PHE B 91 -19.18 -28.83 35.40
C PHE B 91 -19.03 -30.05 36.31
N VAL B 92 -18.45 -29.82 37.48
CA VAL B 92 -18.26 -30.86 38.48
C VAL B 92 -19.17 -30.54 39.66
N PRO B 93 -20.19 -31.36 39.94
CA PRO B 93 -21.08 -31.10 41.09
C PRO B 93 -20.29 -31.24 42.39
N LEU B 94 -20.34 -30.17 43.20
CA LEU B 94 -19.69 -30.22 44.51
C LEU B 94 -20.28 -29.11 45.35
N PRO B 95 -21.24 -29.42 46.22
CA PRO B 95 -21.84 -28.38 47.05
C PRO B 95 -20.77 -27.64 47.86
N GLY B 96 -20.84 -26.31 47.86
CA GLY B 96 -19.85 -25.49 48.52
C GLY B 96 -18.68 -25.11 47.63
N GLY B 97 -18.39 -25.93 46.62
CA GLY B 97 -17.37 -25.61 45.65
C GLY B 97 -15.95 -25.77 46.19
N LEU B 98 -15.04 -24.99 45.61
CA LEU B 98 -13.63 -25.06 45.94
C LEU B 98 -13.19 -23.80 46.67
N PRO B 99 -12.21 -23.91 47.58
CA PRO B 99 -11.58 -22.72 48.13
C PRO B 99 -10.78 -21.95 47.10
N ASP B 100 -10.56 -20.68 47.40
CA ASP B 100 -9.64 -19.86 46.61
C ASP B 100 -8.27 -20.49 46.53
N GLY B 101 -7.61 -20.28 45.41
CA GLY B 101 -6.23 -20.67 45.31
C GLY B 101 -5.96 -21.32 43.97
N VAL B 102 -4.77 -21.85 43.90
CA VAL B 102 -4.36 -22.67 42.77
C VAL B 102 -4.67 -24.11 43.12
N HIS B 103 -5.21 -24.84 42.14
CA HIS B 103 -5.56 -26.23 42.32
C HIS B 103 -4.90 -27.04 41.23
N GLU B 104 -4.49 -28.24 41.58
CA GLU B 104 -3.78 -29.11 40.66
C GLU B 104 -4.81 -30.05 40.03
N LEU B 105 -5.39 -29.60 38.90
CA LEU B 105 -6.46 -30.29 38.21
C LEU B 105 -5.90 -31.34 37.26
N SER B 106 -6.34 -32.58 37.46
CA SER B 106 -6.01 -33.71 36.60
C SER B 106 -7.28 -34.20 35.93
N ILE B 107 -7.24 -34.32 34.61
CA ILE B 107 -8.42 -34.77 33.87
C ILE B 107 -8.05 -36.03 33.10
N GLU B 108 -9.06 -36.86 32.87
CA GLU B 108 -8.94 -38.04 32.02
C GLU B 108 -10.09 -37.95 31.02
N LEU B 109 -9.82 -37.34 29.87
CA LEU B 109 -10.80 -37.13 28.81
C LEU B 109 -10.70 -38.27 27.81
N ARG B 110 -11.85 -38.84 27.43
CA ARG B 110 -11.91 -39.94 26.47
C ARG B 110 -12.74 -39.54 25.27
N LEU B 111 -12.30 -39.95 24.07
CA LEU B 111 -12.95 -39.63 22.81
C LEU B 111 -13.00 -40.87 21.94
N ARG B 112 -14.07 -41.04 21.16
CA ARG B 112 -14.23 -42.18 20.28
C ARG B 112 -13.95 -41.73 18.85
N MET B 113 -12.83 -42.18 18.28
CA MET B 113 -12.51 -41.97 16.87
C MET B 113 -12.80 -43.28 16.13
N SER B 114 -13.80 -43.27 15.25
CA SER B 114 -14.24 -44.51 14.59
C SER B 114 -13.17 -45.10 13.66
N TYR B 115 -12.28 -44.28 13.13
CA TYR B 115 -11.30 -44.74 12.16
C TYR B 115 -10.10 -45.42 12.83
N ILE B 116 -10.10 -45.55 14.14
CA ILE B 116 -8.98 -46.19 14.84
C ILE B 116 -9.47 -47.54 15.36
N PRO B 117 -8.65 -48.59 15.28
CA PRO B 117 -9.08 -49.91 15.73
C PRO B 117 -9.56 -49.94 17.19
N GLN B 118 -10.61 -50.74 17.42
CA GLN B 118 -11.22 -50.84 18.76
C GLN B 118 -10.20 -51.12 19.86
N GLU B 119 -9.18 -51.92 19.56
CA GLU B 119 -8.20 -52.30 20.58
C GLU B 119 -7.35 -51.11 21.03
N HIS B 120 -7.49 -49.96 20.36
CA HIS B 120 -6.76 -48.74 20.70
C HIS B 120 -7.70 -47.59 21.05
N GLN B 121 -8.92 -47.91 21.47
CA GLN B 121 -9.94 -46.93 21.77
C GLN B 121 -10.60 -47.25 23.09
N PRO B 122 -11.18 -46.26 23.78
CA PRO B 122 -11.27 -44.85 23.37
C PRO B 122 -9.95 -44.13 23.41
N SER B 123 -9.83 -43.08 22.60
CA SER B 123 -8.68 -42.19 22.66
C SER B 123 -8.69 -41.47 24.00
N THR B 124 -7.55 -41.42 24.67
CA THR B 124 -7.50 -40.92 26.03
C THR B 124 -6.40 -39.88 26.19
N TYR B 125 -6.71 -38.85 26.96
CA TYR B 125 -5.83 -37.71 27.19
C TYR B 125 -5.81 -37.46 28.69
N ARG B 126 -4.65 -37.63 29.31
CA ARG B 126 -4.44 -37.36 30.72
C ARG B 126 -3.51 -36.16 30.81
N VAL B 127 -4.02 -35.07 31.35
CA VAL B 127 -3.20 -33.91 31.64
C VAL B 127 -3.53 -33.45 33.04
N THR B 128 -2.55 -32.84 33.68
CA THR B 128 -2.64 -32.24 35.00
C THR B 128 -2.19 -30.79 34.87
N LYS B 129 -2.88 -29.87 35.55
CA LYS B 129 -2.42 -28.49 35.49
C LYS B 129 -2.82 -27.73 36.74
N HIS B 130 -1.93 -26.86 37.20
CA HIS B 130 -2.24 -25.94 38.29
C HIS B 130 -2.98 -24.76 37.69
N VAL B 131 -4.23 -24.59 38.08
CA VAL B 131 -5.09 -23.53 37.56
C VAL B 131 -5.68 -22.80 38.74
N THR B 132 -5.83 -21.47 38.61
CA THR B 132 -6.26 -20.63 39.72
C THR B 132 -7.74 -20.33 39.60
N LEU B 133 -8.49 -20.72 40.62
CA LEU B 133 -9.91 -20.43 40.67
C LEU B 133 -10.16 -18.94 40.57
N ALA B 134 -11.22 -18.56 39.87
CA ALA B 134 -11.62 -17.16 39.88
C ALA B 134 -11.95 -16.73 41.31
N PRO B 135 -11.49 -15.56 41.74
CA PRO B 135 -11.54 -15.20 43.17
C PRO B 135 -12.93 -15.24 43.78
N GLU B 136 -13.02 -15.91 44.93
CA GLU B 136 -14.20 -15.82 45.75
C GLU B 136 -14.13 -14.66 46.73
N ALA B 137 -12.92 -14.28 47.16
CA ALA B 137 -12.73 -13.23 48.16
C ALA B 137 -13.11 -11.84 47.66
N SER B 138 -13.57 -10.99 48.58
CA SER B 138 -14.14 -9.71 48.22
C SER B 138 -13.08 -8.75 47.67
N GLY B 139 -11.96 -8.62 48.35
CA GLY B 139 -10.94 -7.67 47.97
C GLY B 139 -11.24 -6.24 48.32
N ALA B 140 -12.38 -5.95 48.93
CA ALA B 140 -12.66 -4.58 49.32
C ALA B 140 -11.58 -4.12 50.30
N PRO B 141 -11.31 -2.81 50.36
CA PRO B 141 -12.00 -1.71 49.66
C PRO B 141 -11.42 -1.36 48.28
N PHE B 142 -10.43 -2.11 47.83
CA PHE B 142 -9.81 -1.76 46.57
C PHE B 142 -10.71 -2.16 45.40
N ARG B 143 -10.42 -1.58 44.24
CA ARG B 143 -11.01 -1.99 42.98
C ARG B 143 -9.95 -2.73 42.15
N TYR B 144 -10.39 -3.62 41.26
CA TYR B 144 -9.50 -4.59 40.65
C TYR B 144 -9.51 -4.46 39.13
N GLY B 145 -8.29 -4.44 38.55
CA GLY B 145 -8.13 -4.24 37.13
C GLY B 145 -6.90 -4.99 36.64
N VAL B 146 -6.73 -4.97 35.33
CA VAL B 146 -5.63 -5.63 34.67
C VAL B 146 -5.17 -4.72 33.55
N SER B 147 -3.87 -4.49 33.45
CA SER B 147 -3.35 -3.82 32.26
C SER B 147 -2.98 -4.85 31.23
N LEU B 148 -3.33 -4.60 29.97
CA LEU B 148 -2.88 -5.46 28.87
C LEU B 148 -1.37 -5.53 28.78
N TYR B 149 -0.65 -4.63 29.45
CA TYR B 149 0.80 -4.76 29.59
C TYR B 149 1.18 -6.07 30.24
N SER B 150 0.32 -6.60 31.13
CA SER B 150 0.56 -7.91 31.71
C SER B 150 0.73 -8.98 30.64
N TYR B 151 0.04 -8.84 29.52
CA TYR B 151 0.04 -9.86 28.49
C TYR B 151 1.03 -9.57 27.37
N MET B 152 2.07 -8.80 27.66
CA MET B 152 3.04 -8.43 26.61
C MET B 152 3.69 -9.69 26.01
N SER B 153 3.92 -9.68 24.69
CA SER B 153 4.50 -10.82 23.93
C SER B 153 3.36 -11.81 23.59
N ASP B 154 2.51 -12.17 24.56
CA ASP B 154 1.31 -13.01 24.27
C ASP B 154 0.38 -12.19 23.39
N TYR B 155 0.23 -10.90 23.70
CA TYR B 155 -0.63 -10.01 22.89
C TYR B 155 -0.09 -9.93 21.46
N GLY B 156 -0.94 -10.27 20.52
CA GLY B 156 -0.52 -10.26 19.14
C GLY B 156 0.13 -11.54 18.65
N THR B 157 0.40 -12.51 19.52
CA THR B 157 0.95 -13.80 19.11
C THR B 157 0.05 -14.96 19.49
N VAL B 158 -0.45 -14.99 20.74
CA VAL B 158 -1.40 -16.00 21.17
C VAL B 158 -2.69 -15.38 21.70
N MET B 159 -2.82 -14.05 21.60
CA MET B 159 -3.90 -13.38 22.30
C MET B 159 -4.36 -12.19 21.49
N ASP B 160 -5.66 -12.00 21.41
CA ASP B 160 -6.14 -10.78 20.81
C ASP B 160 -6.95 -10.03 21.88
N LEU B 161 -7.57 -8.94 21.46
CA LEU B 161 -8.23 -8.03 22.40
C LEU B 161 -9.34 -8.74 23.15
N GLU B 162 -10.21 -9.45 22.42
CA GLU B 162 -11.37 -10.05 23.08
C GLU B 162 -10.95 -11.15 24.02
N THR B 163 -9.93 -11.92 23.64
CA THR B 163 -9.40 -12.96 24.50
C THR B 163 -8.86 -12.37 25.80
N ALA B 164 -8.10 -11.29 25.68
CA ALA B 164 -7.62 -10.56 26.85
C ALA B 164 -8.77 -10.16 27.76
N MET B 165 -9.78 -9.50 27.21
CA MET B 165 -10.90 -9.01 28.01
C MET B 165 -11.66 -10.16 28.68
N ALA B 166 -11.90 -11.24 27.94
CA ALA B 166 -12.53 -12.40 28.56
C ALA B 166 -11.77 -12.85 29.80
N SER B 167 -10.44 -12.87 29.72
CA SER B 167 -9.64 -13.33 30.86
C SER B 167 -9.72 -12.36 32.04
N ILE B 168 -9.86 -11.07 31.77
CA ILE B 168 -9.96 -10.07 32.85
C ILE B 168 -11.32 -10.17 33.52
N ALA B 169 -12.39 -10.25 32.71
CA ALA B 169 -13.75 -10.43 33.24
C ALA B 169 -13.86 -11.66 34.13
N ASP B 170 -13.26 -12.78 33.71
CA ASP B 170 -13.40 -14.02 34.45
C ASP B 170 -12.78 -13.91 35.85
N LEU B 171 -11.67 -13.16 35.93
CA LEU B 171 -11.02 -12.86 37.19
C LEU B 171 -11.93 -12.05 38.12
N GLY B 172 -13.07 -11.57 37.64
CA GLY B 172 -13.88 -10.67 38.42
C GLY B 172 -13.30 -9.27 38.52
N ALA B 173 -12.33 -8.94 37.69
CA ALA B 173 -11.86 -7.56 37.62
C ALA B 173 -12.84 -6.72 36.84
N THR B 174 -12.84 -5.43 37.10
CA THR B 174 -13.74 -4.55 36.39
C THR B 174 -13.04 -3.52 35.52
N GLY B 175 -11.73 -3.32 35.70
CA GLY B 175 -11.02 -2.24 35.05
C GLY B 175 -10.03 -2.82 34.03
N ILE B 176 -10.00 -2.23 32.84
CA ILE B 176 -9.03 -2.58 31.83
C ILE B 176 -8.15 -1.36 31.57
N GLU B 177 -6.84 -1.55 31.73
CA GLU B 177 -5.84 -0.55 31.40
C GLU B 177 -5.11 -0.98 30.14
N ILE B 178 -4.86 -0.04 29.23
CA ILE B 178 -4.14 -0.36 28.00
C ILE B 178 -3.00 0.63 27.82
N LEU B 179 -2.14 0.31 26.84
CA LEU B 179 -1.13 1.23 26.36
C LEU B 179 -1.58 1.69 24.99
N GLY B 180 -1.72 3.01 24.82
CA GLY B 180 -2.27 3.54 23.58
C GLY B 180 -1.50 3.11 22.35
N GLU B 181 -0.17 3.23 22.39
CA GLU B 181 0.66 2.87 21.23
C GLU B 181 0.91 1.38 21.10
N ALA B 182 0.32 0.57 21.99
CA ALA B 182 0.42 -0.87 21.90
C ALA B 182 -0.84 -1.47 21.32
N HIS B 183 -1.98 -1.20 21.94
CA HIS B 183 -3.22 -1.95 21.77
C HIS B 183 -4.28 -1.21 21.00
N VAL B 184 -4.02 0.01 20.50
CA VAL B 184 -4.95 0.71 19.62
C VAL B 184 -4.47 0.50 18.20
N PRO B 185 -5.10 -0.34 17.41
CA PRO B 185 -4.60 -0.59 16.06
C PRO B 185 -4.76 0.62 15.18
N ASN B 186 -3.80 0.79 14.26
CA ASN B 186 -3.65 1.99 13.47
C ASN B 186 -3.50 3.24 14.35
N TYR B 187 -2.82 3.12 15.49
CA TYR B 187 -2.63 4.29 16.36
C TYR B 187 -1.97 5.41 15.55
N PRO B 188 -2.44 6.66 15.69
CA PRO B 188 -3.44 7.17 16.62
C PRO B 188 -4.79 7.32 15.97
N ASN B 189 -5.03 6.62 14.86
CA ASN B 189 -6.28 6.77 14.10
C ASN B 189 -7.05 5.45 14.04
N PRO B 190 -7.59 4.98 15.16
CA PRO B 190 -8.40 3.75 15.11
C PRO B 190 -9.63 4.01 14.26
N SER B 191 -10.03 2.97 13.54
CA SER B 191 -11.20 3.04 12.66
C SER B 191 -12.48 3.09 13.49
N ASP B 192 -13.52 3.72 12.93
CA ASP B 192 -14.83 3.73 13.58
C ASP B 192 -15.30 2.30 13.85
N GLU B 193 -14.96 1.35 12.98
CA GLU B 193 -15.37 -0.04 13.22
C GLU B 193 -14.65 -0.61 14.45
N TRP B 194 -13.35 -0.35 14.57
CA TRP B 194 -12.64 -0.82 15.76
C TRP B 194 -13.16 -0.15 17.02
N VAL B 195 -13.46 1.15 16.96
CA VAL B 195 -13.91 1.83 18.18
C VAL B 195 -15.28 1.31 18.61
N GLU B 196 -16.19 1.14 17.65
CA GLU B 196 -17.48 0.53 17.97
C GLU B 196 -17.32 -0.86 18.59
N GLN B 197 -16.39 -1.66 18.06
CA GLN B 197 -16.24 -3.01 18.61
C GLN B 197 -15.60 -2.98 19.98
N TRP B 198 -14.72 -2.02 20.22
CA TRP B 198 -14.15 -1.79 21.54
C TRP B 198 -15.26 -1.59 22.57
N PHE B 199 -16.20 -0.68 22.28
CA PHE B 199 -17.28 -0.42 23.22
C PHE B 199 -18.25 -1.60 23.30
N ALA B 200 -18.45 -2.31 22.20
CA ALA B 200 -19.22 -3.55 22.30
C ALA B 200 -18.55 -4.51 23.28
N LEU B 201 -17.24 -4.72 23.12
CA LEU B 201 -16.53 -5.69 23.93
C LEU B 201 -16.62 -5.33 25.42
N LEU B 202 -16.37 -4.07 25.76
CA LEU B 202 -16.40 -3.65 27.16
C LEU B 202 -17.76 -3.92 27.79
N SER B 203 -18.82 -3.57 27.07
CA SER B 203 -20.16 -3.88 27.55
C SER B 203 -20.32 -5.38 27.74
N THR B 204 -19.93 -6.17 26.73
CA THR B 204 -20.07 -7.61 26.82
C THR B 204 -19.36 -8.14 28.06
N TYR B 205 -18.12 -7.73 28.28
CA TYR B 205 -17.34 -8.27 29.38
C TYR B 205 -17.43 -7.44 30.66
N GLY B 206 -18.28 -6.42 30.70
CA GLY B 206 -18.51 -5.73 31.96
C GLY B 206 -17.31 -4.97 32.47
N LEU B 207 -16.44 -4.53 31.57
CA LEU B 207 -15.22 -3.85 31.98
C LEU B 207 -15.33 -2.35 31.76
N GLU B 208 -14.51 -1.59 32.51
CA GLU B 208 -14.48 -0.14 32.32
C GLU B 208 -13.07 0.33 32.04
N PRO B 209 -12.88 1.24 31.08
CA PRO B 209 -11.52 1.75 30.82
C PRO B 209 -11.01 2.57 32.00
N THR B 210 -9.79 2.25 32.44
CA THR B 210 -9.17 2.96 33.56
C THR B 210 -8.03 3.82 33.05
N ASN B 211 -6.82 3.28 32.93
CA ASN B 211 -5.64 4.04 32.53
C ASN B 211 -5.25 3.72 31.08
N MET B 212 -4.96 4.77 30.32
CA MET B 212 -4.30 4.62 29.03
C MET B 212 -2.86 5.06 29.19
N GLY B 213 -1.94 4.12 28.96
CA GLY B 213 -0.54 4.47 28.95
C GLY B 213 -0.20 5.31 27.72
N SER B 214 0.72 6.26 27.92
CA SER B 214 1.03 7.25 26.92
C SER B 214 2.52 7.60 27.05
N TRP B 215 3.09 8.20 26.01
CA TRP B 215 4.51 8.55 26.02
C TRP B 215 4.77 9.93 25.46
N ILE B 216 5.83 10.54 25.98
CA ILE B 216 6.38 11.77 25.46
C ILE B 216 7.83 11.43 25.14
N ASP B 217 8.09 11.14 23.86
CA ASP B 217 9.38 10.60 23.45
C ASP B 217 10.29 11.76 23.06
N THR B 218 10.95 12.30 24.08
CA THR B 218 11.84 13.44 23.89
C THR B 218 12.98 13.14 22.93
N ARG B 219 13.32 11.87 22.72
CA ARG B 219 14.42 11.53 21.84
C ARG B 219 13.94 11.15 20.43
N LEU B 220 12.70 11.51 20.12
CA LEU B 220 12.10 11.25 18.80
C LEU B 220 13.08 11.41 17.63
N HIS B 221 13.79 12.53 17.54
CA HIS B 221 14.78 12.64 16.47
C HIS B 221 16.18 12.92 17.02
N SER B 222 16.66 12.07 17.92
CA SER B 222 17.98 12.20 18.53
C SER B 222 19.12 11.64 17.68
N SER B 223 18.84 10.96 16.57
CA SER B 223 19.89 10.34 15.78
C SER B 223 20.02 11.01 14.41
N GLY B 224 21.18 10.82 13.78
CA GLY B 224 21.39 11.28 12.43
C GLY B 224 21.99 12.66 12.37
N PRO B 225 22.31 13.13 11.15
CA PRO B 225 22.99 14.43 11.04
C PRO B 225 22.08 15.57 11.38
N ASN B 226 20.78 15.40 11.13
CA ASN B 226 19.79 16.45 11.32
C ASN B 226 19.10 16.28 12.66
N GLY B 227 19.87 15.84 13.66
CA GLY B 227 19.29 15.60 14.96
C GLY B 227 18.78 16.88 15.60
N ARG B 228 17.73 16.71 16.40
CA ARG B 228 17.11 17.83 17.10
C ARG B 228 16.52 17.32 18.40
N ASP B 229 15.92 18.23 19.15
CA ASP B 229 15.33 17.87 20.43
C ASP B 229 13.84 18.16 20.37
N MET B 230 13.08 17.54 21.26
CA MET B 230 11.63 17.73 21.31
C MET B 230 11.30 19.05 22.01
N THR B 231 10.60 19.94 21.30
CA THR B 231 10.13 21.20 21.88
C THR B 231 8.90 20.99 22.75
N VAL B 232 8.63 21.98 23.63
CA VAL B 232 7.45 21.96 24.49
C VAL B 232 6.16 21.81 23.68
N GLU B 233 6.06 22.55 22.58
CA GLU B 233 4.83 22.58 21.81
C GLU B 233 4.58 21.23 21.15
N GLU B 234 5.65 20.58 20.70
CA GLU B 234 5.54 19.23 20.16
C GLU B 234 5.20 18.24 21.26
N GLY B 235 5.86 18.38 22.42
CA GLY B 235 5.56 17.51 23.53
C GLY B 235 4.12 17.66 23.99
N ALA B 236 3.67 18.91 24.13
CA ALA B 236 2.29 19.14 24.54
C ALA B 236 1.30 18.71 23.47
N ALA B 237 1.63 18.86 22.18
CA ALA B 237 0.75 18.36 21.14
C ALA B 237 0.61 16.84 21.21
N ALA B 238 1.70 16.13 21.55
CA ALA B 238 1.65 14.68 21.71
C ALA B 238 0.84 14.27 22.92
N LEU B 239 0.98 14.99 24.03
CA LEU B 239 0.15 14.71 25.21
C LEU B 239 -1.32 15.01 24.94
N GLN B 240 -1.62 16.17 24.35
CA GLN B 240 -3.01 16.52 24.07
C GLN B 240 -3.63 15.52 23.12
N ARG B 241 -2.81 14.96 22.23
CA ARG B 241 -3.26 13.93 21.31
CA ARG B 241 -3.26 13.93 21.31
C ARG B 241 -3.66 12.67 22.06
N ASP B 242 -2.86 12.24 23.03
CA ASP B 242 -3.26 11.06 23.78
C ASP B 242 -4.41 11.35 24.72
N LEU B 243 -4.50 12.56 25.25
CA LEU B 243 -5.67 12.90 26.08
C LEU B 243 -6.97 12.70 25.30
N ARG B 244 -7.01 13.18 24.06
CA ARG B 244 -8.23 13.06 23.26
C ARG B 244 -8.52 11.59 22.94
N LEU B 245 -7.49 10.84 22.54
CA LEU B 245 -7.67 9.41 22.28
C LEU B 245 -8.22 8.71 23.51
N ALA B 246 -7.63 9.00 24.68
CA ALA B 246 -8.08 8.35 25.90
C ALA B 246 -9.55 8.69 26.20
N LYS B 247 -9.93 9.95 26.02
CA LYS B 247 -11.33 10.32 26.22
C LYS B 247 -12.23 9.61 25.22
N ARG B 248 -11.83 9.58 23.95
CA ARG B 248 -12.68 8.97 22.95
C ARG B 248 -12.91 7.49 23.24
N LEU B 249 -11.93 6.84 23.86
CA LEU B 249 -12.01 5.44 24.24
C LEU B 249 -12.53 5.25 25.65
N GLY B 250 -12.79 6.34 26.37
CA GLY B 250 -13.45 6.26 27.65
C GLY B 250 -12.57 6.06 28.85
N PHE B 251 -11.26 6.29 28.74
CA PHE B 251 -10.41 6.15 29.91
C PHE B 251 -10.58 7.35 30.81
N ARG B 252 -10.22 7.19 32.08
CA ARG B 252 -10.25 8.30 33.00
C ARG B 252 -8.87 8.80 33.38
N PHE B 253 -7.81 8.01 33.13
CA PHE B 253 -6.45 8.40 33.44
C PHE B 253 -5.58 8.31 32.19
N VAL B 254 -4.59 9.18 32.11
CA VAL B 254 -3.52 9.06 31.13
C VAL B 254 -2.19 9.18 31.84
N ARG B 255 -1.34 8.15 31.71
CA ARG B 255 -0.01 8.15 32.27
C ARG B 255 1.01 8.52 31.19
N PRO B 256 1.43 9.78 31.09
CA PRO B 256 2.53 10.11 30.15
C PRO B 256 3.85 9.65 30.73
N LYS B 257 4.54 8.78 29.99
CA LYS B 257 5.91 8.37 30.34
C LYS B 257 6.86 9.33 29.61
N ILE B 258 7.43 10.29 30.37
CA ILE B 258 8.28 11.33 29.81
C ILE B 258 9.71 10.82 29.73
N GLY B 259 10.38 11.09 28.61
CA GLY B 259 11.79 10.76 28.49
C GLY B 259 12.61 11.41 29.59
N VAL B 260 13.65 10.71 30.02
CA VAL B 260 14.44 11.10 31.19
C VAL B 260 15.79 11.65 30.73
N VAL B 261 16.52 12.23 31.68
CA VAL B 261 17.86 12.79 31.30
C VAL B 261 18.92 12.25 32.27
N SER B 262 18.53 11.35 33.18
CA SER B 262 19.48 10.89 34.23
C SER B 262 19.09 9.54 34.84
N SER B 263 19.96 8.99 35.70
CA SER B 263 19.74 7.68 36.35
C SER B 263 18.72 7.64 37.48
N ASP B 264 18.52 8.77 38.17
CA ASP B 264 17.41 8.92 39.14
C ASP B 264 16.14 9.19 38.32
N LEU B 265 16.24 9.07 36.99
CA LEU B 265 15.06 9.18 36.10
C LEU B 265 14.40 10.55 36.26
N ILE B 266 15.19 11.61 36.23
CA ILE B 266 14.60 12.96 36.24
C ILE B 266 14.03 13.22 34.85
N PRO B 267 12.73 13.53 34.75
CA PRO B 267 12.13 13.82 33.45
C PRO B 267 12.86 14.94 32.72
N HIS B 268 12.74 14.94 31.40
CA HIS B 268 13.25 15.99 30.54
C HIS B 268 12.75 17.35 31.00
N PRO B 269 13.56 18.41 30.88
CA PRO B 269 13.13 19.74 31.35
C PRO B 269 11.78 20.18 30.81
N ILE B 270 11.41 19.79 29.58
CA ILE B 270 10.16 20.30 29.05
C ILE B 270 8.93 19.74 29.73
N TRP B 271 9.10 18.74 30.60
CA TRP B 271 7.93 18.05 31.14
C TRP B 271 6.98 19.02 31.83
N THR B 272 7.52 20.04 32.51
CA THR B 272 6.64 20.92 33.30
C THR B 272 5.74 21.75 32.39
N GLU B 273 6.29 22.32 31.33
CA GLU B 273 5.46 23.12 30.45
C GLU B 273 4.55 22.27 29.59
N VAL B 274 5.00 21.08 29.20
CA VAL B 274 4.14 20.17 28.46
C VAL B 274 2.88 19.87 29.27
N VAL B 275 3.06 19.54 30.55
CA VAL B 275 1.92 19.24 31.41
C VAL B 275 1.08 20.49 31.65
N GLU B 276 1.72 21.63 31.99
CA GLU B 276 0.96 22.83 32.25
C GLU B 276 0.20 23.27 31.01
N ALA B 277 0.80 23.12 29.83
CA ALA B 277 0.10 23.41 28.59
C ALA B 277 -1.02 22.42 28.29
N SER B 278 -1.10 21.30 29.02
CA SER B 278 -2.12 20.31 28.75
C SER B 278 -3.23 20.22 29.80
N LEU B 279 -3.12 20.91 30.92
CA LEU B 279 -4.11 20.77 32.00
C LEU B 279 -5.51 21.25 31.63
N PRO B 280 -5.67 22.38 30.93
CA PRO B 280 -7.02 22.77 30.48
C PRO B 280 -7.76 21.70 29.68
N LEU B 281 -7.10 21.10 28.68
CA LEU B 281 -7.78 20.07 27.88
C LEU B 281 -8.10 18.83 28.71
N ALA B 282 -7.21 18.43 29.62
CA ALA B 282 -7.54 17.32 30.50
C ALA B 282 -8.70 17.68 31.41
N GLU B 283 -8.77 18.95 31.82
CA GLU B 283 -9.94 19.42 32.55
C GLU B 283 -11.18 19.43 31.68
N GLU B 284 -11.06 19.90 30.43
CA GLU B 284 -12.22 19.96 29.56
C GLU B 284 -12.72 18.56 29.20
N LEU B 285 -11.82 17.57 29.17
CA LEU B 285 -12.19 16.21 28.86
C LEU B 285 -12.50 15.39 30.09
N ASP B 286 -12.23 15.92 31.29
CA ASP B 286 -12.38 15.17 32.53
C ASP B 286 -11.55 13.89 32.51
N VAL B 287 -10.28 14.03 32.11
CA VAL B 287 -9.29 12.97 32.15
C VAL B 287 -8.15 13.45 33.05
N ILE B 288 -7.73 12.59 33.98
CA ILE B 288 -6.65 12.90 34.92
C ILE B 288 -5.31 12.50 34.30
N ILE B 289 -4.34 13.40 34.38
CA ILE B 289 -2.96 13.15 33.96
C ILE B 289 -2.18 12.72 35.20
N CYS B 290 -1.71 11.47 35.20
CA CYS B 290 -0.96 10.92 36.34
C CYS B 290 0.36 10.28 35.90
N PRO B 291 1.48 10.96 36.08
CA PRO B 291 2.78 10.33 35.86
C PRO B 291 3.06 9.23 36.87
N GLU B 292 3.91 8.30 36.46
CA GLU B 292 4.09 7.03 37.14
C GLU B 292 5.39 7.04 37.94
N ILE B 293 5.31 6.71 39.22
CA ILE B 293 6.48 6.49 40.06
C ILE B 293 6.91 5.04 39.88
N HIS B 294 7.95 4.81 39.06
CA HIS B 294 8.53 3.49 38.84
C HIS B 294 9.93 3.41 39.46
N SER B 295 10.25 2.25 40.00
CA SER B 295 11.61 1.95 40.42
C SER B 295 12.57 2.27 39.27
N PRO B 296 13.74 2.88 39.55
CA PRO B 296 14.36 3.12 40.87
C PRO B 296 13.96 4.43 41.54
N THR B 297 12.93 5.12 41.09
CA THR B 297 12.49 6.33 41.78
C THR B 297 11.65 5.97 43.00
N PRO B 298 12.08 6.33 44.22
CA PRO B 298 11.31 6.02 45.41
C PRO B 298 10.18 7.04 45.56
N ILE B 299 9.40 6.89 46.63
CA ILE B 299 8.41 7.92 46.91
C ILE B 299 9.11 9.23 47.33
N LYS B 300 10.21 9.11 48.08
CA LYS B 300 10.94 10.24 48.69
C LYS B 300 12.00 10.76 47.71
N HIS B 301 11.59 11.64 46.81
CA HIS B 301 12.49 12.02 45.73
C HIS B 301 11.99 13.32 45.14
N GLU B 302 12.91 14.11 44.59
CA GLU B 302 12.49 15.39 44.03
C GLU B 302 11.45 15.21 42.94
N VAL B 303 11.52 14.11 42.20
CA VAL B 303 10.57 13.87 41.12
C VAL B 303 9.14 13.85 41.67
N VAL B 304 8.94 13.13 42.77
CA VAL B 304 7.63 13.11 43.40
C VAL B 304 7.27 14.47 43.98
N ASP B 305 8.26 15.13 44.62
CA ASP B 305 8.02 16.45 45.21
C ASP B 305 7.55 17.44 44.16
N ASP B 306 8.25 17.48 43.02
CA ASP B 306 7.88 18.42 41.97
C ASP B 306 6.49 18.12 41.42
N TYR B 307 6.12 16.84 41.37
CA TYR B 307 4.78 16.49 40.92
C TYR B 307 3.73 17.09 41.85
N ILE B 308 3.86 16.82 43.14
CA ILE B 308 2.94 17.38 44.13
C ILE B 308 3.03 18.91 44.15
N ALA B 309 4.21 19.45 43.87
CA ALA B 309 4.34 20.90 43.80
C ALA B 309 3.55 21.48 42.64
N LEU B 310 3.46 20.74 41.53
CA LEU B 310 2.67 21.20 40.39
C LEU B 310 1.17 21.24 40.72
N ILE B 311 0.66 20.17 41.35
CA ILE B 311 -0.75 20.12 41.76
C ILE B 311 -1.13 21.40 42.50
N ARG B 312 -0.24 21.88 43.36
CA ARG B 312 -0.55 22.96 44.28
C ARG B 312 -0.37 24.33 43.65
N ARG B 313 0.67 24.50 42.85
CA ARG B 313 0.85 25.77 42.16
C ARG B 313 -0.24 26.01 41.11
N THR B 314 -0.85 24.94 40.58
CA THR B 314 -1.89 25.06 39.57
C THR B 314 -3.30 24.98 40.12
N GLY B 315 -3.49 24.33 41.27
CA GLY B 315 -4.80 24.08 41.79
C GLY B 315 -5.55 22.97 41.09
N THR B 316 -4.98 22.36 40.05
CA THR B 316 -5.72 21.40 39.24
C THR B 316 -6.20 20.22 40.06
N LYS B 317 -7.35 19.68 39.65
CA LYS B 317 -7.81 18.36 40.11
C LYS B 317 -7.59 17.29 39.05
N HIS B 318 -6.90 17.62 37.97
CA HIS B 318 -6.67 16.69 36.87
C HIS B 318 -5.20 16.37 36.71
N PHE B 319 -4.49 16.33 37.83
CA PHE B 319 -3.11 15.88 37.84
C PHE B 319 -2.92 15.08 39.10
N GLY B 320 -2.29 13.93 38.98
CA GLY B 320 -2.18 13.02 40.09
C GLY B 320 -0.95 12.15 39.96
N LEU B 321 -0.76 11.31 40.96
CA LEU B 321 0.34 10.37 41.00
C LEU B 321 -0.15 8.99 40.64
N LEU B 322 0.60 8.31 39.78
CA LEU B 322 0.40 6.88 39.56
C LEU B 322 1.53 6.15 40.25
N LEU B 323 1.19 5.25 41.14
CA LEU B 323 2.19 4.47 41.87
C LEU B 323 2.32 3.10 41.23
N ASP B 324 3.56 2.68 40.97
CA ASP B 324 3.90 1.32 40.54
C ASP B 324 4.46 0.54 41.73
N THR B 325 3.78 -0.54 42.11
CA THR B 325 4.13 -1.27 43.34
C THR B 325 5.49 -1.94 43.30
N GLY B 326 6.21 -1.91 42.18
CA GLY B 326 7.57 -2.42 42.18
C GLY B 326 8.52 -1.63 43.07
N ILE B 327 8.25 -0.33 43.26
CA ILE B 327 9.07 0.44 44.19
C ILE B 327 9.08 -0.19 45.59
N PHE B 328 8.07 -1.01 45.92
CA PHE B 328 8.02 -1.73 47.18
C PHE B 328 8.70 -3.10 47.15
N GLN B 329 9.32 -3.48 46.03
CA GLN B 329 9.99 -4.77 45.93
C GLN B 329 11.07 -4.90 47.01
N ASP B 330 11.04 -5.99 47.77
CA ASP B 330 11.99 -6.21 48.87
C ASP B 330 12.86 -7.43 48.67
N ARG B 331 12.77 -8.08 47.51
CA ARG B 331 13.55 -9.26 47.19
C ARG B 331 13.95 -9.18 45.72
N PRO B 332 15.04 -9.85 45.34
CA PRO B 332 15.56 -9.69 43.97
C PRO B 332 14.84 -10.55 42.94
N ILE B 333 14.64 -9.95 41.77
CA ILE B 333 14.32 -10.71 40.55
C ILE B 333 15.46 -11.67 40.27
N PRO B 334 15.23 -12.94 39.93
CA PRO B 334 16.35 -13.87 39.75
C PRO B 334 17.21 -13.52 38.54
N LEU B 335 18.44 -14.04 38.54
CA LEU B 335 19.34 -13.76 37.43
C LEU B 335 18.83 -14.50 36.20
N LYS B 336 18.63 -13.73 35.13
CA LYS B 336 18.17 -14.32 33.88
C LYS B 336 19.17 -15.35 33.39
N PRO B 337 18.73 -16.33 32.57
CA PRO B 337 19.64 -17.39 32.10
C PRO B 337 20.92 -16.85 31.46
N GLY B 338 22.06 -17.08 32.11
CA GLY B 338 23.35 -16.71 31.59
C GLY B 338 23.91 -15.38 32.08
N GLU B 339 23.14 -14.63 32.87
CA GLU B 339 23.55 -13.30 33.33
C GLU B 339 24.78 -13.36 34.24
N LEU B 340 25.28 -12.20 34.66
CA LEU B 340 26.42 -12.14 35.56
C LEU B 340 26.03 -11.43 36.86
N PRO B 341 26.38 -12.00 38.03
CA PRO B 341 26.12 -11.32 39.31
C PRO B 341 26.79 -9.95 39.44
N GLY B 342 25.99 -8.88 39.33
CA GLY B 342 26.46 -7.51 39.43
C GLY B 342 26.34 -6.73 38.13
N GLN B 343 26.44 -7.42 36.99
CA GLN B 343 26.40 -6.75 35.68
C GLN B 343 25.03 -6.15 35.39
N ARG B 344 23.96 -6.76 35.90
CA ARG B 344 22.58 -6.31 35.73
C ARG B 344 22.39 -4.89 36.25
N PRO B 345 21.25 -4.25 36.00
CA PRO B 345 20.94 -2.99 36.69
C PRO B 345 20.76 -3.18 38.19
N ALA B 346 21.06 -2.13 38.96
CA ALA B 346 21.11 -2.26 40.41
C ALA B 346 19.74 -2.49 41.01
N PHE B 347 18.75 -1.66 40.63
CA PHE B 347 17.44 -1.66 41.26
C PHE B 347 16.64 -2.94 41.02
N LEU B 348 17.01 -3.72 40.00
CA LEU B 348 16.30 -4.97 39.74
C LEU B 348 16.36 -5.93 40.93
N ASP B 349 17.18 -5.63 41.93
CA ASP B 349 17.18 -6.36 43.18
C ASP B 349 16.15 -5.81 44.17
N GLY B 350 15.47 -4.72 43.81
CA GLY B 350 14.44 -4.13 44.63
C GLY B 350 14.94 -2.93 45.41
N ILE B 351 14.14 -1.86 45.46
CA ILE B 351 14.55 -0.66 46.21
C ILE B 351 13.85 -0.51 47.55
N HIS B 352 12.89 -1.37 47.88
CA HIS B 352 12.43 -1.54 49.27
C HIS B 352 11.83 -0.26 49.84
N VAL B 353 11.07 0.48 49.03
CA VAL B 353 10.39 1.66 49.57
C VAL B 353 9.48 1.26 50.71
N ASP B 354 9.52 2.03 51.80
CA ASP B 354 8.70 1.72 52.96
C ASP B 354 7.24 1.88 52.58
N PRO B 355 6.40 0.88 52.81
CA PRO B 355 4.98 1.02 52.46
C PRO B 355 4.31 2.18 53.16
N ASN B 356 4.78 2.56 54.35
CA ASN B 356 4.18 3.69 55.06
C ASN B 356 4.39 5.00 54.34
N ASP B 357 5.38 5.11 53.46
CA ASP B 357 5.59 6.38 52.77
C ASP B 357 4.42 6.77 51.90
N VAL B 358 3.41 5.90 51.74
CA VAL B 358 2.27 6.30 50.94
C VAL B 358 1.38 7.28 51.70
N PHE B 359 1.43 7.27 53.04
CA PHE B 359 0.60 8.18 53.83
C PHE B 359 0.85 9.63 53.45
N ASP B 360 2.10 9.98 53.11
CA ASP B 360 2.41 11.36 52.79
C ASP B 360 2.01 11.74 51.36
N VAL B 361 1.82 10.76 50.48
CA VAL B 361 1.46 11.08 49.10
C VAL B 361 0.03 10.66 48.76
N ILE B 362 -0.65 9.93 49.64
CA ILE B 362 -1.85 9.20 49.25
C ILE B 362 -2.96 10.10 48.74
N GLU B 363 -3.04 11.34 49.25
CA GLU B 363 -4.15 12.19 48.84
C GLU B 363 -4.08 12.53 47.35
N ASN B 364 -2.92 12.42 46.73
CA ASN B 364 -2.74 12.67 45.31
C ASN B 364 -2.47 11.41 44.51
N VAL B 365 -2.62 10.24 45.12
CA VAL B 365 -2.47 8.96 44.41
C VAL B 365 -3.81 8.60 43.81
N VAL B 366 -3.88 8.56 42.48
CA VAL B 366 -5.13 8.33 41.79
C VAL B 366 -5.24 6.91 41.22
N PHE B 367 -4.14 6.17 41.08
CA PHE B 367 -4.16 4.91 40.38
C PHE B 367 -2.92 4.11 40.78
N ILE B 368 -3.06 2.80 40.85
CA ILE B 368 -1.96 1.93 41.25
C ILE B 368 -1.82 0.78 40.28
N GLN B 369 -0.65 0.69 39.65
CA GLN B 369 -0.28 -0.47 38.88
C GLN B 369 0.34 -1.51 39.80
N ALA B 370 -0.29 -2.68 39.88
CA ALA B 370 0.16 -3.77 40.73
C ALA B 370 1.17 -4.57 39.94
N LYS B 371 2.38 -4.05 39.89
CA LYS B 371 3.49 -4.73 39.26
C LYS B 371 3.90 -5.92 40.14
N PHE B 372 4.08 -7.06 39.51
CA PHE B 372 4.57 -8.26 40.16
C PHE B 372 5.37 -9.03 39.12
N HIS B 373 6.10 -10.06 39.56
CA HIS B 373 6.93 -10.81 38.61
C HIS B 373 6.64 -12.30 38.64
N ASP B 374 6.26 -12.83 39.79
CA ASP B 374 6.27 -14.27 39.96
C ASP B 374 5.53 -14.66 41.24
N ILE B 375 4.46 -15.44 41.09
CA ILE B 375 3.67 -15.94 42.21
C ILE B 375 3.46 -17.43 41.96
N ASP B 376 3.86 -18.26 42.93
CA ASP B 376 3.86 -19.70 42.73
C ASP B 376 2.53 -20.31 43.17
N GLU B 377 2.48 -21.65 43.23
CA GLU B 377 1.22 -22.37 43.38
C GLU B 377 0.63 -22.27 44.78
N GLU B 378 1.40 -21.81 45.76
CA GLU B 378 0.86 -21.53 47.09
C GLU B 378 0.67 -20.03 47.31
N LEU B 379 0.56 -19.27 46.23
CA LEU B 379 0.26 -17.84 46.26
C LEU B 379 1.35 -17.06 46.99
N ASP B 380 2.59 -17.52 46.83
CA ASP B 380 3.78 -16.87 47.38
C ASP B 380 4.34 -15.95 46.29
N ASP B 381 4.22 -14.64 46.48
CA ASP B 381 4.86 -13.68 45.58
C ASP B 381 6.33 -13.53 45.96
N LYS B 382 7.21 -13.76 45.00
CA LYS B 382 8.64 -13.84 45.27
C LYS B 382 9.34 -12.49 45.30
N GLN B 383 8.63 -11.39 45.07
CA GLN B 383 9.31 -10.10 45.02
C GLN B 383 8.59 -9.03 45.82
N ILE B 384 7.27 -9.10 45.91
CA ILE B 384 6.51 -7.95 46.35
C ILE B 384 5.82 -8.23 47.68
N PRO B 385 6.23 -7.57 48.75
CA PRO B 385 5.56 -7.81 50.04
C PRO B 385 4.14 -7.27 50.04
N TRP B 386 3.17 -8.09 49.63
CA TRP B 386 1.83 -7.56 49.38
C TRP B 386 1.12 -7.22 50.68
N GLU B 387 1.26 -8.04 51.71
CA GLU B 387 0.53 -7.77 52.95
C GLU B 387 0.84 -6.40 53.55
N PRO B 388 2.11 -5.98 53.75
CA PRO B 388 2.33 -4.62 54.26
C PRO B 388 2.01 -3.52 53.25
N VAL B 389 2.24 -3.77 51.96
CA VAL B 389 1.83 -2.81 50.94
C VAL B 389 0.33 -2.59 50.99
N LEU B 390 -0.42 -3.69 51.08
CA LEU B 390 -1.87 -3.60 51.03
C LEU B 390 -2.42 -3.03 52.33
N LYS B 391 -1.80 -3.39 53.46
CA LYS B 391 -2.25 -2.85 54.74
C LYS B 391 -1.99 -1.34 54.81
N ALA B 392 -0.80 -0.91 54.38
CA ALA B 392 -0.54 0.52 54.33
C ALA B 392 -1.55 1.22 53.44
N LEU B 393 -1.86 0.64 52.27
CA LEU B 393 -2.79 1.28 51.34
C LEU B 393 -4.19 1.39 51.95
N LYS B 394 -4.62 0.36 52.68
CA LYS B 394 -5.93 0.38 53.31
C LYS B 394 -5.98 1.40 54.44
N ASP B 395 -4.98 1.40 55.31
CA ASP B 395 -4.97 2.34 56.42
C ASP B 395 -4.81 3.78 55.93
N ALA B 396 -4.15 4.00 54.80
CA ALA B 396 -4.04 5.33 54.24
C ALA B 396 -5.30 5.81 53.55
N GLY B 397 -6.30 4.95 53.37
CA GLY B 397 -7.57 5.35 52.79
C GLY B 397 -7.72 5.14 51.29
N TYR B 398 -6.86 4.35 50.66
CA TYR B 398 -6.93 4.16 49.21
C TYR B 398 -8.09 3.24 48.85
N THR B 399 -9.00 3.73 48.01
CA THR B 399 -10.13 2.92 47.55
C THR B 399 -10.15 2.80 46.02
N GLY B 400 -9.03 3.05 45.35
CA GLY B 400 -8.96 3.01 43.91
C GLY B 400 -8.59 1.65 43.34
N TYR B 401 -8.06 1.67 42.12
CA TYR B 401 -7.78 0.46 41.36
C TYR B 401 -6.38 -0.05 41.66
N LEU B 402 -6.23 -1.38 41.63
CA LEU B 402 -4.93 -2.05 41.57
C LEU B 402 -4.88 -2.80 40.26
N SER B 403 -4.11 -2.29 39.31
CA SER B 403 -4.15 -2.74 37.93
C SER B 403 -2.96 -3.66 37.67
N SER B 404 -3.25 -4.93 37.38
CA SER B 404 -2.20 -5.92 37.20
C SER B 404 -1.20 -5.49 36.15
N GLU B 405 0.11 -5.64 36.47
CA GLU B 405 1.19 -5.44 35.49
C GLU B 405 2.19 -6.59 35.70
N TYR B 406 1.83 -7.76 35.15
CA TYR B 406 2.74 -8.89 35.14
C TYR B 406 3.99 -8.54 34.34
N GLU B 407 5.15 -8.76 34.96
CA GLU B 407 6.43 -8.47 34.33
C GLU B 407 7.42 -9.58 34.59
N GLY B 408 6.94 -10.82 34.69
CA GLY B 408 7.82 -11.95 34.84
C GLY B 408 8.27 -12.45 33.48
N GLU B 409 8.84 -13.65 33.50
CA GLU B 409 9.27 -14.30 32.28
C GLU B 409 8.12 -14.37 31.29
N ARG B 410 8.38 -13.95 30.05
CA ARG B 410 7.37 -13.93 28.99
C ARG B 410 7.27 -15.28 28.28
N GLU B 411 7.19 -16.37 29.05
CA GLU B 411 6.84 -17.66 28.47
C GLU B 411 5.44 -17.60 27.87
N PRO B 412 5.22 -18.10 26.66
CA PRO B 412 3.87 -18.08 26.09
C PRO B 412 2.84 -18.60 27.09
N TRP B 413 1.78 -17.82 27.26
CA TRP B 413 0.62 -18.06 28.13
C TRP B 413 0.88 -17.88 29.62
N ARG B 414 2.13 -17.81 30.07
CA ARG B 414 2.37 -17.78 31.51
C ARG B 414 1.69 -16.59 32.19
N SER B 415 1.59 -15.44 31.51
CA SER B 415 0.97 -14.27 32.12
C SER B 415 -0.47 -14.54 32.57
N ILE B 416 -1.15 -15.50 31.96
CA ILE B 416 -2.56 -15.68 32.28
C ILE B 416 -2.73 -16.21 33.70
N GLU B 417 -2.10 -17.37 34.00
CA GLU B 417 -2.10 -17.94 35.35
C GLU B 417 -1.52 -16.94 36.35
N GLN B 418 -0.46 -16.25 35.96
CA GLN B 418 0.20 -15.30 36.84
C GLN B 418 -0.76 -14.21 37.29
N VAL B 419 -1.46 -13.54 36.35
CA VAL B 419 -2.40 -12.51 36.76
C VAL B 419 -3.50 -13.07 37.66
N ARG B 420 -4.03 -14.27 37.34
CA ARG B 420 -5.09 -14.84 38.18
C ARG B 420 -4.61 -15.05 39.61
N ARG B 421 -3.41 -15.59 39.77
CA ARG B 421 -2.82 -15.71 41.11
C ARG B 421 -2.69 -14.35 41.78
N GLN B 422 -2.33 -13.33 41.01
CA GLN B 422 -2.18 -12.01 41.62
C GLN B 422 -3.49 -11.52 42.23
N HIS B 423 -4.58 -11.56 41.45
CA HIS B 423 -5.88 -11.14 41.96
C HIS B 423 -6.38 -12.04 43.09
N SER B 424 -6.07 -13.33 43.03
CA SER B 424 -6.50 -14.21 44.12
C SER B 424 -5.75 -13.89 45.42
N LEU B 425 -4.42 -13.74 45.34
CA LEU B 425 -3.62 -13.40 46.51
C LEU B 425 -4.09 -12.10 47.16
N ILE B 426 -4.23 -11.04 46.36
CA ILE B 426 -4.49 -9.71 46.88
C ILE B 426 -5.89 -9.62 47.48
N ARG B 427 -6.89 -10.15 46.76
CA ARG B 427 -8.24 -10.15 47.27
C ARG B 427 -8.32 -10.94 48.58
N GLN B 428 -7.57 -12.02 48.68
CA GLN B 428 -7.57 -12.81 49.91
C GLN B 428 -6.87 -12.06 51.05
N ILE B 429 -5.67 -11.52 50.79
CA ILE B 429 -5.01 -10.68 51.79
C ILE B 429 -5.95 -9.58 52.24
N ALA B 430 -6.46 -8.80 51.27
CA ALA B 430 -7.38 -7.70 51.58
C ALA B 430 -8.48 -8.14 52.52
N ASP B 431 -9.03 -9.34 52.30
CA ASP B 431 -10.12 -9.84 53.13
C ASP B 431 -9.66 -10.10 54.56
N ARG B 432 -8.41 -10.54 54.74
CA ARG B 432 -7.87 -10.76 56.08
C ARG B 432 -7.67 -9.46 56.83
N LEU B 433 -7.23 -8.41 56.14
CA LEU B 433 -7.12 -7.09 56.76
C LEU B 433 -8.47 -6.57 57.19
N ALA B 434 -9.55 -7.03 56.57
CA ALA B 434 -10.89 -6.69 57.02
C ALA B 434 -11.23 -7.29 58.38
N GLU B 435 -10.41 -8.21 58.85
CA GLU B 435 -10.52 -8.77 60.19
C GLU B 435 -9.45 -8.13 61.08
N MET C 1 12.19 16.22 -19.40
CA MET C 1 11.38 17.44 -19.37
C MET C 1 10.29 17.48 -20.45
N LEU C 2 9.07 17.68 -19.99
CA LEU C 2 7.92 17.82 -20.87
C LEU C 2 8.10 19.00 -21.82
N LEU C 3 7.41 18.94 -22.95
CA LEU C 3 7.41 20.06 -23.87
C LEU C 3 6.05 20.76 -23.82
N GLU C 4 6.03 22.02 -24.26
CA GLU C 4 4.78 22.74 -24.42
C GLU C 4 4.08 22.26 -25.69
N ARG C 5 2.74 22.33 -25.70
CA ARG C 5 1.97 21.82 -26.83
C ARG C 5 2.20 22.63 -28.10
N ASP C 6 2.23 23.97 -28.02
CA ASP C 6 2.57 24.76 -29.19
C ASP C 6 3.93 24.30 -29.70
N LEU C 7 4.02 24.10 -31.02
CA LEU C 7 5.29 23.64 -31.57
C LEU C 7 6.42 24.60 -31.19
N ILE C 8 6.16 25.89 -31.24
CA ILE C 8 7.13 26.91 -30.83
C ILE C 8 7.11 27.02 -29.31
N GLN C 9 8.25 26.71 -28.68
CA GLN C 9 8.33 26.80 -27.23
C GLN C 9 8.51 28.25 -26.80
N SER C 10 7.86 28.65 -25.70
CA SER C 10 8.21 29.91 -25.05
C SER C 10 9.58 29.82 -24.41
N VAL C 11 9.82 28.83 -23.56
CA VAL C 11 11.13 28.70 -22.94
C VAL C 11 12.20 28.54 -24.02
N GLY C 12 13.33 29.25 -23.86
CA GLY C 12 14.44 29.20 -24.80
C GLY C 12 14.46 30.28 -25.88
N PHE C 13 13.45 31.15 -25.93
CA PHE C 13 13.41 32.26 -26.87
C PHE C 13 14.19 33.42 -26.30
N ARG C 14 15.38 33.67 -26.85
CA ARG C 14 16.34 34.56 -26.20
C ARG C 14 17.36 35.02 -27.22
N ASN C 15 18.02 36.13 -26.90
CA ASN C 15 19.12 36.55 -27.74
C ASN C 15 20.36 35.74 -27.41
N VAL C 16 21.23 35.58 -28.40
CA VAL C 16 22.41 34.72 -28.31
C VAL C 16 23.65 35.59 -28.39
N ARG C 17 24.59 35.35 -27.49
CA ARG C 17 25.80 36.14 -27.39
CA ARG C 17 25.81 36.15 -27.38
C ARG C 17 27.03 35.25 -27.52
N GLU C 18 28.09 35.80 -28.11
CA GLU C 18 29.41 35.18 -28.14
C GLU C 18 30.38 36.31 -27.86
N GLY C 19 30.90 36.38 -26.64
CA GLY C 19 31.87 37.40 -26.31
C GLY C 19 31.29 38.75 -25.96
N GLY C 20 30.05 38.80 -25.48
CA GLY C 20 29.38 40.02 -25.13
C GLY C 20 28.48 40.58 -26.21
N GLU C 21 28.80 40.34 -27.47
CA GLU C 21 28.03 40.89 -28.58
C GLU C 21 26.94 39.91 -29.04
N ILE C 22 25.75 40.43 -29.33
CA ILE C 22 24.63 39.58 -29.70
C ILE C 22 24.77 39.17 -31.16
N THR C 23 24.76 37.87 -31.41
CA THR C 23 24.91 37.34 -32.75
C THR C 23 23.58 37.07 -33.44
N GLY C 24 22.58 36.68 -32.68
CA GLY C 24 21.28 36.39 -33.25
C GLY C 24 20.33 36.06 -32.13
N PHE C 25 19.27 35.35 -32.47
CA PHE C 25 18.36 34.87 -31.46
C PHE C 25 18.04 33.41 -31.74
N GLN C 26 17.60 32.71 -30.71
CA GLN C 26 17.22 31.33 -30.86
C GLN C 26 15.81 31.09 -30.33
N PHE C 27 15.27 29.94 -30.68
CA PHE C 27 14.02 29.51 -30.13
C PHE C 27 13.93 28.01 -30.32
N ARG C 28 13.07 27.38 -29.54
CA ARG C 28 13.00 25.93 -29.50
C ARG C 28 11.72 25.44 -30.16
N VAL C 29 11.82 24.31 -30.87
CA VAL C 29 10.68 23.75 -31.61
C VAL C 29 10.55 22.28 -31.25
N ARG C 30 9.35 21.85 -30.91
CA ARG C 30 9.13 20.44 -30.69
C ARG C 30 8.74 19.72 -31.98
N MET C 31 9.29 18.54 -32.15
CA MET C 31 8.99 17.69 -33.29
C MET C 31 7.48 17.57 -33.47
N PRO C 32 6.92 17.86 -34.68
CA PRO C 32 5.47 17.71 -34.89
C PRO C 32 5.07 16.35 -35.39
N SER C 33 6.02 15.62 -35.95
CA SER C 33 5.82 14.25 -36.42
C SER C 33 5.64 13.31 -35.22
N TYR C 34 5.20 12.09 -35.50
CA TYR C 34 4.94 11.14 -34.42
C TYR C 34 6.17 10.35 -34.01
N ARG C 35 7.35 10.69 -34.53
CA ARG C 35 8.61 10.06 -34.14
C ARG C 35 9.72 11.10 -34.24
N GLY C 36 10.81 10.86 -33.50
CA GLY C 36 12.07 11.48 -33.86
C GLY C 36 12.55 10.93 -35.19
N MET C 37 13.44 11.67 -35.85
CA MET C 37 13.92 11.32 -37.18
C MET C 37 15.39 11.63 -37.33
N ALA C 38 15.99 10.96 -38.34
CA ALA C 38 17.35 11.29 -38.77
C ALA C 38 17.39 12.74 -39.22
N ALA C 39 18.38 13.50 -38.73
CA ALA C 39 18.42 14.94 -39.02
C ALA C 39 18.57 15.26 -40.51
N SER C 40 19.08 14.33 -41.33
CA SER C 40 19.19 14.59 -42.76
C SER C 40 17.83 14.72 -43.44
N LEU C 41 16.77 14.24 -42.80
CA LEU C 41 15.40 14.33 -43.31
C LEU C 41 14.74 15.67 -43.00
N ILE C 42 15.41 16.53 -42.25
CA ILE C 42 14.98 17.92 -42.11
C ILE C 42 15.17 18.64 -43.44
N ASP C 43 14.19 19.44 -43.84
CA ASP C 43 14.31 20.19 -45.08
C ASP C 43 14.27 21.69 -44.83
N GLY C 44 14.33 22.13 -43.59
CA GLY C 44 14.54 23.53 -43.27
C GLY C 44 13.39 24.10 -42.46
N ILE C 45 13.53 25.38 -42.14
CA ILE C 45 12.54 26.12 -41.37
C ILE C 45 12.71 27.58 -41.75
N GLY C 46 11.71 28.17 -42.40
CA GLY C 46 11.66 29.60 -42.56
C GLY C 46 11.15 30.25 -41.29
N VAL C 47 11.63 31.47 -41.03
CA VAL C 47 11.37 32.16 -39.78
C VAL C 47 11.00 33.61 -40.08
N ARG C 48 10.00 34.12 -39.35
CA ARG C 48 9.52 35.48 -39.59
C ARG C 48 9.02 36.12 -38.31
N ILE C 49 9.51 37.32 -38.04
CA ILE C 49 8.86 38.26 -37.14
C ILE C 49 8.63 39.50 -38.01
N PRO C 50 7.37 39.86 -38.30
CA PRO C 50 7.09 41.01 -39.15
C PRO C 50 7.84 42.27 -38.72
N GLY C 51 8.51 42.90 -39.68
CA GLY C 51 9.25 44.11 -39.42
C GLY C 51 10.61 43.92 -38.82
N LEU C 52 10.96 42.71 -38.40
CA LEU C 52 12.27 42.45 -37.81
C LEU C 52 13.04 41.34 -38.51
N VAL C 53 12.38 40.27 -38.94
CA VAL C 53 13.06 39.06 -39.41
C VAL C 53 12.25 38.43 -40.51
N ASP C 54 12.91 38.05 -41.61
CA ASP C 54 12.29 37.19 -42.61
C ASP C 54 13.41 36.48 -43.35
N VAL C 55 13.61 35.19 -43.07
CA VAL C 55 14.64 34.37 -43.70
C VAL C 55 14.00 33.06 -44.15
N GLY C 56 14.53 32.50 -45.23
CA GLY C 56 13.98 31.29 -45.79
C GLY C 56 14.50 30.03 -45.11
N PRO C 57 13.97 28.88 -45.55
CA PRO C 57 14.21 27.64 -44.79
C PRO C 57 15.68 27.25 -44.65
N ASP C 58 16.57 27.72 -45.52
CA ASP C 58 17.94 27.24 -45.46
C ASP C 58 18.83 28.10 -44.57
N VAL C 59 18.30 29.15 -43.95
CA VAL C 59 19.17 30.10 -43.27
C VAL C 59 19.41 29.74 -41.80
N PRO C 60 18.41 29.38 -41.00
CA PRO C 60 18.70 29.14 -39.57
C PRO C 60 19.63 27.96 -39.35
N LEU C 61 20.38 28.01 -38.25
CA LEU C 61 21.20 26.91 -37.77
C LEU C 61 20.43 26.02 -36.80
N TRP C 62 20.90 24.79 -36.64
CA TRP C 62 20.16 23.78 -35.87
C TRP C 62 21.09 23.15 -34.84
N THR C 63 20.76 23.28 -33.57
CA THR C 63 21.46 22.52 -32.54
C THR C 63 20.66 21.26 -32.24
N LEU C 64 21.24 20.10 -32.52
CA LEU C 64 20.64 18.80 -32.30
C LEU C 64 21.68 17.90 -31.67
N GLN C 65 21.32 17.27 -30.55
CA GLN C 65 22.23 16.39 -29.83
C GLN C 65 23.59 17.06 -29.60
N GLY C 66 23.56 18.27 -29.05
CA GLY C 66 24.76 18.95 -28.58
C GLY C 66 25.63 19.65 -29.62
N GLN C 67 25.30 19.58 -30.92
CA GLN C 67 26.09 20.25 -31.94
C GLN C 67 25.19 21.10 -32.82
N GLN C 68 25.79 22.08 -33.49
CA GLN C 68 25.07 23.03 -34.33
C GLN C 68 25.45 22.85 -35.78
N TYR C 69 24.43 22.88 -36.65
CA TYR C 69 24.59 22.57 -38.05
C TYR C 69 23.86 23.58 -38.91
N THR C 70 24.41 23.81 -40.11
CA THR C 70 23.67 24.38 -41.21
C THR C 70 22.76 23.34 -41.85
N LEU C 71 21.77 23.83 -42.59
CA LEU C 71 20.87 22.89 -43.27
C LEU C 71 21.63 22.00 -44.23
N ALA C 72 22.58 22.56 -44.96
CA ALA C 72 23.34 21.76 -45.90
C ALA C 72 24.12 20.68 -45.16
N GLU C 73 24.61 21.00 -43.97
CA GLU C 73 25.30 19.99 -43.18
C GLU C 73 24.36 18.86 -42.79
N LEU C 74 23.19 19.19 -42.22
CA LEU C 74 22.19 18.18 -41.87
C LEU C 74 21.94 17.24 -43.04
N TRP C 75 21.83 17.79 -44.25
CA TRP C 75 21.56 16.99 -45.44
C TRP C 75 22.65 15.96 -45.73
N ASP C 76 23.91 16.26 -45.44
CA ASP C 76 24.98 15.29 -45.69
C ASP C 76 25.34 14.48 -44.44
N GLY C 77 24.85 14.87 -43.27
CA GLY C 77 25.21 14.18 -42.05
C GLY C 77 24.63 12.76 -41.99
N ASP C 78 25.27 11.92 -41.19
CA ASP C 78 24.81 10.56 -40.91
C ASP C 78 24.77 10.39 -39.40
N GLY C 79 23.71 9.77 -38.90
CA GLY C 79 23.64 9.41 -37.49
C GLY C 79 23.16 10.49 -36.56
N VAL C 80 23.03 11.71 -37.02
CA VAL C 80 22.47 12.78 -36.20
C VAL C 80 20.96 12.72 -36.29
N ARG C 81 20.30 12.97 -35.17
CA ARG C 81 18.86 12.83 -35.07
C ARG C 81 18.22 14.07 -34.46
N TRP C 82 16.97 14.29 -34.82
CA TRP C 82 16.10 15.12 -34.00
C TRP C 82 15.29 14.18 -33.11
N PRO C 83 15.64 14.01 -31.84
CA PRO C 83 14.91 13.06 -31.00
C PRO C 83 13.60 13.68 -30.54
N LEU C 84 12.58 12.82 -30.42
CA LEU C 84 11.25 13.25 -30.02
C LEU C 84 11.24 13.95 -28.67
N GLU C 85 12.10 13.52 -27.74
CA GLU C 85 12.16 14.10 -26.42
C GLU C 85 12.91 15.42 -26.39
N ASP C 86 13.56 15.83 -27.49
CA ASP C 86 14.35 17.06 -27.52
C ASP C 86 13.62 18.11 -28.35
N ALA C 87 13.60 19.34 -27.88
CA ALA C 87 13.23 20.43 -28.77
C ALA C 87 14.41 20.75 -29.67
N ALA C 88 14.16 20.93 -30.96
CA ALA C 88 15.19 21.51 -31.82
C ALA C 88 15.53 22.92 -31.34
N ILE C 89 16.80 23.27 -31.31
CA ILE C 89 17.21 24.64 -30.95
C ILE C 89 17.55 25.36 -32.24
N ILE C 90 16.72 26.32 -32.64
CA ILE C 90 16.84 27.01 -33.91
C ILE C 90 17.54 28.33 -33.66
N PHE C 91 18.59 28.61 -34.42
CA PHE C 91 19.33 29.86 -34.31
C PHE C 91 19.19 30.66 -35.61
N VAL C 92 18.77 31.92 -35.48
CA VAL C 92 18.62 32.82 -36.61
C VAL C 92 19.70 33.89 -36.52
N PRO C 93 20.66 33.95 -37.44
CA PRO C 93 21.65 35.04 -37.42
C PRO C 93 20.98 36.38 -37.67
N LEU C 94 21.23 37.34 -36.78
CA LEU C 94 20.67 38.68 -36.78
C LEU C 94 21.46 39.52 -35.80
N PRO C 95 22.51 40.20 -36.26
CA PRO C 95 23.38 40.95 -35.33
C PRO C 95 22.60 41.98 -34.52
N GLY C 96 22.96 42.08 -33.25
CA GLY C 96 22.24 42.93 -32.32
C GLY C 96 21.01 42.28 -31.74
N GLY C 97 20.45 41.28 -32.41
CA GLY C 97 19.37 40.50 -31.87
C GLY C 97 18.01 41.15 -32.02
N LEU C 98 17.12 40.69 -31.18
CA LEU C 98 15.74 41.12 -31.01
C LEU C 98 15.64 42.07 -29.83
N PRO C 99 14.71 43.01 -29.89
CA PRO C 99 14.43 43.85 -28.71
C PRO C 99 13.51 43.13 -27.74
N ASP C 100 13.61 43.52 -26.48
CA ASP C 100 12.76 42.94 -25.45
C ASP C 100 11.31 43.01 -25.88
N GLY C 101 10.52 42.01 -25.47
CA GLY C 101 9.10 42.10 -25.61
C GLY C 101 8.53 40.83 -26.17
N VAL C 102 7.29 40.93 -26.66
CA VAL C 102 6.51 39.82 -27.19
C VAL C 102 6.54 39.93 -28.69
N HIS C 103 6.95 38.88 -29.38
CA HIS C 103 7.16 38.91 -30.81
C HIS C 103 6.28 37.86 -31.48
N GLU C 104 5.64 38.24 -32.58
CA GLU C 104 4.81 37.31 -33.33
C GLU C 104 5.71 36.48 -34.24
N LEU C 105 6.10 35.29 -33.75
CA LEU C 105 7.01 34.42 -34.46
C LEU C 105 6.22 33.50 -35.38
N SER C 106 6.61 33.48 -36.66
CA SER C 106 6.01 32.60 -37.63
C SER C 106 7.09 31.71 -38.23
N ILE C 107 6.83 30.40 -38.27
CA ILE C 107 7.77 29.43 -38.81
C ILE C 107 7.09 28.65 -39.92
N GLU C 108 7.90 28.18 -40.87
CA GLU C 108 7.48 27.19 -41.86
C GLU C 108 8.48 26.04 -41.78
N LEU C 109 8.11 24.97 -41.07
CA LEU C 109 8.98 23.82 -40.85
C LEU C 109 8.76 22.76 -41.90
N ARG C 110 9.84 22.17 -42.39
CA ARG C 110 9.75 21.16 -43.43
C ARG C 110 10.49 19.89 -43.01
N LEU C 111 9.85 18.74 -43.23
CA LEU C 111 10.38 17.41 -42.94
C LEU C 111 10.05 16.47 -44.09
N ARG C 112 10.94 15.52 -44.37
CA ARG C 112 10.74 14.57 -45.45
C ARG C 112 10.29 13.23 -44.87
N MET C 113 9.06 12.80 -45.23
CA MET C 113 8.60 11.45 -44.92
C MET C 113 8.73 10.60 -46.17
N SER C 114 9.72 9.71 -46.19
CA SER C 114 9.94 8.84 -47.33
C SER C 114 8.74 7.96 -47.63
N TYR C 115 7.87 7.71 -46.65
CA TYR C 115 6.71 6.87 -46.84
C TYR C 115 5.50 7.64 -47.35
N ILE C 116 5.66 8.93 -47.66
CA ILE C 116 4.59 9.72 -48.27
C ILE C 116 4.92 9.92 -49.75
N PRO C 117 3.94 9.76 -50.65
CA PRO C 117 4.19 9.98 -52.07
C PRO C 117 4.77 11.36 -52.36
N GLN C 118 5.68 11.41 -53.33
CA GLN C 118 6.60 12.54 -53.49
C GLN C 118 5.89 13.84 -53.88
N GLU C 119 4.78 13.76 -54.63
CA GLU C 119 4.08 14.98 -55.01
C GLU C 119 3.42 15.66 -53.82
N HIS C 120 3.14 14.92 -52.75
CA HIS C 120 2.66 15.48 -51.49
C HIS C 120 3.80 15.75 -50.51
N GLN C 121 4.96 16.15 -51.00
CA GLN C 121 6.13 16.23 -50.15
C GLN C 121 7.01 17.40 -50.56
N PRO C 122 7.69 18.05 -49.59
CA PRO C 122 7.82 17.66 -48.18
C PRO C 122 6.57 17.86 -47.34
N SER C 123 6.63 17.38 -46.11
CA SER C 123 5.61 17.70 -45.12
C SER C 123 5.92 19.09 -44.57
N THR C 124 4.88 19.91 -44.38
CA THR C 124 5.09 21.31 -44.04
C THR C 124 4.19 21.72 -42.87
N TYR C 125 4.80 22.38 -41.89
CA TYR C 125 4.11 22.83 -40.68
C TYR C 125 4.30 24.31 -40.53
N ARG C 126 3.25 25.08 -40.72
CA ARG C 126 3.28 26.51 -40.53
C ARG C 126 2.53 26.80 -39.24
N VAL C 127 3.19 27.44 -38.28
CA VAL C 127 2.52 27.94 -37.09
C VAL C 127 3.08 29.31 -36.72
N THR C 128 2.32 30.01 -35.90
CA THR C 128 2.59 31.39 -35.51
C THR C 128 2.34 31.49 -34.03
N LYS C 129 3.26 32.13 -33.29
CA LYS C 129 3.07 32.25 -31.86
C LYS C 129 3.60 33.58 -31.37
N HIS C 130 2.89 34.19 -30.43
CA HIS C 130 3.39 35.34 -29.70
C HIS C 130 4.22 34.81 -28.54
N VAL C 131 5.54 35.00 -28.60
CA VAL C 131 6.46 34.47 -27.60
C VAL C 131 7.26 35.61 -27.00
N THR C 132 7.60 35.48 -25.74
CA THR C 132 8.25 36.56 -25.01
C THR C 132 9.73 36.25 -24.87
N LEU C 133 10.56 37.18 -25.36
CA LEU C 133 11.99 36.98 -25.37
C LEU C 133 12.51 36.98 -23.93
N ALA C 134 13.49 36.13 -23.65
CA ALA C 134 14.17 36.22 -22.36
C ALA C 134 14.61 37.67 -22.15
N PRO C 135 14.32 38.26 -20.99
CA PRO C 135 14.54 39.70 -20.80
C PRO C 135 16.00 40.14 -20.95
N GLU C 136 16.21 41.23 -21.69
CA GLU C 136 17.49 41.92 -21.77
C GLU C 136 17.62 43.02 -20.74
N ALA C 137 16.51 43.58 -20.29
CA ALA C 137 16.49 44.62 -19.27
C ALA C 137 17.16 44.14 -17.99
N SER C 138 17.86 45.05 -17.31
CA SER C 138 18.54 44.68 -16.07
C SER C 138 17.55 44.47 -14.94
N GLY C 139 16.71 45.47 -14.68
CA GLY C 139 15.70 45.37 -13.64
C GLY C 139 16.17 45.73 -12.26
N ALA C 140 17.41 46.18 -12.13
CA ALA C 140 17.96 46.62 -10.85
C ALA C 140 17.03 47.68 -10.27
N PRO C 141 16.91 47.78 -8.95
CA PRO C 141 17.67 47.07 -7.94
C PRO C 141 16.96 45.84 -7.40
N PHE C 142 15.90 45.39 -8.08
CA PHE C 142 15.13 44.30 -7.50
C PHE C 142 15.82 42.96 -7.82
N ARG C 143 15.36 41.91 -7.13
CA ARG C 143 15.77 40.54 -7.41
C ARG C 143 14.55 39.80 -7.96
N TYR C 144 14.81 38.87 -8.87
CA TYR C 144 13.74 38.35 -9.73
C TYR C 144 13.53 36.86 -9.47
N GLY C 145 12.27 36.49 -9.28
CA GLY C 145 11.92 35.15 -8.83
C GLY C 145 10.59 34.73 -9.42
N VAL C 146 10.30 33.45 -9.24
CA VAL C 146 9.03 32.87 -9.66
C VAL C 146 8.58 31.89 -8.58
N SER C 147 7.34 32.04 -8.12
CA SER C 147 6.72 30.98 -7.33
C SER C 147 6.18 29.89 -8.25
N LEU C 148 6.34 28.64 -7.85
CA LEU C 148 5.68 27.56 -8.59
C LEU C 148 4.15 27.67 -8.50
N TYR C 149 3.62 28.44 -7.54
CA TYR C 149 2.19 28.82 -7.55
C TYR C 149 1.78 29.35 -8.91
N SER C 150 2.68 30.07 -9.60
CA SER C 150 2.33 30.60 -10.91
C SER C 150 1.89 29.50 -11.87
N TYR C 151 2.36 28.26 -11.64
CA TYR C 151 2.07 27.15 -12.54
C TYR C 151 1.03 26.18 -12.00
N MET C 152 0.10 26.66 -11.17
CA MET C 152 -0.92 25.82 -10.60
C MET C 152 -1.83 25.26 -11.70
N SER C 153 -2.29 24.02 -11.49
CA SER C 153 -2.99 23.19 -12.47
C SER C 153 -2.03 22.67 -13.55
N ASP C 154 -1.11 23.49 -14.06
CA ASP C 154 -0.09 22.96 -14.97
C ASP C 154 0.85 21.99 -14.25
N TYR C 155 1.24 22.34 -13.03
CA TYR C 155 2.13 21.49 -12.27
C TYR C 155 1.44 20.19 -11.94
N GLY C 156 1.96 19.08 -12.48
CA GLY C 156 1.38 17.78 -12.25
C GLY C 156 0.48 17.29 -13.35
N THR C 157 0.10 18.15 -14.31
CA THR C 157 -0.62 17.74 -15.51
C THR C 157 0.21 17.89 -16.78
N VAL C 158 0.94 19.01 -16.92
CA VAL C 158 1.79 19.28 -18.08
C VAL C 158 3.22 19.67 -17.70
N MET C 159 3.54 19.74 -16.41
CA MET C 159 4.81 20.30 -15.98
C MET C 159 5.29 19.55 -14.74
N ASP C 160 6.59 19.31 -14.65
CA ASP C 160 7.18 18.76 -13.45
C ASP C 160 8.20 19.77 -12.89
N LEU C 161 8.84 19.37 -11.79
CA LEU C 161 9.78 20.26 -11.11
C LEU C 161 10.83 20.79 -12.06
N GLU C 162 11.51 19.88 -12.77
CA GLU C 162 12.63 20.32 -13.61
C GLU C 162 12.17 21.21 -14.75
N THR C 163 11.06 20.85 -15.42
CA THR C 163 10.52 21.69 -16.47
C THR C 163 10.23 23.10 -15.97
N ALA C 164 9.68 23.22 -14.75
CA ALA C 164 9.39 24.54 -14.18
C ALA C 164 10.68 25.31 -13.88
N MET C 165 11.65 24.63 -13.29
CA MET C 165 12.94 25.25 -12.99
C MET C 165 13.62 25.76 -14.26
N ALA C 166 13.60 24.97 -15.34
CA ALA C 166 14.17 25.45 -16.60
C ALA C 166 13.48 26.71 -17.07
N SER C 167 12.16 26.79 -16.89
CA SER C 167 11.44 27.95 -17.37
C SER C 167 11.83 29.19 -16.57
N ILE C 168 12.16 29.01 -15.29
CA ILE C 168 12.52 30.11 -14.41
C ILE C 168 13.92 30.60 -14.70
N ALA C 169 14.87 29.66 -14.82
CA ALA C 169 16.23 30.00 -15.19
C ALA C 169 16.25 30.78 -16.51
N ASP C 170 15.49 30.31 -17.50
CA ASP C 170 15.48 30.95 -18.82
C ASP C 170 15.02 32.41 -18.75
N LEU C 171 14.30 32.77 -17.70
CA LEU C 171 13.82 34.14 -17.51
C LEU C 171 14.90 35.08 -16.98
N GLY C 172 16.10 34.58 -16.70
CA GLY C 172 17.01 35.39 -15.92
C GLY C 172 16.67 35.48 -14.46
N ALA C 173 15.65 34.75 -14.00
CA ALA C 173 15.30 34.80 -12.60
C ALA C 173 16.27 33.97 -11.78
N THR C 174 16.49 34.38 -10.55
CA THR C 174 17.43 33.71 -9.67
C THR C 174 16.76 32.98 -8.52
N GLY C 175 15.49 33.28 -8.23
CA GLY C 175 14.80 32.76 -7.07
C GLY C 175 13.64 31.86 -7.46
N ILE C 176 13.49 30.75 -6.75
CA ILE C 176 12.35 29.87 -6.90
C ILE C 176 11.59 29.87 -5.57
N GLU C 177 10.30 30.17 -5.62
CA GLU C 177 9.44 30.10 -4.45
C GLU C 177 8.50 28.89 -4.64
N ILE C 178 8.24 28.14 -3.58
CA ILE C 178 7.37 26.98 -3.67
C ILE C 178 6.35 27.05 -2.54
N LEU C 179 5.38 26.15 -2.59
CA LEU C 179 4.43 25.88 -1.53
C LEU C 179 4.74 24.49 -1.02
N GLY C 180 5.22 24.40 0.22
CA GLY C 180 5.66 23.13 0.78
C GLY C 180 4.64 22.01 0.61
N GLU C 181 3.41 22.22 1.08
CA GLU C 181 2.39 21.18 0.90
C GLU C 181 1.96 20.98 -0.54
N ALA C 182 2.52 21.74 -1.49
CA ALA C 182 2.20 21.53 -2.89
C ALA C 182 3.33 20.82 -3.63
N HIS C 183 4.55 21.31 -3.47
CA HIS C 183 5.63 20.94 -4.37
C HIS C 183 6.64 20.03 -3.73
N VAL C 184 6.43 19.60 -2.49
CA VAL C 184 7.32 18.68 -1.81
C VAL C 184 6.64 17.30 -1.84
N PRO C 185 7.11 16.37 -2.65
CA PRO C 185 6.46 15.04 -2.72
C PRO C 185 6.63 14.30 -1.41
N ASN C 186 5.58 13.55 -1.03
CA ASN C 186 5.50 12.88 0.27
C ASN C 186 5.67 13.84 1.44
N TYR C 187 5.23 15.09 1.28
CA TYR C 187 5.18 16.02 2.41
C TYR C 187 4.53 15.35 3.62
N PRO C 188 5.08 15.52 4.83
CA PRO C 188 6.25 16.38 5.12
C PRO C 188 7.59 15.63 5.08
N ASN C 189 7.64 14.47 4.43
CA ASN C 189 8.78 13.56 4.50
C ASN C 189 9.38 13.27 3.12
N PRO C 190 9.91 14.27 2.43
CA PRO C 190 10.49 14.01 1.11
C PRO C 190 11.63 13.03 1.26
N SER C 191 11.84 12.22 0.24
CA SER C 191 12.93 11.25 0.34
C SER C 191 14.27 11.96 0.22
N ASP C 192 15.32 11.31 0.76
CA ASP C 192 16.69 11.81 0.53
C ASP C 192 17.01 11.88 -0.95
N GLU C 193 16.39 11.02 -1.74
CA GLU C 193 16.59 11.05 -3.18
C GLU C 193 16.04 12.34 -3.78
N TRP C 194 14.82 12.70 -3.40
CA TRP C 194 14.23 13.94 -3.90
C TRP C 194 15.03 15.15 -3.44
N VAL C 195 15.38 15.18 -2.15
CA VAL C 195 16.11 16.31 -1.59
C VAL C 195 17.46 16.46 -2.28
N GLU C 196 18.16 15.34 -2.50
CA GLU C 196 19.40 15.36 -3.28
C GLU C 196 19.15 15.90 -4.68
N GLN C 197 18.12 15.39 -5.37
CA GLN C 197 17.81 15.87 -6.72
C GLN C 197 17.34 17.32 -6.71
N TRP C 198 16.64 17.77 -5.66
CA TRP C 198 16.30 19.18 -5.52
C TRP C 198 17.56 20.05 -5.55
N PHE C 199 18.56 19.71 -4.74
CA PHE C 199 19.74 20.55 -4.70
C PHE C 199 20.56 20.45 -5.98
N ALA C 200 20.52 19.31 -6.67
CA ALA C 200 21.21 19.22 -7.94
C ALA C 200 20.53 20.08 -9.00
N LEU C 201 19.20 20.09 -9.01
CA LEU C 201 18.47 20.91 -9.97
C LEU C 201 18.77 22.40 -9.77
N LEU C 202 18.73 22.85 -8.52
CA LEU C 202 19.02 24.25 -8.22
C LEU C 202 20.37 24.67 -8.79
N SER C 203 21.43 23.93 -8.43
CA SER C 203 22.76 24.22 -8.96
C SER C 203 22.77 24.17 -10.49
N THR C 204 22.12 23.16 -11.08
CA THR C 204 22.06 23.07 -12.53
C THR C 204 21.44 24.32 -13.15
N TYR C 205 20.34 24.82 -12.57
CA TYR C 205 19.62 25.90 -13.21
C TYR C 205 19.94 27.25 -12.60
N GLY C 206 20.85 27.31 -11.64
CA GLY C 206 21.30 28.58 -11.11
C GLY C 206 20.27 29.28 -10.27
N LEU C 207 19.49 28.53 -9.51
CA LEU C 207 18.38 29.08 -8.74
C LEU C 207 18.64 29.00 -7.24
N GLU C 208 18.06 29.94 -6.50
CA GLU C 208 18.16 29.90 -5.06
C GLU C 208 16.77 29.86 -4.44
N PRO C 209 16.56 29.06 -3.41
CA PRO C 209 15.25 29.00 -2.77
C PRO C 209 14.98 30.25 -1.95
N THR C 210 13.77 30.82 -2.11
CA THR C 210 13.45 32.10 -1.50
C THR C 210 12.37 31.86 -0.44
N ASN C 211 11.09 31.94 -0.79
CA ASN C 211 10.01 31.75 0.17
C ASN C 211 9.36 30.38 0.01
N MET C 212 9.03 29.74 1.13
CA MET C 212 8.26 28.50 1.13
C MET C 212 6.91 28.79 1.79
N GLY C 213 5.83 28.71 1.03
CA GLY C 213 4.50 28.88 1.60
C GLY C 213 4.08 27.69 2.44
N SER C 214 3.31 27.97 3.49
CA SER C 214 2.88 26.96 4.46
C SER C 214 1.58 27.45 5.09
N TRP C 215 0.97 26.59 5.90
CA TRP C 215 -0.36 26.84 6.41
C TRP C 215 -0.45 26.56 7.91
N ILE C 216 -1.33 27.30 8.55
CA ILE C 216 -1.82 26.97 9.89
C ILE C 216 -3.32 26.74 9.73
N ASP C 217 -3.69 25.49 9.45
CA ASP C 217 -5.08 25.14 9.13
C ASP C 217 -5.85 24.98 10.43
N THR C 218 -6.36 26.13 10.94
CA THR C 218 -7.02 26.17 12.24
C THR C 218 -8.29 25.32 12.28
N ARG C 219 -8.97 25.16 11.14
CA ARG C 219 -10.17 24.34 11.06
C ARG C 219 -9.85 22.87 10.74
N LEU C 220 -8.67 22.39 11.11
CA LEU C 220 -8.26 21.03 10.81
C LEU C 220 -9.32 20.01 11.20
N HIS C 221 -10.04 20.25 12.27
CA HIS C 221 -11.02 19.32 12.80
C HIS C 221 -12.29 20.07 13.15
N SER C 222 -12.78 20.88 12.21
CA SER C 222 -13.96 21.68 12.49
C SER C 222 -15.25 20.92 12.20
N SER C 223 -15.17 19.86 11.40
CA SER C 223 -16.30 19.09 10.92
C SER C 223 -16.54 17.84 11.78
N GLY C 224 -17.76 17.32 11.70
CA GLY C 224 -18.13 16.10 12.42
C GLY C 224 -18.50 16.31 13.87
N PRO C 225 -19.02 15.26 14.53
CA PRO C 225 -19.50 15.42 15.90
C PRO C 225 -18.39 15.72 16.90
N ASN C 226 -17.15 15.32 16.61
CA ASN C 226 -16.01 15.56 17.49
C ASN C 226 -15.22 16.79 17.07
N GLY C 227 -15.90 17.85 16.66
CA GLY C 227 -15.19 19.06 16.26
C GLY C 227 -14.38 19.64 17.40
N ARG C 228 -13.36 20.41 17.02
CA ARG C 228 -12.40 20.99 17.94
C ARG C 228 -11.53 21.99 17.20
N ASP C 229 -11.08 23.02 17.92
CA ASP C 229 -10.20 24.00 17.30
C ASP C 229 -8.74 23.61 17.51
N MET C 230 -7.88 24.17 16.66
CA MET C 230 -6.43 24.07 16.84
C MET C 230 -6.00 24.70 18.15
N THR C 231 -5.27 23.94 18.98
CA THR C 231 -4.61 24.51 20.15
C THR C 231 -3.42 25.35 19.72
N VAL C 232 -2.93 26.22 20.62
CA VAL C 232 -1.72 26.97 20.28
C VAL C 232 -0.53 26.04 20.11
N GLU C 233 -0.42 25.02 20.95
CA GLU C 233 0.68 24.07 20.83
C GLU C 233 0.64 23.29 19.52
N GLU C 234 -0.53 23.12 18.92
CA GLU C 234 -0.59 22.37 17.66
C GLU C 234 -0.26 23.25 16.47
N GLY C 235 -0.77 24.49 16.46
CA GLY C 235 -0.34 25.44 15.45
C GLY C 235 1.16 25.68 15.48
N ALA C 236 1.74 25.75 16.68
CA ALA C 236 3.17 26.05 16.77
C ALA C 236 4.03 24.88 16.32
N ALA C 237 3.58 23.66 16.62
CA ALA C 237 4.29 22.48 16.13
C ALA C 237 4.29 22.43 14.62
N ALA C 238 3.18 22.84 14.00
CA ALA C 238 3.09 22.80 12.54
C ALA C 238 4.01 23.83 11.90
N LEU C 239 3.87 25.10 12.29
CA LEU C 239 4.82 26.13 11.88
C LEU C 239 6.26 25.68 12.12
N GLN C 240 6.54 25.10 13.30
CA GLN C 240 7.90 24.65 13.59
C GLN C 240 8.35 23.58 12.61
N ARG C 241 7.44 22.64 12.30
CA ARG C 241 7.75 21.59 11.35
C ARG C 241 8.04 22.17 9.96
N ASP C 242 7.35 23.25 9.60
CA ASP C 242 7.55 23.82 8.27
C ASP C 242 8.80 24.70 8.22
N LEU C 243 9.13 25.37 9.32
CA LEU C 243 10.41 26.07 9.37
C LEU C 243 11.58 25.11 9.14
N ARG C 244 11.53 23.92 9.76
CA ARG C 244 12.64 22.98 9.62
C ARG C 244 12.70 22.40 8.20
N LEU C 245 11.53 22.14 7.61
CA LEU C 245 11.52 21.73 6.20
C LEU C 245 12.07 22.84 5.31
N ALA C 246 11.59 24.06 5.52
CA ALA C 246 12.15 25.22 4.83
C ALA C 246 13.66 25.28 4.94
N LYS C 247 14.19 25.20 6.18
CA LYS C 247 15.63 25.28 6.37
C LYS C 247 16.35 24.14 5.69
N ARG C 248 15.77 22.94 5.75
CA ARG C 248 16.43 21.79 5.12
C ARG C 248 16.56 21.98 3.62
N LEU C 249 15.53 22.56 3.00
CA LEU C 249 15.52 22.76 1.56
C LEU C 249 16.20 24.06 1.13
N GLY C 250 16.73 24.84 2.08
CA GLY C 250 17.51 26.02 1.73
C GLY C 250 16.76 27.32 1.69
N PHE C 251 15.55 27.41 2.21
CA PHE C 251 14.74 28.61 2.03
C PHE C 251 15.11 29.67 3.08
N ARG C 252 15.00 30.92 2.66
CA ARG C 252 15.24 32.05 3.59
C ARG C 252 13.93 32.58 4.35
N PHE C 253 12.79 32.23 3.76
CA PHE C 253 11.53 32.71 4.32
C PHE C 253 10.49 31.58 4.38
N VAL C 254 9.57 31.69 5.34
CA VAL C 254 8.33 30.91 5.36
C VAL C 254 7.16 31.87 5.58
N ARG C 255 6.13 31.73 4.74
CA ARG C 255 4.86 32.43 4.84
C ARG C 255 3.80 31.51 5.40
N PRO C 256 3.49 31.57 6.70
CA PRO C 256 2.36 30.81 7.26
C PRO C 256 1.04 31.49 6.92
N LYS C 257 0.26 30.83 6.08
CA LYS C 257 -1.11 31.26 5.79
C LYS C 257 -1.98 30.80 6.95
N ILE C 258 -2.30 31.73 7.84
CA ILE C 258 -3.05 31.44 9.06
C ILE C 258 -4.55 31.43 8.77
N GLY C 259 -5.29 30.65 9.56
CA GLY C 259 -6.75 30.62 9.41
C GLY C 259 -7.42 31.86 9.99
N VAL C 260 -8.49 32.30 9.34
CA VAL C 260 -9.16 33.56 9.60
C VAL C 260 -10.44 33.33 10.40
N VAL C 261 -10.95 34.41 11.02
CA VAL C 261 -12.23 34.35 11.74
C VAL C 261 -13.12 35.53 11.39
N SER C 262 -12.73 36.31 10.38
CA SER C 262 -13.50 37.49 9.97
C SER C 262 -13.40 37.65 8.47
N SER C 263 -14.31 38.43 7.92
CA SER C 263 -14.37 38.64 6.47
C SER C 263 -13.28 39.58 5.96
N ASP C 264 -12.63 40.36 6.84
CA ASP C 264 -11.45 41.12 6.44
C ASP C 264 -10.15 40.38 6.76
N LEU C 265 -10.24 39.05 6.97
CA LEU C 265 -9.10 38.14 7.08
C LEU C 265 -8.35 38.27 8.40
N ILE C 266 -9.07 38.54 9.49
CA ILE C 266 -8.52 38.58 10.84
C ILE C 266 -7.98 37.20 11.19
N PRO C 267 -6.70 37.06 11.57
CA PRO C 267 -6.18 35.73 11.93
C PRO C 267 -6.83 35.18 13.19
N HIS C 268 -6.85 33.85 13.28
CA HIS C 268 -7.37 33.20 14.46
C HIS C 268 -6.53 33.58 15.68
N PRO C 269 -7.15 33.77 16.84
CA PRO C 269 -6.43 34.30 18.02
C PRO C 269 -5.21 33.51 18.47
N ILE C 270 -5.05 32.25 18.08
CA ILE C 270 -3.82 31.54 18.44
C ILE C 270 -2.60 32.01 17.67
N TRP C 271 -2.78 32.81 16.61
CA TRP C 271 -1.66 33.14 15.74
C TRP C 271 -0.51 33.80 16.49
N THR C 272 -0.79 34.57 17.55
CA THR C 272 0.26 35.33 18.22
C THR C 272 1.20 34.43 19.00
N GLU C 273 0.64 33.56 19.86
CA GLU C 273 1.50 32.68 20.64
C GLU C 273 2.08 31.57 19.78
N VAL C 274 1.40 31.22 18.69
CA VAL C 274 1.96 30.27 17.72
C VAL C 274 3.28 30.80 17.18
N VAL C 275 3.32 32.09 16.82
CA VAL C 275 4.54 32.70 16.27
C VAL C 275 5.59 32.95 17.36
N GLU C 276 5.17 33.45 18.52
CA GLU C 276 6.13 33.70 19.58
C GLU C 276 6.78 32.40 20.04
N ALA C 277 6.02 31.30 20.06
CA ALA C 277 6.61 30.02 20.39
C ALA C 277 7.50 29.50 19.28
N SER C 278 7.38 30.05 18.07
CA SER C 278 8.14 29.61 16.92
C SER C 278 9.30 30.53 16.57
N LEU C 279 9.35 31.74 17.15
CA LEU C 279 10.43 32.67 16.84
C LEU C 279 11.82 32.16 17.24
N PRO C 280 12.03 31.61 18.44
CA PRO C 280 13.39 31.12 18.77
C PRO C 280 13.94 30.11 17.77
N LEU C 281 13.11 29.19 17.27
CA LEU C 281 13.59 28.26 16.26
C LEU C 281 13.84 28.97 14.93
N ALA C 282 12.96 29.89 14.56
CA ALA C 282 13.19 30.69 13.35
C ALA C 282 14.51 31.44 13.44
N GLU C 283 14.76 32.06 14.59
CA GLU C 283 16.05 32.72 14.79
C GLU C 283 17.17 31.69 14.77
N GLU C 284 16.90 30.49 15.31
CA GLU C 284 17.92 29.46 15.35
C GLU C 284 18.24 28.90 13.97
N LEU C 285 17.27 28.87 13.07
CA LEU C 285 17.48 28.35 11.72
C LEU C 285 17.86 29.43 10.71
N ASP C 286 17.73 30.71 11.09
CA ASP C 286 17.96 31.83 10.19
C ASP C 286 16.98 31.77 9.01
N VAL C 287 15.73 31.49 9.33
CA VAL C 287 14.60 31.55 8.40
C VAL C 287 13.64 32.59 8.95
N ILE C 288 13.14 33.46 8.09
CA ILE C 288 12.28 34.56 8.51
C ILE C 288 10.82 34.17 8.28
N ILE C 289 9.99 34.43 9.29
CA ILE C 289 8.55 34.22 9.23
C ILE C 289 7.90 35.49 8.70
N CYS C 290 7.22 35.40 7.55
CA CYS C 290 6.56 36.55 6.94
C CYS C 290 5.15 36.20 6.48
N PRO C 291 4.12 36.52 7.27
CA PRO C 291 2.76 36.38 6.79
C PRO C 291 2.49 37.28 5.61
N GLU C 292 1.51 36.87 4.80
CA GLU C 292 1.16 37.56 3.57
C GLU C 292 0.06 38.60 3.79
N ILE C 293 0.32 39.83 3.36
CA ILE C 293 -0.70 40.87 3.25
C ILE C 293 -1.32 40.73 1.85
N HIS C 294 -2.50 40.10 1.80
CA HIS C 294 -3.22 39.76 0.57
C HIS C 294 -4.54 40.55 0.57
N SER C 295 -4.95 41.05 -0.60
CA SER C 295 -6.26 41.68 -0.73
C SER C 295 -7.34 40.73 -0.21
N PRO C 296 -8.40 41.24 0.47
CA PRO C 296 -8.83 42.61 0.68
C PRO C 296 -8.12 43.32 1.82
N THR C 297 -7.11 42.70 2.43
CA THR C 297 -6.40 43.40 3.48
C THR C 297 -5.53 44.52 2.91
N PRO C 298 -5.76 45.77 3.26
CA PRO C 298 -4.85 46.86 2.86
C PRO C 298 -3.61 46.86 3.75
N ILE C 299 -2.70 47.80 3.47
CA ILE C 299 -1.56 47.94 4.36
C ILE C 299 -1.94 48.70 5.64
N LYS C 300 -2.88 49.64 5.54
CA LYS C 300 -3.38 50.35 6.71
C LYS C 300 -4.57 49.56 7.23
N HIS C 301 -4.36 48.79 8.29
CA HIS C 301 -5.34 47.83 8.77
C HIS C 301 -4.82 47.21 10.06
N GLU C 302 -5.74 46.73 10.90
CA GLU C 302 -5.32 46.21 12.20
C GLU C 302 -4.43 44.97 12.07
N VAL C 303 -4.66 44.12 11.06
CA VAL C 303 -3.82 42.92 10.98
C VAL C 303 -2.38 43.30 10.66
N VAL C 304 -2.18 44.28 9.78
CA VAL C 304 -0.82 44.75 9.53
C VAL C 304 -0.28 45.41 10.79
N ASP C 305 -1.13 46.21 11.44
CA ASP C 305 -0.73 46.90 12.65
C ASP C 305 -0.20 45.91 13.69
N ASP C 306 -0.86 44.76 13.81
CA ASP C 306 -0.51 43.81 14.87
C ASP C 306 0.78 43.04 14.55
N TYR C 307 1.03 42.74 13.28
CA TYR C 307 2.33 42.22 12.89
C TYR C 307 3.46 43.13 13.35
N ILE C 308 3.34 44.44 13.10
CA ILE C 308 4.37 45.38 13.52
C ILE C 308 4.46 45.46 15.03
N ALA C 309 3.31 45.45 15.71
CA ALA C 309 3.33 45.42 17.17
C ALA C 309 4.12 44.22 17.67
N LEU C 310 3.98 43.09 16.98
CA LEU C 310 4.74 41.90 17.33
C LEU C 310 6.23 42.13 17.15
N ILE C 311 6.62 42.67 15.99
CA ILE C 311 8.03 42.94 15.74
C ILE C 311 8.58 43.89 16.80
N ARG C 312 7.76 44.85 17.23
CA ARG C 312 8.20 45.84 18.20
C ARG C 312 8.46 45.19 19.55
N ARG C 313 7.48 44.46 20.09
CA ARG C 313 7.64 43.88 21.42
C ARG C 313 8.78 42.84 21.42
N THR C 314 8.78 41.92 20.46
CA THR C 314 9.79 40.86 20.47
C THR C 314 11.19 41.38 20.19
N GLY C 315 11.33 42.39 19.34
CA GLY C 315 12.65 42.75 18.90
C GLY C 315 13.30 41.75 17.98
N THR C 316 12.50 40.90 17.31
CA THR C 316 13.04 39.88 16.43
C THR C 316 13.50 40.49 15.11
N LYS C 317 14.54 39.89 14.53
CA LYS C 317 14.94 40.12 13.15
C LYS C 317 14.37 39.07 12.20
N HIS C 318 13.56 38.15 12.70
CA HIS C 318 13.10 36.99 11.95
C HIS C 318 11.58 36.93 11.86
N PHE C 319 10.92 38.08 11.87
CA PHE C 319 9.51 38.17 11.57
C PHE C 319 9.31 39.43 10.74
N GLY C 320 8.62 39.31 9.61
CA GLY C 320 8.48 40.45 8.73
C GLY C 320 7.21 40.39 7.91
N LEU C 321 7.04 41.31 6.96
CA LEU C 321 5.86 41.32 6.13
C LEU C 321 6.18 40.80 4.74
N LEU C 322 5.33 39.92 4.22
CA LEU C 322 5.34 39.57 2.80
C LEU C 322 4.21 40.34 2.14
N LEU C 323 4.53 41.07 1.07
CA LEU C 323 3.51 41.84 0.37
C LEU C 323 3.09 41.12 -0.88
N ASP C 324 1.79 41.06 -1.10
CA ASP C 324 1.21 40.51 -2.32
C ASP C 324 0.70 41.67 -3.15
N THR C 325 1.22 41.81 -4.37
CA THR C 325 0.92 43.02 -5.12
C THR C 325 -0.52 43.10 -5.60
N GLY C 326 -1.36 42.09 -5.33
CA GLY C 326 -2.79 42.24 -5.55
C GLY C 326 -3.43 43.37 -4.75
N ILE C 327 -2.83 43.75 -3.62
CA ILE C 327 -3.36 44.87 -2.85
C ILE C 327 -3.37 46.13 -3.70
N PHE C 328 -2.43 46.24 -4.64
CA PHE C 328 -2.31 47.45 -5.45
C PHE C 328 -3.23 47.45 -6.67
N GLN C 329 -3.99 46.38 -6.88
CA GLN C 329 -4.78 46.25 -8.11
C GLN C 329 -5.74 47.43 -8.25
N ASP C 330 -5.80 48.02 -9.46
CA ASP C 330 -6.58 49.22 -9.71
C ASP C 330 -7.57 49.05 -10.85
N ARG C 331 -7.82 47.83 -11.29
CA ARG C 331 -8.77 47.55 -12.36
C ARG C 331 -9.34 46.18 -12.08
N PRO C 332 -10.59 45.92 -12.45
CA PRO C 332 -11.25 44.69 -11.99
C PRO C 332 -10.81 43.47 -12.77
N ILE C 333 -10.70 42.35 -12.06
CA ILE C 333 -10.58 41.05 -12.75
C ILE C 333 -11.80 40.86 -13.64
N PRO C 334 -11.66 40.34 -14.86
CA PRO C 334 -12.83 40.15 -15.71
C PRO C 334 -13.87 39.27 -15.04
N LEU C 335 -15.11 39.43 -15.49
CA LEU C 335 -16.21 38.60 -15.04
C LEU C 335 -16.30 37.36 -15.92
N LYS C 336 -16.67 36.23 -15.31
CA LYS C 336 -16.95 35.05 -16.12
C LYS C 336 -18.31 35.22 -16.81
N PRO C 337 -18.50 34.65 -18.00
CA PRO C 337 -19.83 34.69 -18.62
C PRO C 337 -20.83 33.92 -17.78
N GLY C 338 -22.06 34.43 -17.72
CA GLY C 338 -23.04 33.92 -16.79
C GLY C 338 -22.96 34.54 -15.41
N GLU C 339 -22.01 35.44 -15.19
CA GLU C 339 -21.92 36.21 -13.95
C GLU C 339 -22.30 37.66 -14.23
N LEU C 340 -22.95 38.29 -13.26
CA LEU C 340 -23.40 39.68 -13.37
C LEU C 340 -22.83 40.45 -12.19
N PRO C 341 -22.94 41.78 -12.17
CA PRO C 341 -22.48 42.54 -10.99
C PRO C 341 -23.10 42.02 -9.70
N GLY C 342 -22.32 42.07 -8.62
CA GLY C 342 -22.80 41.78 -7.29
C GLY C 342 -22.60 40.35 -6.79
N GLN C 343 -22.38 39.39 -7.69
CA GLN C 343 -22.28 37.98 -7.28
C GLN C 343 -20.87 37.56 -6.86
N ARG C 344 -19.98 38.51 -6.60
CA ARG C 344 -18.62 38.17 -6.24
C ARG C 344 -18.11 39.21 -5.26
N PRO C 345 -17.08 38.89 -4.48
CA PRO C 345 -16.55 39.85 -3.51
C PRO C 345 -16.11 41.15 -4.14
N ALA C 346 -16.13 42.21 -3.33
CA ALA C 346 -15.81 43.54 -3.82
C ALA C 346 -14.32 43.71 -4.12
N PHE C 347 -13.46 43.01 -3.38
CA PHE C 347 -12.03 43.17 -3.59
C PHE C 347 -11.57 42.60 -4.93
N LEU C 348 -12.33 41.69 -5.54
CA LEU C 348 -11.96 41.20 -6.86
C LEU C 348 -11.96 42.31 -7.89
N ASP C 349 -12.62 43.43 -7.61
CA ASP C 349 -12.52 44.56 -8.52
C ASP C 349 -11.28 45.40 -8.28
N GLY C 350 -10.51 45.10 -7.24
CA GLY C 350 -9.27 45.79 -6.96
C GLY C 350 -9.43 46.76 -5.82
N ILE C 351 -8.60 46.67 -4.78
CA ILE C 351 -8.77 47.52 -3.61
C ILE C 351 -7.89 48.77 -3.63
N HIS C 352 -7.10 48.96 -4.70
CA HIS C 352 -6.42 50.23 -4.98
C HIS C 352 -5.57 50.72 -3.82
N VAL C 353 -4.78 49.84 -3.21
CA VAL C 353 -3.85 50.34 -2.21
C VAL C 353 -2.92 51.35 -2.87
N ASP C 354 -2.63 52.42 -2.14
CA ASP C 354 -1.72 53.48 -2.61
C ASP C 354 -0.28 53.00 -2.49
N PRO C 355 0.46 52.87 -3.59
CA PRO C 355 1.87 52.49 -3.52
C PRO C 355 2.66 53.19 -2.42
N ASN C 356 2.40 54.49 -2.20
CA ASN C 356 3.17 55.23 -1.23
C ASN C 356 2.98 54.70 0.18
N ASP C 357 1.91 53.93 0.42
CA ASP C 357 1.67 53.38 1.75
C ASP C 357 2.82 52.47 2.21
N VAL C 358 3.57 51.89 1.26
CA VAL C 358 4.68 51.02 1.61
C VAL C 358 5.77 51.75 2.36
N PHE C 359 5.79 53.09 2.28
CA PHE C 359 6.89 53.84 2.88
C PHE C 359 6.91 53.69 4.40
N ASP C 360 5.74 53.77 5.05
CA ASP C 360 5.66 53.68 6.51
C ASP C 360 5.95 52.28 7.04
N VAL C 361 5.81 51.24 6.23
CA VAL C 361 6.01 49.86 6.66
C VAL C 361 7.20 49.22 5.97
N ILE C 362 8.01 49.99 5.24
CA ILE C 362 8.97 49.32 4.36
C ILE C 362 10.12 48.73 5.16
N GLU C 363 10.41 49.27 6.34
CA GLU C 363 11.48 48.72 7.15
C GLU C 363 11.20 47.28 7.59
N ASN C 364 9.99 46.78 7.31
CA ASN C 364 9.52 45.49 7.78
C ASN C 364 9.10 44.57 6.63
N VAL C 365 9.10 45.07 5.41
CA VAL C 365 8.78 44.26 4.23
C VAL C 365 10.03 43.48 3.84
N VAL C 366 9.91 42.16 3.75
CA VAL C 366 11.07 41.31 3.52
C VAL C 366 10.97 40.51 2.22
N PHE C 367 9.79 40.38 1.64
CA PHE C 367 9.60 39.57 0.44
C PHE C 367 8.37 40.11 -0.25
N ILE C 368 8.40 40.07 -1.57
CA ILE C 368 7.26 40.55 -2.34
C ILE C 368 6.84 39.49 -3.35
N GLN C 369 5.57 39.09 -3.29
CA GLN C 369 4.94 38.23 -4.28
C GLN C 369 4.33 39.14 -5.34
N ALA C 370 4.86 39.07 -6.56
CA ALA C 370 4.37 39.87 -7.68
C ALA C 370 3.20 39.14 -8.33
N LYS C 371 2.04 39.26 -7.67
CA LYS C 371 0.80 38.74 -8.24
C LYS C 371 0.35 39.57 -9.43
N PHE C 372 -0.27 38.90 -10.38
CA PHE C 372 -0.88 39.51 -11.55
C PHE C 372 -1.81 38.48 -12.16
N HIS C 373 -2.58 38.89 -13.18
CA HIS C 373 -3.63 38.03 -13.74
C HIS C 373 -3.57 37.93 -15.25
N ASP C 374 -3.06 38.96 -15.92
CA ASP C 374 -3.23 39.08 -17.37
C ASP C 374 -2.31 40.15 -17.95
N ILE C 375 -1.41 39.75 -18.84
CA ILE C 375 -0.54 40.68 -19.56
C ILE C 375 -0.62 40.29 -21.02
N ASP C 376 -0.90 41.26 -21.89
CA ASP C 376 -1.18 40.96 -23.28
C ASP C 376 0.09 41.05 -24.15
N GLU C 377 -0.09 41.02 -25.48
CA GLU C 377 1.01 41.04 -26.45
C GLU C 377 1.88 42.29 -26.39
N GLU C 378 1.37 43.40 -25.84
CA GLU C 378 2.13 44.64 -25.77
C GLU C 378 2.69 44.91 -24.39
N LEU C 379 2.69 43.90 -23.52
CA LEU C 379 3.09 44.06 -22.13
C LEU C 379 2.18 45.06 -21.40
N ASP C 380 0.89 45.05 -21.73
CA ASP C 380 -0.10 45.81 -20.96
C ASP C 380 -0.69 44.89 -19.90
N ASP C 381 -0.41 45.18 -18.63
CA ASP C 381 -1.05 44.46 -17.54
C ASP C 381 -2.46 45.02 -17.33
N LYS C 382 -3.45 44.14 -17.21
CA LYS C 382 -4.85 44.55 -17.19
C LYS C 382 -5.37 44.87 -15.79
N GLN C 383 -4.57 44.67 -14.75
CA GLN C 383 -5.07 44.80 -13.39
C GLN C 383 -4.11 45.53 -12.47
N ILE C 384 -2.81 45.32 -12.61
CA ILE C 384 -1.83 45.82 -11.64
C ILE C 384 -1.14 47.06 -12.21
N PRO C 385 -1.15 48.19 -11.50
CA PRO C 385 -0.37 49.36 -11.93
C PRO C 385 1.11 49.24 -11.57
N TRP C 386 1.93 48.70 -12.48
CA TRP C 386 3.31 48.33 -12.14
C TRP C 386 4.22 49.55 -12.03
N GLU C 387 4.04 50.56 -12.89
CA GLU C 387 4.90 51.75 -12.82
C GLU C 387 4.85 52.42 -11.45
N PRO C 388 3.68 52.81 -10.92
CA PRO C 388 3.69 53.41 -9.58
C PRO C 388 4.14 52.45 -8.49
N VAL C 389 3.84 51.17 -8.62
CA VAL C 389 4.21 50.23 -7.58
C VAL C 389 5.74 50.10 -7.51
N LEU C 390 6.37 49.86 -8.66
CA LEU C 390 7.82 49.74 -8.63
C LEU C 390 8.47 51.07 -8.27
N LYS C 391 7.84 52.19 -8.64
CA LYS C 391 8.40 53.49 -8.23
C LYS C 391 8.39 53.65 -6.72
N ALA C 392 7.29 53.28 -6.07
CA ALA C 392 7.25 53.39 -4.61
C ALA C 392 8.27 52.45 -3.96
N LEU C 393 8.31 51.20 -4.40
CA LEU C 393 9.21 50.22 -3.78
C LEU C 393 10.67 50.60 -3.99
N LYS C 394 11.02 51.03 -5.20
CA LYS C 394 12.36 51.54 -5.46
C LYS C 394 12.69 52.72 -4.54
N ASP C 395 11.92 53.81 -4.68
CA ASP C 395 12.21 55.03 -3.91
C ASP C 395 12.18 54.77 -2.41
N ALA C 396 11.36 53.83 -1.94
CA ALA C 396 11.38 53.51 -0.52
C ALA C 396 12.53 52.60 -0.13
N GLY C 397 13.32 52.14 -1.10
CA GLY C 397 14.55 51.42 -0.82
C GLY C 397 14.41 49.92 -0.79
N TYR C 398 13.47 49.35 -1.52
CA TYR C 398 13.27 47.91 -1.51
C TYR C 398 14.22 47.28 -2.53
N THR C 399 15.03 46.36 -2.06
CA THR C 399 15.94 45.66 -2.93
C THR C 399 15.81 44.14 -2.80
N GLY C 400 14.77 43.66 -2.10
CA GLY C 400 14.47 42.24 -1.99
C GLY C 400 13.87 41.64 -3.25
N TYR C 401 13.23 40.48 -3.08
CA TYR C 401 12.71 39.73 -4.21
C TYR C 401 11.34 40.23 -4.65
N LEU C 402 11.10 40.17 -5.97
CA LEU C 402 9.77 40.20 -6.58
C LEU C 402 9.52 38.81 -7.16
N SER C 403 8.56 38.08 -6.61
CA SER C 403 8.39 36.67 -6.96
C SER C 403 7.05 36.43 -7.65
N SER C 404 7.11 35.99 -8.91
CA SER C 404 5.91 35.92 -9.73
C SER C 404 4.85 35.00 -9.12
N GLU C 405 3.63 35.52 -9.00
CA GLU C 405 2.46 34.73 -8.62
C GLU C 405 1.39 34.99 -9.66
N TYR C 406 1.46 34.26 -10.75
CA TYR C 406 0.41 34.33 -11.75
C TYR C 406 -0.86 33.68 -11.23
N GLU C 407 -1.96 34.43 -11.31
CA GLU C 407 -3.27 34.01 -10.85
C GLU C 407 -4.29 34.36 -11.90
N GLY C 408 -3.91 34.17 -13.17
CA GLY C 408 -4.81 34.37 -14.27
C GLY C 408 -5.59 33.12 -14.57
N GLU C 409 -6.29 33.16 -15.70
CA GLU C 409 -7.00 32.00 -16.19
C GLU C 409 -6.04 30.82 -16.28
N ARG C 410 -6.51 29.65 -15.85
CA ARG C 410 -5.67 28.45 -15.78
C ARG C 410 -5.75 27.61 -17.05
N GLU C 411 -5.71 28.20 -18.24
CA GLU C 411 -5.65 27.41 -19.47
C GLU C 411 -4.33 26.68 -19.53
N PRO C 412 -4.32 25.37 -19.88
CA PRO C 412 -3.07 24.65 -20.04
C PRO C 412 -1.96 25.45 -20.75
N TRP C 413 -0.83 25.64 -20.07
CA TRP C 413 0.38 26.30 -20.66
C TRP C 413 0.31 27.83 -20.69
N ARG C 414 -0.85 28.42 -20.41
CA ARG C 414 -0.92 29.90 -20.46
C ARG C 414 0.08 30.50 -19.48
N SER C 415 0.24 29.85 -18.33
CA SER C 415 1.05 30.46 -17.30
C SER C 415 2.49 30.67 -17.73
N ILE C 416 2.99 29.94 -18.72
CA ILE C 416 4.42 30.08 -19.04
C ILE C 416 4.68 31.40 -19.73
N GLU C 417 3.95 31.68 -20.83
CA GLU C 417 4.03 32.98 -21.50
C GLU C 417 3.74 34.12 -20.53
N GLN C 418 2.74 33.91 -19.66
CA GLN C 418 2.35 34.98 -18.76
C GLN C 418 3.48 35.38 -17.83
N VAL C 419 4.12 34.39 -17.18
CA VAL C 419 5.21 34.74 -16.29
C VAL C 419 6.37 35.41 -17.05
N ARG C 420 6.66 34.94 -18.28
CA ARG C 420 7.71 35.57 -19.09
C ARG C 420 7.39 37.04 -19.36
N ARG C 421 6.17 37.29 -19.84
CA ARG C 421 5.69 38.65 -20.02
C ARG C 421 5.84 39.49 -18.76
N GLN C 422 5.56 38.93 -17.58
CA GLN C 422 5.70 39.73 -16.35
C GLN C 422 7.15 40.16 -16.11
N HIS C 423 8.09 39.21 -16.24
CA HIS C 423 9.48 39.54 -15.99
C HIS C 423 10.01 40.53 -17.00
N SER C 424 9.62 40.39 -18.26
CA SER C 424 10.00 41.39 -19.26
C SER C 424 9.43 42.75 -18.90
N LEU C 425 8.20 42.79 -18.38
CA LEU C 425 7.57 44.07 -18.09
C LEU C 425 8.24 44.77 -16.92
N ILE C 426 8.39 44.07 -15.80
CA ILE C 426 8.85 44.83 -14.64
C ILE C 426 10.34 45.14 -14.78
N ARG C 427 11.10 44.31 -15.48
CA ARG C 427 12.51 44.63 -15.65
C ARG C 427 12.70 45.85 -16.55
N GLN C 428 11.90 45.98 -17.60
CA GLN C 428 11.99 47.18 -18.41
C GLN C 428 11.59 48.43 -17.63
N ILE C 429 10.49 48.34 -16.86
CA ILE C 429 10.04 49.50 -16.10
C ILE C 429 11.09 49.91 -15.08
N ALA C 430 11.71 48.94 -14.41
CA ALA C 430 12.72 49.30 -13.42
C ALA C 430 13.95 49.92 -14.08
N ASP C 431 14.24 49.57 -15.34
CA ASP C 431 15.33 50.23 -16.05
C ASP C 431 14.97 51.67 -16.39
N ARG C 432 13.72 51.91 -16.82
CA ARG C 432 13.27 53.28 -17.13
C ARG C 432 13.05 54.14 -15.90
N LEU C 433 12.85 53.55 -14.72
CA LEU C 433 12.77 54.35 -13.50
C LEU C 433 14.15 54.84 -13.06
N ALA C 434 15.19 54.06 -13.35
CA ALA C 434 16.54 54.51 -13.04
C ALA C 434 16.94 55.68 -13.92
N GLU C 435 16.34 55.78 -15.11
CA GLU C 435 16.47 56.97 -15.97
C GLU C 435 15.44 58.03 -15.53
N MET D 1 4.19 9.89 -12.78
CA MET D 1 2.85 9.87 -13.33
C MET D 1 2.15 11.22 -13.28
N LEU D 2 1.86 11.74 -14.46
CA LEU D 2 1.04 12.94 -14.58
C LEU D 2 -0.44 12.62 -14.42
N LEU D 3 -1.21 13.63 -14.03
CA LEU D 3 -2.65 13.56 -13.89
C LEU D 3 -3.34 14.20 -15.11
N GLU D 4 -4.51 13.69 -15.49
CA GLU D 4 -5.25 14.32 -16.57
C GLU D 4 -5.79 15.66 -16.07
N ARG D 5 -6.11 16.55 -16.99
CA ARG D 5 -6.46 17.89 -16.52
C ARG D 5 -7.87 17.98 -15.95
N ASP D 6 -8.83 17.26 -16.55
CA ASP D 6 -10.14 17.13 -15.93
C ASP D 6 -9.98 16.61 -14.52
N LEU D 7 -10.70 17.21 -13.58
CA LEU D 7 -10.59 16.76 -12.19
C LEU D 7 -10.92 15.29 -12.08
N ILE D 8 -11.96 14.84 -12.79
CA ILE D 8 -12.33 13.43 -12.85
C ILE D 8 -11.43 12.74 -13.88
N GLN D 9 -10.64 11.78 -13.43
CA GLN D 9 -9.76 11.05 -14.36
C GLN D 9 -10.55 9.95 -15.06
N SER D 10 -10.16 9.64 -16.30
CA SER D 10 -10.68 8.43 -16.92
C SER D 10 -9.94 7.19 -16.46
N VAL D 11 -8.66 7.32 -16.14
CA VAL D 11 -7.92 6.14 -15.73
C VAL D 11 -8.28 5.80 -14.30
N GLY D 12 -8.57 4.52 -14.06
CA GLY D 12 -8.99 4.06 -12.75
C GLY D 12 -10.48 4.11 -12.47
N PHE D 13 -11.30 4.34 -13.49
CA PHE D 13 -12.77 4.27 -13.37
C PHE D 13 -13.15 2.83 -13.69
N ARG D 14 -13.40 2.03 -12.66
CA ARG D 14 -13.61 0.60 -12.84
C ARG D 14 -14.51 0.08 -11.73
N ASN D 15 -15.15 -1.07 -12.00
CA ASN D 15 -15.87 -1.72 -10.93
C ASN D 15 -14.87 -2.35 -9.98
N VAL D 16 -15.30 -2.56 -8.74
CA VAL D 16 -14.44 -3.06 -7.68
C VAL D 16 -15.05 -4.36 -7.19
N ARG D 17 -14.20 -5.35 -7.02
CA ARG D 17 -14.66 -6.68 -6.55
C ARG D 17 -13.84 -7.18 -5.37
N GLU D 18 -14.46 -7.98 -4.50
CA GLU D 18 -13.73 -8.65 -3.41
C GLU D 18 -14.25 -10.08 -3.45
N GLY D 19 -13.34 -11.05 -3.54
CA GLY D 19 -13.73 -12.45 -3.59
C GLY D 19 -14.54 -12.81 -4.82
N GLY D 20 -14.57 -11.94 -5.82
CA GLY D 20 -15.24 -12.26 -7.10
C GLY D 20 -16.42 -11.36 -7.41
N GLU D 21 -17.31 -11.11 -6.45
CA GLU D 21 -18.55 -10.34 -6.73
C GLU D 21 -18.32 -8.82 -6.65
N ILE D 22 -18.97 -8.05 -7.53
CA ILE D 22 -18.75 -6.58 -7.59
C ILE D 22 -19.42 -5.88 -6.40
N THR D 23 -18.59 -5.23 -5.58
CA THR D 23 -19.05 -4.49 -4.42
C THR D 23 -19.39 -3.04 -4.74
N GLY D 24 -18.85 -2.49 -5.83
CA GLY D 24 -19.17 -1.13 -6.25
C GLY D 24 -18.21 -0.67 -7.34
N PHE D 25 -18.01 0.64 -7.41
CA PHE D 25 -17.07 1.17 -8.39
C PHE D 25 -16.26 2.30 -7.79
N GLN D 26 -15.17 2.64 -8.48
CA GLN D 26 -14.24 3.64 -8.02
C GLN D 26 -13.93 4.60 -9.17
N PHE D 27 -13.37 5.75 -8.81
CA PHE D 27 -12.85 6.68 -9.80
C PHE D 27 -11.85 7.59 -9.09
N ARG D 28 -11.12 8.37 -9.86
CA ARG D 28 -9.99 9.09 -9.32
C ARG D 28 -10.17 10.58 -9.57
N VAL D 29 -9.68 11.38 -8.62
CA VAL D 29 -9.86 12.82 -8.63
C VAL D 29 -8.53 13.47 -8.31
N ARG D 30 -8.12 14.45 -9.10
CA ARG D 30 -6.95 15.22 -8.73
C ARG D 30 -7.40 16.40 -7.87
N MET D 31 -6.60 16.69 -6.84
CA MET D 31 -6.74 17.86 -5.97
C MET D 31 -6.98 19.12 -6.80
N PRO D 32 -8.11 19.85 -6.59
CA PRO D 32 -8.39 21.06 -7.37
C PRO D 32 -7.61 22.24 -6.83
N SER D 33 -7.29 22.15 -5.54
CA SER D 33 -6.55 23.16 -4.83
C SER D 33 -5.11 23.21 -5.34
N TYR D 34 -4.44 24.28 -4.95
CA TYR D 34 -3.06 24.47 -5.33
C TYR D 34 -2.09 23.79 -4.37
N ARG D 35 -2.59 23.08 -3.35
CA ARG D 35 -1.77 22.29 -2.47
C ARG D 35 -2.50 21.00 -2.08
N GLY D 36 -1.72 19.94 -1.88
CA GLY D 36 -2.24 18.82 -1.10
C GLY D 36 -2.55 19.28 0.31
N MET D 37 -3.41 18.51 0.99
CA MET D 37 -3.93 18.95 2.28
C MET D 37 -4.08 17.78 3.22
N ALA D 38 -4.16 18.10 4.53
CA ALA D 38 -4.52 17.10 5.52
C ALA D 38 -5.86 16.50 5.14
N ALA D 39 -5.98 15.18 5.27
CA ALA D 39 -7.24 14.55 4.87
C ALA D 39 -8.43 15.00 5.71
N SER D 40 -8.21 15.44 6.94
CA SER D 40 -9.35 15.83 7.77
C SER D 40 -10.07 17.07 7.27
N LEU D 41 -9.48 17.82 6.32
CA LEU D 41 -10.11 19.02 5.76
C LEU D 41 -11.02 18.72 4.57
N ILE D 42 -11.05 17.48 4.09
CA ILE D 42 -12.05 17.10 3.11
C ILE D 42 -13.43 17.13 3.75
N ASP D 43 -14.42 17.65 3.01
CA ASP D 43 -15.79 17.70 3.49
C ASP D 43 -16.69 16.80 2.65
N GLY D 44 -16.10 15.91 1.86
CA GLY D 44 -16.86 14.88 1.20
C GLY D 44 -17.01 15.18 -0.27
N ILE D 45 -17.65 14.24 -0.95
CA ILE D 45 -17.83 14.31 -2.39
C ILE D 45 -19.19 13.70 -2.71
N GLY D 46 -20.09 14.49 -3.28
CA GLY D 46 -21.30 13.92 -3.85
C GLY D 46 -20.98 13.29 -5.18
N VAL D 47 -21.63 12.18 -5.47
CA VAL D 47 -21.42 11.49 -6.74
C VAL D 47 -22.78 11.16 -7.33
N ARG D 48 -22.85 11.19 -8.66
CA ARG D 48 -24.09 10.89 -9.35
C ARG D 48 -23.80 10.56 -10.81
N ILE D 49 -24.30 9.42 -11.26
CA ILE D 49 -24.53 9.11 -12.67
C ILE D 49 -26.04 9.00 -12.85
N PRO D 50 -26.64 9.80 -13.72
CA PRO D 50 -28.11 9.83 -13.81
C PRO D 50 -28.68 8.45 -14.10
N GLY D 51 -29.68 8.07 -13.30
CA GLY D 51 -30.32 6.78 -13.48
C GLY D 51 -29.51 5.60 -13.00
N LEU D 52 -28.39 5.83 -12.33
CA LEU D 52 -27.62 4.71 -11.78
C LEU D 52 -27.19 4.92 -10.34
N VAL D 53 -26.72 6.11 -9.98
CA VAL D 53 -26.24 6.38 -8.63
C VAL D 53 -26.53 7.83 -8.29
N ASP D 54 -26.80 8.07 -7.02
CA ASP D 54 -27.00 9.43 -6.53
C ASP D 54 -26.79 9.48 -5.03
N VAL D 55 -25.54 9.28 -4.60
CA VAL D 55 -25.19 9.37 -3.19
C VAL D 55 -24.80 10.81 -2.87
N GLY D 56 -24.86 11.13 -1.59
CA GLY D 56 -24.51 12.45 -1.12
C GLY D 56 -23.12 12.47 -0.53
N PRO D 57 -22.69 13.63 -0.02
CA PRO D 57 -21.25 13.84 0.20
C PRO D 57 -20.64 12.94 1.28
N ASP D 58 -21.44 12.31 2.13
CA ASP D 58 -20.90 11.55 3.24
C ASP D 58 -20.81 10.06 2.96
N VAL D 59 -21.12 9.62 1.75
CA VAL D 59 -21.23 8.18 1.45
C VAL D 59 -19.97 7.57 0.85
N PRO D 60 -19.34 8.14 -0.19
CA PRO D 60 -18.23 7.43 -0.84
C PRO D 60 -17.05 7.24 0.11
N LEU D 61 -16.30 6.16 -0.08
CA LEU D 61 -15.09 5.95 0.71
C LEU D 61 -13.88 6.52 -0.03
N TRP D 62 -12.83 6.85 0.74
CA TRP D 62 -11.65 7.53 0.22
C TRP D 62 -10.40 6.72 0.49
N THR D 63 -9.67 6.37 -0.55
CA THR D 63 -8.35 5.79 -0.39
C THR D 63 -7.31 6.90 -0.54
N LEU D 64 -6.48 7.10 0.49
CA LEU D 64 -5.45 8.12 0.52
C LEU D 64 -4.26 7.54 1.25
N GLN D 65 -3.07 7.67 0.63
CA GLN D 65 -1.85 7.15 1.23
C GLN D 65 -2.01 5.68 1.63
N GLY D 66 -2.70 4.92 0.79
CA GLY D 66 -2.72 3.46 0.84
C GLY D 66 -3.72 2.84 1.77
N GLN D 67 -4.65 3.61 2.32
CA GLN D 67 -5.63 3.14 3.27
C GLN D 67 -6.96 3.77 2.92
N GLN D 68 -8.06 3.07 3.19
CA GLN D 68 -9.38 3.54 2.83
C GLN D 68 -10.15 3.96 4.08
N TYR D 69 -10.88 5.07 3.96
CA TYR D 69 -11.53 5.76 5.07
C TYR D 69 -12.95 6.15 4.69
N THR D 70 -13.83 6.21 5.70
CA THR D 70 -15.06 6.96 5.55
C THR D 70 -14.81 8.45 5.79
N LEU D 71 -15.73 9.28 5.32
CA LEU D 71 -15.64 10.70 5.62
C LEU D 71 -15.54 10.96 7.12
N ALA D 72 -16.33 10.22 7.92
CA ALA D 72 -16.30 10.42 9.36
C ALA D 72 -14.92 10.10 9.93
N GLU D 73 -14.26 9.08 9.40
CA GLU D 73 -12.90 8.78 9.84
C GLU D 73 -11.96 9.92 9.45
N LEU D 74 -12.04 10.38 8.21
CA LEU D 74 -11.15 11.45 7.74
C LEU D 74 -11.23 12.63 8.67
N TRP D 75 -12.45 12.95 9.12
CA TRP D 75 -12.68 14.10 9.99
C TRP D 75 -11.95 13.98 11.34
N ASP D 76 -11.82 12.76 11.88
CA ASP D 76 -11.18 12.60 13.18
C ASP D 76 -9.73 12.16 13.09
N GLY D 77 -9.22 11.87 11.89
CA GLY D 77 -7.86 11.38 11.77
C GLY D 77 -6.82 12.48 11.72
N ASP D 78 -5.58 12.08 12.04
CA ASP D 78 -4.41 12.95 12.05
C ASP D 78 -3.34 12.35 11.12
N GLY D 79 -2.61 13.22 10.40
CA GLY D 79 -1.45 12.80 9.62
C GLY D 79 -1.73 12.25 8.24
N VAL D 80 -2.97 11.86 7.96
CA VAL D 80 -3.33 11.41 6.63
C VAL D 80 -3.49 12.64 5.75
N ARG D 81 -2.90 12.61 4.55
CA ARG D 81 -3.03 13.71 3.62
C ARG D 81 -3.74 13.27 2.36
N TRP D 82 -4.17 14.26 1.59
CA TRP D 82 -4.41 14.08 0.16
C TRP D 82 -3.25 14.72 -0.57
N PRO D 83 -2.21 13.98 -0.91
CA PRO D 83 -1.04 14.61 -1.55
C PRO D 83 -1.38 15.11 -2.95
N LEU D 84 -0.87 16.32 -3.26
CA LEU D 84 -1.06 16.91 -4.57
C LEU D 84 -0.68 15.95 -5.69
N GLU D 85 0.44 15.27 -5.54
CA GLU D 85 0.91 14.35 -6.57
C GLU D 85 -0.01 13.13 -6.73
N ASP D 86 -1.00 12.94 -5.85
CA ASP D 86 -1.79 11.71 -5.85
C ASP D 86 -3.25 12.00 -6.17
N ALA D 87 -3.84 11.28 -7.11
CA ALA D 87 -5.28 11.41 -7.24
C ALA D 87 -5.98 10.74 -6.04
N ALA D 88 -7.07 11.34 -5.59
CA ALA D 88 -7.84 10.60 -4.61
C ALA D 88 -8.51 9.43 -5.31
N ILE D 89 -8.68 8.33 -4.59
CA ILE D 89 -9.40 7.16 -5.12
C ILE D 89 -10.73 7.08 -4.40
N ILE D 90 -11.81 7.38 -5.11
CA ILE D 90 -13.16 7.48 -4.55
C ILE D 90 -13.88 6.18 -4.83
N PHE D 91 -14.34 5.50 -3.78
CA PHE D 91 -15.08 4.25 -3.95
C PHE D 91 -16.55 4.49 -3.71
N VAL D 92 -17.39 4.04 -4.65
CA VAL D 92 -18.83 4.22 -4.51
C VAL D 92 -19.46 2.84 -4.27
N PRO D 93 -20.01 2.58 -3.07
CA PRO D 93 -20.64 1.28 -2.78
C PRO D 93 -21.91 1.06 -3.57
N LEU D 94 -21.87 0.17 -4.57
CA LEU D 94 -23.04 -0.18 -5.37
C LEU D 94 -22.88 -1.64 -5.79
N PRO D 95 -23.58 -2.56 -5.13
CA PRO D 95 -23.35 -3.99 -5.44
C PRO D 95 -23.69 -4.34 -6.88
N GLY D 96 -22.83 -5.15 -7.50
CA GLY D 96 -22.99 -5.52 -8.88
C GLY D 96 -22.41 -4.54 -9.88
N GLY D 97 -22.16 -3.29 -9.47
CA GLY D 97 -21.50 -2.30 -10.29
C GLY D 97 -22.36 -1.75 -11.41
N LEU D 98 -21.67 -1.17 -12.38
CA LEU D 98 -21.95 -0.43 -13.60
C LEU D 98 -21.77 -1.31 -14.82
N PRO D 99 -22.68 -1.17 -15.79
CA PRO D 99 -22.44 -1.77 -17.10
C PRO D 99 -21.27 -1.09 -17.78
N ASP D 100 -20.69 -1.79 -18.74
CA ASP D 100 -19.70 -1.15 -19.59
C ASP D 100 -20.32 0.05 -20.30
N GLY D 101 -19.48 1.01 -20.67
CA GLY D 101 -20.00 2.11 -21.44
C GLY D 101 -19.45 3.42 -20.93
N VAL D 102 -19.91 4.52 -21.49
CA VAL D 102 -19.56 5.84 -21.04
C VAL D 102 -20.62 6.31 -20.07
N HIS D 103 -20.21 6.99 -19.00
CA HIS D 103 -21.15 7.43 -17.99
C HIS D 103 -20.94 8.90 -17.70
N GLU D 104 -22.05 9.62 -17.55
CA GLU D 104 -22.02 11.04 -17.26
C GLU D 104 -21.87 11.24 -15.75
N LEU D 105 -20.65 11.00 -15.28
CA LEU D 105 -20.31 11.16 -13.87
C LEU D 105 -20.28 12.63 -13.49
N SER D 106 -20.92 12.96 -12.37
CA SER D 106 -20.98 14.32 -11.84
C SER D 106 -20.59 14.28 -10.37
N ILE D 107 -19.65 15.13 -9.97
CA ILE D 107 -19.16 15.10 -8.61
C ILE D 107 -19.42 16.45 -7.96
N GLU D 108 -19.49 16.45 -6.63
CA GLU D 108 -19.52 17.69 -5.87
C GLU D 108 -18.51 17.58 -4.75
N LEU D 109 -17.27 17.97 -5.04
CA LEU D 109 -16.19 17.91 -4.06
C LEU D 109 -16.27 19.10 -3.12
N ARG D 110 -16.12 18.85 -1.82
CA ARG D 110 -16.13 19.91 -0.83
C ARG D 110 -14.84 19.82 -0.03
N LEU D 111 -14.16 20.98 0.12
CA LEU D 111 -12.90 21.11 0.82
C LEU D 111 -12.94 22.33 1.74
N ARG D 112 -12.30 22.24 2.89
CA ARG D 112 -12.29 23.31 3.89
C ARG D 112 -10.97 24.06 3.85
N MET D 113 -11.05 25.37 3.60
CA MET D 113 -9.89 26.25 3.57
C MET D 113 -10.00 27.19 4.75
N SER D 114 -9.17 26.96 5.77
CA SER D 114 -9.25 27.77 6.98
C SER D 114 -8.91 29.23 6.72
N TYR D 115 -8.24 29.55 5.61
CA TYR D 115 -7.90 30.94 5.32
C TYR D 115 -8.99 31.64 4.53
N ILE D 116 -10.07 30.95 4.17
CA ILE D 116 -11.21 31.63 3.56
C ILE D 116 -12.26 31.90 4.64
N PRO D 117 -12.94 33.07 4.60
CA PRO D 117 -14.01 33.33 5.57
C PRO D 117 -15.13 32.30 5.46
N GLN D 118 -15.70 31.97 6.61
CA GLN D 118 -16.59 30.81 6.72
C GLN D 118 -17.89 31.00 5.93
N GLU D 119 -18.35 32.25 5.76
CA GLU D 119 -19.50 32.53 4.91
C GLU D 119 -19.21 32.28 3.43
N HIS D 120 -17.97 31.95 3.08
CA HIS D 120 -17.60 31.57 1.72
C HIS D 120 -17.09 30.12 1.67
N GLN D 121 -17.49 29.30 2.63
CA GLN D 121 -16.95 27.96 2.82
C GLN D 121 -18.07 26.99 3.14
N PRO D 122 -17.90 25.70 2.80
CA PRO D 122 -16.71 25.10 2.17
C PRO D 122 -16.46 25.51 0.73
N SER D 123 -15.21 25.37 0.27
CA SER D 123 -14.92 25.45 -1.16
C SER D 123 -15.54 24.26 -1.87
N THR D 124 -16.17 24.52 -3.01
CA THR D 124 -16.94 23.48 -3.69
C THR D 124 -16.56 23.41 -5.17
N TYR D 125 -16.49 22.19 -5.69
CA TYR D 125 -16.15 21.91 -7.08
C TYR D 125 -17.21 20.98 -7.64
N ARG D 126 -17.94 21.44 -8.66
CA ARG D 126 -18.93 20.62 -9.35
C ARG D 126 -18.45 20.48 -10.78
N VAL D 127 -17.99 19.30 -11.13
CA VAL D 127 -17.68 19.01 -12.52
C VAL D 127 -18.39 17.73 -12.92
N THR D 128 -18.69 17.65 -14.21
CA THR D 128 -19.32 16.53 -14.87
C THR D 128 -18.38 16.07 -15.97
N LYS D 129 -18.23 14.78 -16.13
CA LYS D 129 -17.45 14.27 -17.25
C LYS D 129 -18.04 12.95 -17.71
N HIS D 130 -17.94 12.70 -19.01
CA HIS D 130 -18.23 11.39 -19.58
C HIS D 130 -16.96 10.55 -19.56
N VAL D 131 -16.90 9.57 -18.65
CA VAL D 131 -15.78 8.67 -18.50
C VAL D 131 -16.21 7.26 -18.88
N THR D 132 -15.27 6.50 -19.43
CA THR D 132 -15.48 5.12 -19.87
C THR D 132 -15.06 4.17 -18.75
N LEU D 133 -15.87 3.18 -18.48
CA LEU D 133 -15.57 2.25 -17.42
C LEU D 133 -14.60 1.22 -17.94
N ALA D 134 -13.63 0.83 -17.12
CA ALA D 134 -12.76 -0.26 -17.53
C ALA D 134 -13.65 -1.44 -17.96
N PRO D 135 -13.37 -2.05 -19.11
CA PRO D 135 -14.32 -3.01 -19.69
C PRO D 135 -14.52 -4.26 -18.83
N GLU D 136 -15.78 -4.58 -18.57
CA GLU D 136 -16.12 -5.85 -17.95
C GLU D 136 -16.27 -6.97 -18.97
N ALA D 137 -16.58 -6.64 -20.22
CA ALA D 137 -16.70 -7.63 -21.28
C ALA D 137 -15.38 -8.38 -21.50
N SER D 138 -15.50 -9.59 -22.08
CA SER D 138 -14.33 -10.42 -22.31
C SER D 138 -13.53 -10.00 -23.53
N GLY D 139 -14.12 -10.11 -24.73
CA GLY D 139 -13.44 -9.82 -25.97
C GLY D 139 -12.82 -11.04 -26.63
N ALA D 140 -12.96 -12.21 -26.03
CA ALA D 140 -12.49 -13.44 -26.65
C ALA D 140 -13.06 -13.52 -28.07
N PRO D 141 -12.33 -14.07 -29.02
CA PRO D 141 -11.02 -14.73 -28.91
C PRO D 141 -9.79 -13.83 -29.04
N PHE D 142 -10.02 -12.53 -29.25
CA PHE D 142 -8.92 -11.62 -29.60
C PHE D 142 -8.08 -11.29 -28.37
N ARG D 143 -6.97 -10.62 -28.61
CA ARG D 143 -6.13 -10.05 -27.55
C ARG D 143 -6.07 -8.55 -27.71
N TYR D 144 -5.84 -7.84 -26.62
CA TYR D 144 -6.07 -6.40 -26.59
C TYR D 144 -4.80 -5.67 -26.21
N GLY D 145 -4.45 -4.65 -27.01
CA GLY D 145 -3.31 -3.81 -26.73
C GLY D 145 -3.61 -2.38 -27.09
N VAL D 146 -2.65 -1.52 -26.77
CA VAL D 146 -2.63 -0.12 -27.15
C VAL D 146 -1.26 0.18 -27.76
N SER D 147 -1.24 0.89 -28.86
CA SER D 147 0.01 1.46 -29.32
C SER D 147 0.20 2.83 -28.70
N LEU D 148 1.44 3.15 -28.36
CA LEU D 148 1.69 4.50 -27.88
C LEU D 148 1.43 5.54 -28.97
N TYR D 149 1.43 5.16 -30.26
CA TYR D 149 0.91 6.04 -31.30
C TYR D 149 -0.43 6.69 -30.92
N SER D 150 -1.27 5.98 -30.17
CA SER D 150 -2.55 6.55 -29.80
C SER D 150 -2.39 7.83 -29.01
N TYR D 151 -1.27 7.95 -28.33
CA TYR D 151 -1.03 9.11 -27.44
C TYR D 151 -0.10 10.14 -28.09
N MET D 152 -0.01 10.13 -29.42
CA MET D 152 0.80 11.15 -30.15
C MET D 152 0.37 12.56 -29.74
N SER D 153 1.34 13.46 -29.56
CA SER D 153 1.11 14.87 -29.15
C SER D 153 0.95 14.95 -27.62
N ASP D 154 0.16 14.07 -27.01
CA ASP D 154 0.08 14.02 -25.53
C ASP D 154 1.40 13.44 -25.01
N TYR D 155 1.90 12.40 -25.66
CA TYR D 155 3.18 11.83 -25.27
C TYR D 155 4.29 12.86 -25.42
N GLY D 156 4.86 13.26 -24.29
CA GLY D 156 5.92 14.22 -24.28
C GLY D 156 5.49 15.60 -23.87
N THR D 157 4.18 15.86 -23.84
CA THR D 157 3.66 17.15 -23.39
C THR D 157 2.79 17.02 -22.16
N VAL D 158 1.94 15.99 -22.10
CA VAL D 158 1.10 15.72 -20.95
C VAL D 158 1.22 14.30 -20.42
N MET D 159 2.07 13.46 -21.01
CA MET D 159 2.10 12.07 -20.60
C MET D 159 3.48 11.48 -20.86
N ASP D 160 3.94 10.69 -19.90
CA ASP D 160 5.20 9.98 -20.03
C ASP D 160 4.94 8.48 -20.13
N LEU D 161 6.02 7.69 -20.08
CA LEU D 161 5.90 6.26 -20.34
C LEU D 161 5.04 5.58 -19.29
N GLU D 162 5.32 5.83 -18.01
CA GLU D 162 4.56 5.16 -16.96
C GLU D 162 3.10 5.58 -16.96
N THR D 163 2.83 6.87 -17.17
CA THR D 163 1.44 7.30 -17.26
C THR D 163 0.73 6.58 -18.41
N ALA D 164 1.42 6.42 -19.54
CA ALA D 164 0.89 5.64 -20.64
C ALA D 164 0.57 4.21 -20.22
N MET D 165 1.53 3.53 -19.59
CA MET D 165 1.34 2.13 -19.26
C MET D 165 0.25 1.95 -18.20
N ALA D 166 0.19 2.83 -17.20
CA ALA D 166 -0.93 2.77 -16.25
C ALA D 166 -2.28 2.81 -16.98
N SER D 167 -2.39 3.63 -18.02
CA SER D 167 -3.65 3.75 -18.74
C SER D 167 -3.97 2.51 -19.55
N ILE D 168 -2.96 1.85 -20.09
CA ILE D 168 -3.17 0.65 -20.90
C ILE D 168 -3.65 -0.49 -20.01
N ALA D 169 -2.94 -0.74 -18.91
CA ALA D 169 -3.29 -1.84 -18.02
C ALA D 169 -4.72 -1.68 -17.47
N ASP D 170 -5.06 -0.46 -17.01
CA ASP D 170 -6.38 -0.18 -16.44
C ASP D 170 -7.51 -0.55 -17.39
N LEU D 171 -7.20 -0.65 -18.68
CA LEU D 171 -8.15 -1.02 -19.73
C LEU D 171 -8.30 -2.52 -19.89
N GLY D 172 -7.69 -3.31 -19.02
CA GLY D 172 -7.61 -4.73 -19.26
C GLY D 172 -6.67 -5.13 -20.37
N ALA D 173 -6.10 -4.18 -21.11
CA ALA D 173 -5.19 -4.56 -22.17
C ALA D 173 -3.93 -5.19 -21.58
N THR D 174 -3.23 -5.95 -22.43
CA THR D 174 -2.05 -6.68 -22.04
C THR D 174 -0.88 -6.43 -22.96
N GLY D 175 -1.11 -5.84 -24.14
CA GLY D 175 -0.05 -5.61 -25.11
C GLY D 175 0.24 -4.11 -25.16
N ILE D 176 1.52 -3.77 -25.35
CA ILE D 176 1.90 -2.39 -25.60
C ILE D 176 2.74 -2.37 -26.88
N GLU D 177 2.29 -1.61 -27.86
CA GLU D 177 3.04 -1.45 -29.09
C GLU D 177 3.67 -0.06 -29.05
N ILE D 178 4.84 0.08 -29.67
CA ILE D 178 5.54 1.37 -29.68
C ILE D 178 6.14 1.61 -31.07
N LEU D 179 6.64 2.83 -31.26
CA LEU D 179 7.47 3.17 -32.41
C LEU D 179 8.86 3.42 -31.85
N GLY D 180 9.85 2.66 -32.34
CA GLY D 180 11.18 2.74 -31.75
C GLY D 180 11.76 4.15 -31.81
N GLU D 181 11.56 4.85 -32.92
CA GLU D 181 12.04 6.22 -33.11
C GLU D 181 11.15 7.26 -32.46
N ALA D 182 10.07 6.85 -31.80
CA ALA D 182 9.31 7.75 -30.97
C ALA D 182 9.54 7.54 -29.49
N HIS D 183 9.53 6.31 -29.00
CA HIS D 183 9.37 6.07 -27.57
C HIS D 183 10.60 5.51 -26.89
N VAL D 184 11.68 5.28 -27.61
CA VAL D 184 12.94 4.81 -27.04
C VAL D 184 13.87 6.01 -26.84
N PRO D 185 13.96 6.60 -25.66
CA PRO D 185 14.84 7.77 -25.48
C PRO D 185 16.26 7.46 -25.90
N ASN D 186 16.89 8.43 -26.59
CA ASN D 186 18.26 8.29 -27.08
C ASN D 186 18.37 7.21 -28.14
N TYR D 187 17.27 6.90 -28.83
CA TYR D 187 17.30 5.99 -29.95
C TYR D 187 18.49 6.35 -30.83
N PRO D 188 19.27 5.37 -31.30
CA PRO D 188 18.93 3.95 -31.08
C PRO D 188 19.58 3.35 -29.84
N ASN D 189 20.11 4.19 -28.94
CA ASN D 189 20.96 3.72 -27.83
C ASN D 189 20.28 4.00 -26.49
N PRO D 190 19.22 3.27 -26.15
CA PRO D 190 18.64 3.44 -24.82
C PRO D 190 19.68 3.09 -23.78
N SER D 191 19.71 3.86 -22.70
CA SER D 191 20.62 3.54 -21.63
C SER D 191 20.18 2.26 -20.93
N ASP D 192 21.11 1.64 -20.21
CA ASP D 192 20.77 0.48 -19.41
C ASP D 192 19.79 0.84 -18.30
N GLU D 193 19.84 2.07 -17.82
CA GLU D 193 18.90 2.45 -16.78
C GLU D 193 17.49 2.61 -17.33
N TRP D 194 17.35 3.07 -18.57
CA TRP D 194 16.01 3.13 -19.14
C TRP D 194 15.51 1.73 -19.54
N VAL D 195 16.41 0.86 -19.97
CA VAL D 195 16.02 -0.48 -20.38
C VAL D 195 15.58 -1.29 -19.17
N GLU D 196 16.24 -1.09 -18.02
CA GLU D 196 15.84 -1.72 -16.78
C GLU D 196 14.49 -1.19 -16.30
N GLN D 197 14.28 0.11 -16.43
CA GLN D 197 12.98 0.67 -16.03
C GLN D 197 11.88 0.22 -16.99
N TRP D 198 12.22 0.01 -18.26
CA TRP D 198 11.23 -0.53 -19.19
C TRP D 198 10.70 -1.86 -18.70
N PHE D 199 11.61 -2.79 -18.38
CA PHE D 199 11.17 -4.11 -17.97
C PHE D 199 10.53 -4.10 -16.60
N ALA D 200 10.97 -3.21 -15.71
CA ALA D 200 10.29 -3.07 -14.42
C ALA D 200 8.87 -2.59 -14.61
N LEU D 201 8.66 -1.64 -15.52
CA LEU D 201 7.34 -1.07 -15.72
C LEU D 201 6.38 -2.08 -16.36
N LEU D 202 6.86 -2.87 -17.33
CA LEU D 202 6.03 -3.91 -17.90
C LEU D 202 5.56 -4.91 -16.85
N SER D 203 6.46 -5.30 -15.93
CA SER D 203 6.11 -6.20 -14.85
C SER D 203 5.09 -5.56 -13.93
N THR D 204 5.31 -4.29 -13.57
CA THR D 204 4.43 -3.59 -12.66
C THR D 204 3.03 -3.47 -13.23
N TYR D 205 2.90 -3.07 -14.49
CA TYR D 205 1.59 -2.87 -15.07
C TYR D 205 1.11 -4.10 -15.83
N GLY D 206 1.86 -5.20 -15.77
CA GLY D 206 1.37 -6.45 -16.33
C GLY D 206 1.14 -6.41 -17.82
N LEU D 207 2.02 -5.70 -18.55
CA LEU D 207 1.95 -5.62 -20.01
C LEU D 207 3.07 -6.43 -20.64
N GLU D 208 2.88 -6.78 -21.92
CA GLU D 208 3.92 -7.49 -22.70
C GLU D 208 4.22 -6.69 -23.96
N PRO D 209 5.49 -6.58 -24.39
CA PRO D 209 5.80 -5.92 -25.65
C PRO D 209 5.23 -6.69 -26.85
N THR D 210 4.51 -6.00 -27.74
CA THR D 210 3.91 -6.64 -28.95
C THR D 210 4.66 -6.33 -30.25
N ASN D 211 4.36 -5.19 -30.86
CA ASN D 211 5.04 -4.78 -32.11
C ASN D 211 5.77 -3.45 -31.92
N MET D 212 6.92 -3.32 -32.56
CA MET D 212 7.63 -2.05 -32.59
C MET D 212 7.76 -1.61 -34.05
N GLY D 213 7.05 -0.54 -34.39
CA GLY D 213 7.22 0.06 -35.70
C GLY D 213 8.63 0.59 -35.90
N SER D 214 9.12 0.46 -37.12
CA SER D 214 10.41 1.00 -37.50
C SER D 214 10.24 1.60 -38.89
N TRP D 215 11.32 2.18 -39.42
CA TRP D 215 11.28 2.85 -40.72
C TRP D 215 12.49 2.45 -41.55
N ILE D 216 12.26 2.39 -42.87
CA ILE D 216 13.32 2.30 -43.87
C ILE D 216 13.23 3.61 -44.64
N ASP D 217 13.99 4.61 -44.18
CA ASP D 217 13.89 5.97 -44.68
C ASP D 217 14.67 6.11 -46.00
N THR D 218 14.06 5.59 -47.07
CA THR D 218 14.72 5.60 -48.38
C THR D 218 15.16 7.01 -48.80
N ARG D 219 14.45 8.04 -48.37
CA ARG D 219 14.76 9.40 -48.77
C ARG D 219 15.73 10.07 -47.79
N LEU D 220 16.48 9.27 -47.05
CA LEU D 220 17.39 9.76 -46.01
C LEU D 220 18.24 10.92 -46.49
N HIS D 221 18.94 10.73 -47.62
CA HIS D 221 19.80 11.76 -48.18
C HIS D 221 19.34 12.17 -49.58
N SER D 222 18.07 12.54 -49.71
CA SER D 222 17.51 12.89 -51.01
C SER D 222 17.69 14.35 -51.36
N SER D 223 17.87 15.22 -50.37
CA SER D 223 17.97 16.66 -50.55
C SER D 223 19.42 17.09 -50.71
N GLY D 224 19.61 18.29 -51.26
CA GLY D 224 20.93 18.90 -51.32
C GLY D 224 21.78 18.52 -52.53
N PRO D 225 22.95 19.13 -52.65
CA PRO D 225 23.78 18.90 -53.85
C PRO D 225 24.39 17.51 -53.89
N ASN D 226 24.64 16.90 -52.75
CA ASN D 226 25.24 15.58 -52.70
C ASN D 226 24.18 14.50 -52.47
N GLY D 227 23.03 14.62 -53.12
CA GLY D 227 21.95 13.68 -52.88
C GLY D 227 22.27 12.31 -53.44
N ARG D 228 21.77 11.29 -52.74
CA ARG D 228 21.98 9.89 -53.08
C ARG D 228 20.80 9.09 -52.58
N ASP D 229 20.62 7.91 -53.17
CA ASP D 229 19.57 7.01 -52.76
C ASP D 229 20.10 6.07 -51.68
N MET D 230 19.17 5.40 -51.00
CA MET D 230 19.48 4.39 -49.99
C MET D 230 19.86 3.07 -50.65
N THR D 231 21.05 2.54 -50.36
CA THR D 231 21.45 1.26 -50.92
C THR D 231 20.81 0.09 -50.16
N VAL D 232 20.78 -1.07 -50.80
CA VAL D 232 20.22 -2.27 -50.17
C VAL D 232 20.97 -2.61 -48.88
N GLU D 233 22.30 -2.50 -48.91
CA GLU D 233 23.07 -2.79 -47.71
C GLU D 233 22.77 -1.81 -46.59
N GLU D 234 22.40 -0.56 -46.92
CA GLU D 234 22.08 0.42 -45.89
C GLU D 234 20.69 0.19 -45.31
N GLY D 235 19.69 -0.07 -46.15
CA GLY D 235 18.36 -0.32 -45.63
C GLY D 235 18.29 -1.57 -44.77
N ALA D 236 19.02 -2.60 -45.15
CA ALA D 236 19.02 -3.83 -44.35
C ALA D 236 19.74 -3.63 -43.02
N ALA D 237 20.76 -2.78 -42.97
CA ALA D 237 21.43 -2.54 -41.70
C ALA D 237 20.53 -1.80 -40.74
N ALA D 238 19.67 -0.91 -41.26
CA ALA D 238 18.65 -0.26 -40.44
C ALA D 238 17.68 -1.27 -39.84
N LEU D 239 17.04 -2.06 -40.71
CA LEU D 239 16.13 -3.11 -40.25
C LEU D 239 16.81 -4.05 -39.28
N GLN D 240 18.03 -4.50 -39.61
CA GLN D 240 18.76 -5.36 -38.68
C GLN D 240 18.91 -4.68 -37.33
N ARG D 241 19.17 -3.37 -37.34
CA ARG D 241 19.38 -2.61 -36.10
C ARG D 241 18.10 -2.50 -35.30
N ASP D 242 16.97 -2.27 -35.98
CA ASP D 242 15.72 -2.19 -35.25
C ASP D 242 15.21 -3.56 -34.82
N LEU D 243 15.54 -4.61 -35.57
CA LEU D 243 15.19 -5.96 -35.12
C LEU D 243 15.92 -6.30 -33.83
N ARG D 244 17.21 -5.99 -33.75
CA ARG D 244 17.96 -6.17 -32.51
C ARG D 244 17.35 -5.35 -31.38
N LEU D 245 17.03 -4.08 -31.64
CA LEU D 245 16.46 -3.27 -30.58
C LEU D 245 15.13 -3.85 -30.13
N ALA D 246 14.29 -4.24 -31.10
CA ALA D 246 13.03 -4.91 -30.80
C ALA D 246 13.23 -6.12 -29.91
N LYS D 247 14.20 -6.97 -30.24
CA LYS D 247 14.48 -8.15 -29.43
C LYS D 247 14.96 -7.78 -28.04
N ARG D 248 15.92 -6.86 -27.95
CA ARG D 248 16.40 -6.40 -26.65
C ARG D 248 15.28 -5.90 -25.76
N LEU D 249 14.26 -5.26 -26.35
CA LEU D 249 13.18 -4.71 -25.54
C LEU D 249 12.01 -5.67 -25.37
N GLY D 250 12.10 -6.89 -25.91
CA GLY D 250 11.08 -7.94 -25.70
C GLY D 250 9.98 -8.06 -26.75
N PHE D 251 9.96 -7.20 -27.76
CA PHE D 251 8.94 -7.26 -28.80
C PHE D 251 9.09 -8.54 -29.62
N ARG D 252 7.96 -9.05 -30.13
CA ARG D 252 7.99 -10.20 -31.04
C ARG D 252 7.65 -9.81 -32.47
N PHE D 253 7.38 -8.54 -32.73
CA PHE D 253 7.08 -8.05 -34.06
C PHE D 253 7.88 -6.78 -34.35
N VAL D 254 8.22 -6.58 -35.61
CA VAL D 254 8.73 -5.30 -36.12
C VAL D 254 7.98 -4.97 -37.41
N ARG D 255 7.42 -3.75 -37.48
CA ARG D 255 6.73 -3.19 -38.63
C ARG D 255 7.64 -2.20 -39.36
N PRO D 256 8.45 -2.63 -40.30
CA PRO D 256 9.23 -1.67 -41.07
C PRO D 256 8.38 -0.92 -42.08
N LYS D 257 8.21 0.39 -41.85
CA LYS D 257 7.55 1.28 -42.80
C LYS D 257 8.60 1.74 -43.81
N ILE D 258 8.50 1.27 -45.06
CA ILE D 258 9.47 1.54 -46.13
C ILE D 258 9.02 2.77 -46.94
N GLY D 259 9.98 3.54 -47.42
CA GLY D 259 9.66 4.62 -48.33
C GLY D 259 8.94 4.11 -49.57
N VAL D 260 8.23 5.02 -50.23
CA VAL D 260 7.38 4.69 -51.37
C VAL D 260 7.87 5.43 -52.62
N VAL D 261 7.36 5.01 -53.79
CA VAL D 261 7.70 5.65 -55.06
C VAL D 261 6.45 5.86 -55.94
N SER D 262 5.28 5.48 -55.43
CA SER D 262 4.02 5.62 -56.15
C SER D 262 2.95 6.18 -55.21
N SER D 263 1.89 6.76 -55.81
CA SER D 263 0.84 7.36 -55.01
C SER D 263 0.02 6.32 -54.25
N ASP D 264 0.08 5.05 -54.64
CA ASP D 264 -0.57 3.96 -53.91
C ASP D 264 0.42 3.16 -53.07
N LEU D 265 1.45 3.84 -52.53
CA LEU D 265 2.31 3.33 -51.46
C LEU D 265 3.08 2.07 -51.87
N ILE D 266 3.52 2.03 -53.11
CA ILE D 266 4.34 0.90 -53.58
C ILE D 266 5.75 1.05 -53.01
N PRO D 267 6.30 0.02 -52.35
CA PRO D 267 7.60 0.17 -51.68
C PRO D 267 8.74 0.36 -52.66
N HIS D 268 9.74 1.12 -52.22
CA HIS D 268 10.96 1.31 -52.99
C HIS D 268 11.53 -0.05 -53.41
N PRO D 269 12.14 -0.15 -54.60
CA PRO D 269 12.60 -1.46 -55.09
C PRO D 269 13.55 -2.18 -54.17
N ILE D 270 14.26 -1.48 -53.29
CA ILE D 270 15.18 -2.17 -52.40
C ILE D 270 14.45 -3.05 -51.40
N TRP D 271 13.15 -2.83 -51.20
CA TRP D 271 12.47 -3.44 -50.06
C TRP D 271 12.63 -4.96 -50.06
N THR D 272 12.87 -5.57 -51.22
CA THR D 272 12.84 -7.03 -51.26
C THR D 272 14.17 -7.66 -50.83
N GLU D 273 15.31 -7.19 -51.31
CA GLU D 273 16.55 -7.75 -50.80
C GLU D 273 16.82 -7.28 -49.37
N VAL D 274 16.31 -6.10 -49.02
CA VAL D 274 16.48 -5.61 -47.66
C VAL D 274 15.86 -6.58 -46.66
N VAL D 275 14.66 -7.06 -46.97
CA VAL D 275 13.97 -8.03 -46.10
C VAL D 275 14.67 -9.38 -46.16
N GLU D 276 14.98 -9.85 -47.38
CA GLU D 276 15.70 -11.12 -47.52
C GLU D 276 17.04 -11.07 -46.81
N ALA D 277 17.73 -9.93 -46.87
CA ALA D 277 18.96 -9.79 -46.10
C ALA D 277 18.70 -9.91 -44.62
N SER D 278 17.47 -9.63 -44.18
CA SER D 278 17.12 -9.54 -42.77
C SER D 278 16.43 -10.77 -42.21
N LEU D 279 15.92 -11.66 -43.06
CA LEU D 279 15.24 -12.85 -42.56
C LEU D 279 16.10 -13.75 -41.67
N PRO D 280 17.36 -14.05 -41.99
CA PRO D 280 18.17 -14.88 -41.06
C PRO D 280 18.22 -14.34 -39.62
N LEU D 281 18.46 -13.05 -39.44
CA LEU D 281 18.58 -12.50 -38.09
C LEU D 281 17.23 -12.48 -37.39
N ALA D 282 16.16 -12.16 -38.11
CA ALA D 282 14.84 -12.20 -37.50
C ALA D 282 14.51 -13.60 -37.02
N GLU D 283 14.96 -14.61 -37.78
CA GLU D 283 14.78 -16.00 -37.34
C GLU D 283 15.63 -16.29 -36.10
N GLU D 284 16.89 -15.85 -36.13
CA GLU D 284 17.75 -15.99 -34.95
C GLU D 284 17.09 -15.36 -33.73
N LEU D 285 16.48 -14.19 -33.89
CA LEU D 285 15.98 -13.42 -32.76
C LEU D 285 14.56 -13.81 -32.36
N ASP D 286 13.87 -14.64 -33.15
CA ASP D 286 12.47 -14.98 -32.89
C ASP D 286 11.58 -13.74 -32.97
N VAL D 287 11.89 -12.85 -33.91
CA VAL D 287 11.11 -11.65 -34.16
C VAL D 287 10.55 -11.70 -35.58
N ILE D 288 9.28 -11.32 -35.73
CA ILE D 288 8.60 -11.40 -37.02
C ILE D 288 8.58 -10.03 -37.68
N ILE D 289 9.10 -9.95 -38.90
CA ILE D 289 8.97 -8.76 -39.75
C ILE D 289 7.57 -8.74 -40.37
N CYS D 290 6.80 -7.70 -40.06
CA CYS D 290 5.42 -7.56 -40.58
C CYS D 290 5.13 -6.15 -41.11
N PRO D 291 5.26 -5.92 -42.42
CA PRO D 291 4.84 -4.63 -42.98
C PRO D 291 3.35 -4.41 -42.85
N GLU D 292 2.95 -3.15 -42.86
CA GLU D 292 1.59 -2.75 -42.54
C GLU D 292 0.83 -2.44 -43.83
N ILE D 293 -0.31 -3.11 -44.01
CA ILE D 293 -1.25 -2.79 -45.08
C ILE D 293 -2.14 -1.68 -44.55
N HIS D 294 -2.00 -0.48 -45.10
CA HIS D 294 -2.83 0.63 -44.63
C HIS D 294 -3.26 1.50 -45.80
N SER D 295 -4.42 2.13 -45.62
CA SER D 295 -5.07 3.04 -46.55
C SER D 295 -4.02 3.94 -47.19
N PRO D 296 -4.04 4.11 -48.53
CA PRO D 296 -5.09 3.60 -49.41
C PRO D 296 -4.77 2.24 -50.04
N THR D 297 -3.83 1.46 -49.50
CA THR D 297 -3.59 0.14 -50.07
C THR D 297 -4.62 -0.85 -49.54
N PRO D 298 -5.35 -1.53 -50.41
CA PRO D 298 -6.32 -2.54 -49.96
C PRO D 298 -5.67 -3.91 -49.85
N ILE D 299 -6.39 -4.88 -49.29
CA ILE D 299 -5.85 -6.26 -49.18
C ILE D 299 -5.53 -6.80 -50.57
N LYS D 300 -6.41 -6.57 -51.56
CA LYS D 300 -6.17 -7.02 -52.95
C LYS D 300 -5.38 -6.00 -53.77
N HIS D 301 -4.09 -6.26 -53.98
CA HIS D 301 -3.16 -5.27 -54.55
C HIS D 301 -1.80 -5.94 -54.66
N GLU D 302 -1.02 -5.57 -55.66
CA GLU D 302 0.26 -6.28 -55.89
C GLU D 302 1.16 -6.19 -54.66
N VAL D 303 1.02 -5.13 -53.86
CA VAL D 303 1.90 -4.95 -52.67
C VAL D 303 1.65 -6.10 -51.70
N VAL D 304 0.39 -6.42 -51.43
CA VAL D 304 0.07 -7.58 -50.55
C VAL D 304 0.51 -8.85 -51.26
N ASP D 305 0.14 -8.96 -52.54
CA ASP D 305 0.48 -10.18 -53.31
C ASP D 305 1.99 -10.41 -53.26
N ASP D 306 2.79 -9.34 -53.33
CA ASP D 306 4.23 -9.51 -53.36
C ASP D 306 4.76 -9.93 -51.99
N TYR D 307 4.13 -9.47 -50.91
CA TYR D 307 4.49 -9.97 -49.58
C TYR D 307 4.27 -11.47 -49.50
N ILE D 308 3.04 -11.92 -49.75
CA ILE D 308 2.72 -13.35 -49.73
C ILE D 308 3.65 -14.12 -50.65
N ALA D 309 3.93 -13.57 -51.83
CA ALA D 309 4.89 -14.22 -52.73
C ALA D 309 6.25 -14.37 -52.07
N LEU D 310 6.62 -13.45 -51.17
CA LEU D 310 7.89 -13.60 -50.48
C LEU D 310 7.80 -14.69 -49.42
N ILE D 311 6.71 -14.70 -48.64
CA ILE D 311 6.50 -15.78 -47.68
C ILE D 311 6.67 -17.13 -48.35
N ARG D 312 5.96 -17.35 -49.47
CA ARG D 312 5.99 -18.65 -50.15
C ARG D 312 7.35 -18.93 -50.78
N ARG D 313 8.02 -17.91 -51.31
CA ARG D 313 9.31 -18.13 -51.95
C ARG D 313 10.36 -18.51 -50.90
N THR D 314 10.49 -17.71 -49.85
CA THR D 314 11.54 -17.94 -48.86
C THR D 314 11.22 -19.12 -47.93
N GLY D 315 9.95 -19.45 -47.77
CA GLY D 315 9.55 -20.39 -46.74
C GLY D 315 9.62 -19.88 -45.32
N THR D 316 9.80 -18.57 -45.10
CA THR D 316 10.05 -18.06 -43.76
C THR D 316 8.82 -18.19 -42.86
N LYS D 317 9.06 -18.41 -41.58
CA LYS D 317 8.03 -18.36 -40.55
C LYS D 317 8.01 -17.01 -39.85
N HIS D 318 8.92 -16.12 -40.22
CA HIS D 318 9.10 -14.81 -39.63
C HIS D 318 8.92 -13.72 -40.67
N PHE D 319 7.89 -13.82 -41.50
CA PHE D 319 7.42 -12.69 -42.28
C PHE D 319 5.93 -12.82 -42.43
N GLY D 320 5.19 -11.88 -41.88
CA GLY D 320 3.75 -11.92 -41.90
C GLY D 320 3.20 -10.63 -42.45
N LEU D 321 1.90 -10.43 -42.30
CA LEU D 321 1.26 -9.19 -42.67
C LEU D 321 0.78 -8.51 -41.41
N LEU D 322 0.98 -7.20 -41.35
CA LEU D 322 0.34 -6.37 -40.35
C LEU D 322 -0.82 -5.66 -41.03
N LEU D 323 -1.99 -5.72 -40.42
CA LEU D 323 -3.21 -5.17 -40.98
C LEU D 323 -3.62 -3.91 -40.23
N ASP D 324 -4.06 -2.90 -40.98
CA ASP D 324 -4.53 -1.63 -40.38
C ASP D 324 -6.02 -1.47 -40.64
N THR D 325 -6.83 -1.41 -39.59
CA THR D 325 -8.30 -1.36 -39.73
C THR D 325 -8.80 -0.11 -40.47
N GLY D 326 -7.91 0.80 -40.86
CA GLY D 326 -8.31 1.97 -41.66
C GLY D 326 -8.74 1.55 -43.06
N ILE D 327 -8.28 0.38 -43.48
CA ILE D 327 -8.63 -0.13 -44.84
C ILE D 327 -10.10 -0.55 -44.85
N PHE D 328 -10.72 -0.74 -43.68
CA PHE D 328 -12.14 -1.08 -43.60
C PHE D 328 -13.01 0.13 -43.34
N GLN D 329 -12.44 1.33 -43.30
CA GLN D 329 -13.24 2.52 -43.07
C GLN D 329 -14.36 2.62 -44.10
N ASP D 330 -15.56 2.95 -43.63
CA ASP D 330 -16.74 2.98 -44.49
C ASP D 330 -17.47 4.31 -44.41
N ARG D 331 -16.93 5.29 -43.70
CA ARG D 331 -17.53 6.61 -43.53
C ARG D 331 -16.40 7.63 -43.39
N PRO D 332 -16.64 8.89 -43.75
CA PRO D 332 -15.53 9.81 -43.92
C PRO D 332 -15.19 10.55 -42.64
N ILE D 333 -13.91 10.88 -42.51
CA ILE D 333 -13.52 11.80 -41.46
C ILE D 333 -14.02 13.19 -41.82
N PRO D 334 -14.67 13.92 -40.92
CA PRO D 334 -15.01 15.32 -41.21
C PRO D 334 -13.77 16.10 -41.63
N LEU D 335 -13.98 17.13 -42.44
CA LEU D 335 -12.92 18.08 -42.71
C LEU D 335 -12.70 18.96 -41.48
N LYS D 336 -11.44 19.17 -41.11
CA LYS D 336 -11.14 20.08 -40.03
C LYS D 336 -11.70 21.46 -40.37
N PRO D 337 -12.08 22.25 -39.38
CA PRO D 337 -12.55 23.61 -39.67
C PRO D 337 -11.43 24.39 -40.33
N GLY D 338 -11.79 25.17 -41.35
CA GLY D 338 -10.78 25.88 -42.11
C GLY D 338 -9.89 25.00 -42.96
N GLU D 339 -10.26 23.75 -43.19
CA GLU D 339 -9.58 22.92 -44.17
C GLU D 339 -10.20 23.16 -45.53
N LEU D 340 -9.36 23.13 -46.57
CA LEU D 340 -9.83 23.32 -47.94
C LEU D 340 -10.14 21.99 -48.58
N PRO D 341 -11.37 21.77 -49.07
CA PRO D 341 -11.72 20.47 -49.67
C PRO D 341 -10.78 20.05 -50.79
N GLY D 342 -10.23 21.00 -51.54
CA GLY D 342 -9.31 20.72 -52.61
C GLY D 342 -7.90 20.39 -52.18
N GLN D 343 -7.58 20.51 -50.89
CA GLN D 343 -6.22 20.23 -50.43
C GLN D 343 -6.11 18.96 -49.61
N ARG D 344 -7.23 18.29 -49.33
CA ARG D 344 -7.32 17.07 -48.54
C ARG D 344 -7.36 15.86 -49.45
N PRO D 345 -6.60 14.81 -49.15
CA PRO D 345 -6.51 13.66 -50.06
C PRO D 345 -7.73 12.76 -49.97
N ALA D 346 -7.87 11.89 -50.97
CA ALA D 346 -9.13 11.20 -51.20
C ALA D 346 -9.39 10.08 -50.19
N PHE D 347 -8.37 9.28 -49.87
CA PHE D 347 -8.55 8.14 -48.97
C PHE D 347 -8.98 8.56 -47.57
N LEU D 348 -9.02 9.84 -47.27
CA LEU D 348 -9.58 10.32 -46.02
C LEU D 348 -11.08 10.12 -45.95
N ASP D 349 -11.71 9.60 -47.00
CA ASP D 349 -13.13 9.26 -46.97
C ASP D 349 -13.39 7.79 -46.70
N GLY D 350 -12.42 6.92 -47.01
CA GLY D 350 -12.53 5.50 -46.70
C GLY D 350 -12.48 4.62 -47.94
N ILE D 351 -11.46 3.77 -48.03
CA ILE D 351 -11.33 2.87 -49.18
C ILE D 351 -12.17 1.62 -49.04
N HIS D 352 -12.90 1.46 -47.93
CA HIS D 352 -14.01 0.51 -47.75
C HIS D 352 -13.68 -0.90 -48.25
N VAL D 353 -12.58 -1.47 -47.76
CA VAL D 353 -12.30 -2.86 -48.07
C VAL D 353 -13.37 -3.73 -47.40
N ASP D 354 -13.74 -4.82 -48.07
CA ASP D 354 -14.73 -5.75 -47.54
C ASP D 354 -14.09 -6.63 -46.47
N PRO D 355 -14.71 -6.78 -45.30
CA PRO D 355 -14.09 -7.57 -44.23
C PRO D 355 -13.80 -9.02 -44.59
N ASN D 356 -14.53 -9.62 -45.54
CA ASN D 356 -14.22 -10.99 -45.96
C ASN D 356 -12.99 -11.08 -46.86
N ASP D 357 -12.34 -9.95 -47.16
CA ASP D 357 -11.07 -10.04 -47.86
C ASP D 357 -10.00 -10.73 -47.03
N VAL D 358 -10.15 -10.74 -45.71
CA VAL D 358 -9.11 -11.30 -44.85
C VAL D 358 -8.92 -12.79 -45.08
N PHE D 359 -9.98 -13.51 -45.50
CA PHE D 359 -9.91 -14.98 -45.56
C PHE D 359 -8.76 -15.44 -46.44
N ASP D 360 -8.58 -14.80 -47.59
CA ASP D 360 -7.53 -15.21 -48.50
C ASP D 360 -6.15 -14.78 -48.02
N VAL D 361 -6.09 -13.88 -47.04
CA VAL D 361 -4.81 -13.43 -46.48
C VAL D 361 -4.61 -13.86 -45.03
N ILE D 362 -5.67 -14.31 -44.35
CA ILE D 362 -5.66 -14.43 -42.90
C ILE D 362 -4.60 -15.37 -42.38
N GLU D 363 -4.13 -16.30 -43.22
CA GLU D 363 -3.07 -17.21 -42.79
C GLU D 363 -1.77 -16.46 -42.47
N ASN D 364 -1.62 -15.21 -42.91
CA ASN D 364 -0.39 -14.46 -42.70
C ASN D 364 -0.60 -13.13 -42.01
N VAL D 365 -1.81 -12.87 -41.52
CA VAL D 365 -2.06 -11.68 -40.71
C VAL D 365 -1.60 -12.01 -39.29
N VAL D 366 -0.46 -11.45 -38.88
CA VAL D 366 0.12 -11.79 -37.59
C VAL D 366 -0.21 -10.77 -36.49
N PHE D 367 -0.67 -9.57 -36.87
CA PHE D 367 -0.83 -8.47 -35.93
C PHE D 367 -1.77 -7.49 -36.59
N ILE D 368 -2.65 -6.88 -35.81
CA ILE D 368 -3.61 -5.94 -36.34
C ILE D 368 -3.61 -4.69 -35.49
N GLN D 369 -3.37 -3.55 -36.13
CA GLN D 369 -3.56 -2.25 -35.49
C GLN D 369 -5.01 -1.83 -35.60
N ALA D 370 -5.66 -1.63 -34.46
CA ALA D 370 -7.05 -1.18 -34.42
C ALA D 370 -7.10 0.33 -34.61
N LYS D 371 -6.91 0.75 -35.85
CA LYS D 371 -6.99 2.17 -36.18
C LYS D 371 -8.42 2.67 -36.06
N PHE D 372 -8.58 3.90 -35.60
CA PHE D 372 -9.87 4.54 -35.47
C PHE D 372 -9.65 6.03 -35.25
N HIS D 373 -10.76 6.79 -35.23
CA HIS D 373 -10.65 8.24 -35.22
C HIS D 373 -11.57 8.90 -34.21
N ASP D 374 -12.77 8.37 -34.00
CA ASP D 374 -13.76 9.07 -33.19
C ASP D 374 -14.80 8.06 -32.70
N ILE D 375 -15.10 8.10 -31.39
CA ILE D 375 -16.13 7.28 -30.77
C ILE D 375 -16.85 8.13 -29.74
N ASP D 376 -18.19 8.20 -29.84
CA ASP D 376 -18.91 9.20 -29.06
C ASP D 376 -19.34 8.66 -27.68
N GLU D 377 -20.10 9.47 -26.94
CA GLU D 377 -20.54 9.10 -25.59
C GLU D 377 -21.39 7.84 -25.60
N GLU D 378 -21.93 7.46 -26.75
CA GLU D 378 -22.77 6.27 -26.91
C GLU D 378 -22.03 5.11 -27.54
N LEU D 379 -20.71 5.23 -27.70
CA LEU D 379 -19.88 4.14 -28.24
C LEU D 379 -20.22 3.82 -29.69
N ASP D 380 -20.47 4.85 -30.49
CA ASP D 380 -20.71 4.73 -31.92
C ASP D 380 -19.44 5.20 -32.64
N ASP D 381 -18.75 4.29 -33.29
CA ASP D 381 -17.57 4.70 -34.07
C ASP D 381 -18.09 5.56 -35.22
N LYS D 382 -17.49 6.71 -35.45
CA LYS D 382 -18.02 7.65 -36.47
C LYS D 382 -17.41 7.36 -37.85
N GLN D 383 -16.59 6.31 -38.01
CA GLN D 383 -15.90 6.09 -39.31
C GLN D 383 -15.89 4.57 -39.51
N ILE D 384 -15.31 3.80 -38.58
CA ILE D 384 -15.01 2.35 -38.83
C ILE D 384 -16.13 1.41 -38.39
N PRO D 385 -16.60 0.51 -39.27
CA PRO D 385 -17.60 -0.50 -38.86
C PRO D 385 -16.97 -1.71 -38.19
N TRP D 386 -17.02 -1.76 -36.87
CA TRP D 386 -16.31 -2.83 -36.17
C TRP D 386 -17.10 -4.14 -36.19
N GLU D 387 -18.42 -4.07 -36.11
CA GLU D 387 -19.23 -5.28 -36.10
C GLU D 387 -18.90 -6.14 -37.33
N PRO D 388 -19.09 -5.67 -38.58
CA PRO D 388 -18.65 -6.50 -39.72
C PRO D 388 -17.19 -6.90 -39.67
N VAL D 389 -16.31 -6.02 -39.15
CA VAL D 389 -14.87 -6.29 -39.19
C VAL D 389 -14.49 -7.36 -38.17
N LEU D 390 -14.95 -7.20 -36.93
CA LEU D 390 -14.65 -8.21 -35.92
C LEU D 390 -15.31 -9.55 -36.23
N LYS D 391 -16.45 -9.54 -36.93
CA LYS D 391 -17.08 -10.80 -37.31
C LYS D 391 -16.20 -11.58 -38.28
N ALA D 392 -15.72 -10.91 -39.34
CA ALA D 392 -14.91 -11.62 -40.32
C ALA D 392 -13.59 -12.08 -39.73
N LEU D 393 -13.02 -11.29 -38.81
CA LEU D 393 -11.77 -11.70 -38.17
C LEU D 393 -11.95 -12.98 -37.38
N LYS D 394 -13.05 -13.08 -36.64
CA LYS D 394 -13.41 -14.26 -35.87
C LYS D 394 -13.56 -15.48 -36.77
N ASP D 395 -14.59 -15.48 -37.66
CA ASP D 395 -14.82 -16.62 -38.53
C ASP D 395 -13.57 -17.05 -39.30
N ALA D 396 -12.63 -16.13 -39.50
CA ALA D 396 -11.39 -16.49 -40.20
C ALA D 396 -10.32 -17.06 -39.28
N GLY D 397 -10.57 -17.15 -37.97
CA GLY D 397 -9.65 -17.80 -37.05
C GLY D 397 -8.63 -16.91 -36.38
N TYR D 398 -8.60 -15.62 -36.70
CA TYR D 398 -7.59 -14.75 -36.10
C TYR D 398 -7.83 -14.62 -34.60
N THR D 399 -6.81 -14.96 -33.82
CA THR D 399 -6.86 -14.81 -32.36
C THR D 399 -5.68 -13.96 -31.86
N GLY D 400 -5.20 -13.03 -32.68
CA GLY D 400 -4.06 -12.20 -32.32
C GLY D 400 -4.48 -10.92 -31.65
N TYR D 401 -3.53 -9.97 -31.59
CA TYR D 401 -3.78 -8.70 -30.93
C TYR D 401 -4.57 -7.74 -31.81
N LEU D 402 -5.37 -6.91 -31.16
CA LEU D 402 -5.90 -5.69 -31.75
C LEU D 402 -5.31 -4.53 -30.95
N SER D 403 -4.40 -3.78 -31.57
CA SER D 403 -3.61 -2.76 -30.91
C SER D 403 -4.17 -1.38 -31.28
N SER D 404 -4.76 -0.69 -30.31
CA SER D 404 -5.38 0.61 -30.52
C SER D 404 -4.42 1.60 -31.18
N GLU D 405 -4.91 2.29 -32.23
CA GLU D 405 -4.18 3.40 -32.87
C GLU D 405 -5.15 4.58 -33.02
N TYR D 406 -5.35 5.34 -31.95
CA TYR D 406 -6.25 6.49 -32.07
C TYR D 406 -5.61 7.58 -32.94
N GLU D 407 -6.36 7.99 -33.96
CA GLU D 407 -5.82 8.95 -34.95
C GLU D 407 -6.89 9.98 -35.29
N GLY D 408 -7.52 10.53 -34.27
CA GLY D 408 -8.45 11.65 -34.49
C GLY D 408 -7.86 12.93 -33.94
N GLU D 409 -8.69 13.94 -33.78
CA GLU D 409 -8.28 15.23 -33.19
C GLU D 409 -7.30 14.99 -32.05
N ARG D 410 -6.12 15.59 -32.13
CA ARG D 410 -5.09 15.46 -31.07
C ARG D 410 -5.33 16.55 -30.02
N GLU D 411 -6.58 16.78 -29.65
CA GLU D 411 -6.84 17.71 -28.58
C GLU D 411 -6.28 17.14 -27.28
N PRO D 412 -5.54 17.93 -26.49
CA PRO D 412 -4.84 17.36 -25.33
C PRO D 412 -5.75 16.49 -24.49
N TRP D 413 -5.21 15.35 -24.07
CA TRP D 413 -5.85 14.33 -23.22
C TRP D 413 -6.96 13.55 -23.90
N ARG D 414 -7.45 14.03 -25.04
CA ARG D 414 -8.64 13.42 -25.61
C ARG D 414 -8.43 11.95 -25.97
N SER D 415 -7.20 11.58 -26.31
CA SER D 415 -6.95 10.20 -26.70
C SER D 415 -7.09 9.21 -25.54
N ILE D 416 -7.16 9.67 -24.30
CA ILE D 416 -7.33 8.71 -23.20
C ILE D 416 -8.75 8.20 -23.17
N GLU D 417 -9.74 9.10 -23.19
CA GLU D 417 -11.14 8.68 -23.28
C GLU D 417 -11.40 7.86 -24.53
N GLN D 418 -10.72 8.19 -25.62
CA GLN D 418 -11.01 7.55 -26.90
C GLN D 418 -10.50 6.12 -26.93
N VAL D 419 -9.29 5.88 -26.41
CA VAL D 419 -8.80 4.51 -26.46
C VAL D 419 -9.63 3.63 -25.53
N ARG D 420 -10.04 4.16 -24.37
CA ARG D 420 -10.94 3.41 -23.49
C ARG D 420 -12.25 3.08 -24.20
N ARG D 421 -12.84 4.08 -24.85
CA ARG D 421 -14.06 3.83 -25.62
C ARG D 421 -13.84 2.74 -26.65
N GLN D 422 -12.69 2.75 -27.33
CA GLN D 422 -12.49 1.74 -28.37
C GLN D 422 -12.40 0.35 -27.76
N HIS D 423 -11.70 0.20 -26.63
CA HIS D 423 -11.64 -1.10 -25.99
C HIS D 423 -13.00 -1.53 -25.46
N SER D 424 -13.77 -0.59 -24.90
CA SER D 424 -15.11 -0.93 -24.44
C SER D 424 -16.01 -1.38 -25.59
N LEU D 425 -16.03 -0.61 -26.68
CA LEU D 425 -16.89 -0.98 -27.82
C LEU D 425 -16.51 -2.35 -28.39
N ILE D 426 -15.23 -2.57 -28.70
CA ILE D 426 -14.84 -3.79 -29.41
C ILE D 426 -15.14 -5.03 -28.56
N ARG D 427 -14.64 -5.04 -27.32
CA ARG D 427 -14.79 -6.24 -26.50
C ARG D 427 -16.26 -6.62 -26.40
N GLN D 428 -17.14 -5.63 -26.25
CA GLN D 428 -18.58 -5.90 -26.18
C GLN D 428 -19.12 -6.49 -27.47
N ILE D 429 -18.62 -6.03 -28.62
CA ILE D 429 -19.04 -6.60 -29.89
C ILE D 429 -18.54 -8.03 -30.02
N ALA D 430 -17.27 -8.25 -29.69
CA ALA D 430 -16.76 -9.62 -29.65
C ALA D 430 -17.62 -10.49 -28.74
N ASP D 431 -18.22 -9.91 -27.71
CA ASP D 431 -19.07 -10.68 -26.81
C ASP D 431 -20.40 -11.04 -27.47
N ARG D 432 -21.06 -10.07 -28.11
CA ARG D 432 -22.32 -10.36 -28.80
C ARG D 432 -22.12 -11.28 -30.01
N LEU D 433 -20.93 -11.31 -30.60
CA LEU D 433 -20.70 -12.18 -31.75
C LEU D 433 -20.51 -13.63 -31.33
N ALA D 434 -19.90 -13.87 -30.16
CA ALA D 434 -19.69 -15.24 -29.71
C ALA D 434 -21.02 -15.95 -29.49
N GLU D 435 -22.00 -15.26 -28.93
CA GLU D 435 -23.37 -15.75 -28.72
C GLU D 435 -23.98 -16.34 -29.98
RB RB E . -3.46 -38.02 5.67
RB RB F . 4.23 0.46 35.61
RB RB G . 0.31 35.68 -2.59
RB RB H . -1.18 1.80 -38.49
#